data_4V1P
# 
_entry.id   4V1P 
# 
_audit_conform.dict_name       mmcif_pdbx.dic 
_audit_conform.dict_version    5.391 
_audit_conform.dict_location   http://mmcif.pdb.org/dictionaries/ascii/mmcif_pdbx.dic 
# 
loop_
_database_2.database_id 
_database_2.database_code 
_database_2.pdbx_database_accession 
_database_2.pdbx_DOI 
PDB   4V1P         pdb_00004v1p 10.2210/pdb4v1p/pdb 
PDBE  EBI-61876    ?            ?                   
WWPDB D_1290061876 ?            ?                   
# 
loop_
_pdbx_audit_revision_history.ordinal 
_pdbx_audit_revision_history.data_content_type 
_pdbx_audit_revision_history.major_revision 
_pdbx_audit_revision_history.minor_revision 
_pdbx_audit_revision_history.revision_date 
1 'Structure model' 1 0 2015-07-22 
2 'Structure model' 1 1 2024-05-08 
# 
_pdbx_audit_revision_details.ordinal             1 
_pdbx_audit_revision_details.revision_ordinal    1 
_pdbx_audit_revision_details.data_content_type   'Structure model' 
_pdbx_audit_revision_details.provider            repository 
_pdbx_audit_revision_details.type                'Initial release' 
_pdbx_audit_revision_details.description         ? 
_pdbx_audit_revision_details.details             ? 
# 
loop_
_pdbx_audit_revision_group.ordinal 
_pdbx_audit_revision_group.revision_ordinal 
_pdbx_audit_revision_group.data_content_type 
_pdbx_audit_revision_group.group 
1 2 'Structure model' 'Data collection'     
2 2 'Structure model' 'Database references' 
3 2 'Structure model' Other                 
# 
loop_
_pdbx_audit_revision_category.ordinal 
_pdbx_audit_revision_category.revision_ordinal 
_pdbx_audit_revision_category.data_content_type 
_pdbx_audit_revision_category.category 
1 2 'Structure model' chem_comp_atom       
2 2 'Structure model' chem_comp_bond       
3 2 'Structure model' database_2           
4 2 'Structure model' pdbx_database_status 
# 
loop_
_pdbx_audit_revision_item.ordinal 
_pdbx_audit_revision_item.revision_ordinal 
_pdbx_audit_revision_item.data_content_type 
_pdbx_audit_revision_item.item 
1 2 'Structure model' '_database_2.pdbx_DOI'                 
2 2 'Structure model' '_database_2.pdbx_database_accession'  
3 2 'Structure model' '_pdbx_database_status.status_code_sf' 
# 
_pdbx_database_status.status_code                     REL 
_pdbx_database_status.entry_id                        4V1P 
_pdbx_database_status.deposit_site                    PDBE 
_pdbx_database_status.process_site                    PDBE 
_pdbx_database_status.SG_entry                        . 
_pdbx_database_status.recvd_initial_deposition_date   2014-09-30 
_pdbx_database_status.pdb_format_compatible           Y 
_pdbx_database_status.status_code_sf                  REL 
_pdbx_database_status.status_code_mr                  ? 
_pdbx_database_status.status_code_cs                  ? 
_pdbx_database_status.methods_development_category    ? 
_pdbx_database_status.status_code_nmr_data            ? 
# 
_audit_author.name           'James, L.C.' 
_audit_author.pdbx_ordinal   1 
# 
_citation.id                        primary 
_citation.title                     
;Activation of Human Gammadelta T Cells by Cytosolic Interactions of Btn3A1 with Soluble Phosphoantigens and the Cytoskeletal Adaptor Periplakin.
;
_citation.journal_abbrev            J.Immunol. 
_citation.journal_volume            194 
_citation.page_first                2390 
_citation.page_last                 ? 
_citation.year                      2015 
_citation.journal_id_ASTM           JOIMA3 
_citation.country                   US 
_citation.journal_id_ISSN           0022-1767 
_citation.journal_id_CSD            0952 
_citation.book_publisher            ? 
_citation.pdbx_database_id_PubMed   25637025 
_citation.pdbx_database_id_DOI      10.4049/JIMMUNOL.1401064 
# 
loop_
_citation_author.citation_id 
_citation_author.name 
_citation_author.ordinal 
_citation_author.identifier_ORCID 
primary 'Rhodes, D.A.'  1 ? 
primary 'Chen, H.'      2 ? 
primary 'Price, A.J.'   3 ? 
primary 'Keeble, A.H.'  4 ? 
primary 'Davey, M.S.'   5 ? 
primary 'James, L.C.'   6 ? 
primary 'Eberl, M.'     7 ? 
primary 'Trowsdale, J.' 8 ? 
# 
loop_
_entity.id 
_entity.type 
_entity.src_method 
_entity.pdbx_description 
_entity.formula_weight 
_entity.pdbx_number_of_molecules 
_entity.pdbx_ec 
_entity.pdbx_mutation 
_entity.pdbx_fragment 
_entity.details 
1 polymer nat 'BUTYROPHILIN SUBFAMILY 3 MEMBER A1' 21699.689 1   ? ? 'RESIDUES 325-512' ? 
2 water   nat water                                18.015    119 ? ? ?                  ? 
# 
_entity_name_com.entity_id   1 
_entity_name_com.name        BUTYROPHILIN 
# 
_entity_poly.entity_id                      1 
_entity_poly.type                           'polypeptide(L)' 
_entity_poly.nstd_linkage                   no 
_entity_poly.nstd_monomer                   no 
_entity_poly.pdbx_seq_one_letter_code       
;RHSAYNEWKKALFKPADVILDPKTANPILLVSEDQRSVQRAKEPQDLPDNPERFNWHYCVLGCESFISGRHYWEVEVGDR
KEWHIGVCSKNVQRKGWVKMTPENGFWTMGLTDGNKYRTLTEPRTNLKLPKPPKKVGVFLDYETGDISFYNAVDGSHIHT
FLDVSFSEALYPVFRILTLEPTALSICP
;
_entity_poly.pdbx_seq_one_letter_code_can   
;RHSAYNEWKKALFKPADVILDPKTANPILLVSEDQRSVQRAKEPQDLPDNPERFNWHYCVLGCESFISGRHYWEVEVGDR
KEWHIGVCSKNVQRKGWVKMTPENGFWTMGLTDGNKYRTLTEPRTNLKLPKPPKKVGVFLDYETGDISFYNAVDGSHIHT
FLDVSFSEALYPVFRILTLEPTALSICP
;
_entity_poly.pdbx_strand_id                 A 
_entity_poly.pdbx_target_identifier         ? 
# 
_pdbx_entity_nonpoly.entity_id   2 
_pdbx_entity_nonpoly.name        water 
_pdbx_entity_nonpoly.comp_id     HOH 
# 
loop_
_entity_poly_seq.entity_id 
_entity_poly_seq.num 
_entity_poly_seq.mon_id 
_entity_poly_seq.hetero 
1 1   ARG n 
1 2   HIS n 
1 3   SER n 
1 4   ALA n 
1 5   TYR n 
1 6   ASN n 
1 7   GLU n 
1 8   TRP n 
1 9   LYS n 
1 10  LYS n 
1 11  ALA n 
1 12  LEU n 
1 13  PHE n 
1 14  LYS n 
1 15  PRO n 
1 16  ALA n 
1 17  ASP n 
1 18  VAL n 
1 19  ILE n 
1 20  LEU n 
1 21  ASP n 
1 22  PRO n 
1 23  LYS n 
1 24  THR n 
1 25  ALA n 
1 26  ASN n 
1 27  PRO n 
1 28  ILE n 
1 29  LEU n 
1 30  LEU n 
1 31  VAL n 
1 32  SER n 
1 33  GLU n 
1 34  ASP n 
1 35  GLN n 
1 36  ARG n 
1 37  SER n 
1 38  VAL n 
1 39  GLN n 
1 40  ARG n 
1 41  ALA n 
1 42  LYS n 
1 43  GLU n 
1 44  PRO n 
1 45  GLN n 
1 46  ASP n 
1 47  LEU n 
1 48  PRO n 
1 49  ASP n 
1 50  ASN n 
1 51  PRO n 
1 52  GLU n 
1 53  ARG n 
1 54  PHE n 
1 55  ASN n 
1 56  TRP n 
1 57  HIS n 
1 58  TYR n 
1 59  CYS n 
1 60  VAL n 
1 61  LEU n 
1 62  GLY n 
1 63  CYS n 
1 64  GLU n 
1 65  SER n 
1 66  PHE n 
1 67  ILE n 
1 68  SER n 
1 69  GLY n 
1 70  ARG n 
1 71  HIS n 
1 72  TYR n 
1 73  TRP n 
1 74  GLU n 
1 75  VAL n 
1 76  GLU n 
1 77  VAL n 
1 78  GLY n 
1 79  ASP n 
1 80  ARG n 
1 81  LYS n 
1 82  GLU n 
1 83  TRP n 
1 84  HIS n 
1 85  ILE n 
1 86  GLY n 
1 87  VAL n 
1 88  CYS n 
1 89  SER n 
1 90  LYS n 
1 91  ASN n 
1 92  VAL n 
1 93  GLN n 
1 94  ARG n 
1 95  LYS n 
1 96  GLY n 
1 97  TRP n 
1 98  VAL n 
1 99  LYS n 
1 100 MET n 
1 101 THR n 
1 102 PRO n 
1 103 GLU n 
1 104 ASN n 
1 105 GLY n 
1 106 PHE n 
1 107 TRP n 
1 108 THR n 
1 109 MET n 
1 110 GLY n 
1 111 LEU n 
1 112 THR n 
1 113 ASP n 
1 114 GLY n 
1 115 ASN n 
1 116 LYS n 
1 117 TYR n 
1 118 ARG n 
1 119 THR n 
1 120 LEU n 
1 121 THR n 
1 122 GLU n 
1 123 PRO n 
1 124 ARG n 
1 125 THR n 
1 126 ASN n 
1 127 LEU n 
1 128 LYS n 
1 129 LEU n 
1 130 PRO n 
1 131 LYS n 
1 132 PRO n 
1 133 PRO n 
1 134 LYS n 
1 135 LYS n 
1 136 VAL n 
1 137 GLY n 
1 138 VAL n 
1 139 PHE n 
1 140 LEU n 
1 141 ASP n 
1 142 TYR n 
1 143 GLU n 
1 144 THR n 
1 145 GLY n 
1 146 ASP n 
1 147 ILE n 
1 148 SER n 
1 149 PHE n 
1 150 TYR n 
1 151 ASN n 
1 152 ALA n 
1 153 VAL n 
1 154 ASP n 
1 155 GLY n 
1 156 SER n 
1 157 HIS n 
1 158 ILE n 
1 159 HIS n 
1 160 THR n 
1 161 PHE n 
1 162 LEU n 
1 163 ASP n 
1 164 VAL n 
1 165 SER n 
1 166 PHE n 
1 167 SER n 
1 168 GLU n 
1 169 ALA n 
1 170 LEU n 
1 171 TYR n 
1 172 PRO n 
1 173 VAL n 
1 174 PHE n 
1 175 ARG n 
1 176 ILE n 
1 177 LEU n 
1 178 THR n 
1 179 LEU n 
1 180 GLU n 
1 181 PRO n 
1 182 THR n 
1 183 ALA n 
1 184 LEU n 
1 185 SER n 
1 186 ILE n 
1 187 CYS n 
1 188 PRO n 
# 
_entity_src_nat.entity_id                  1 
_entity_src_nat.pdbx_src_id                1 
_entity_src_nat.pdbx_alt_source_flag       sample 
_entity_src_nat.pdbx_beg_seq_num           ? 
_entity_src_nat.pdbx_end_seq_num           ? 
_entity_src_nat.common_name                HUMAN 
_entity_src_nat.pdbx_organism_scientific   'HOMO SAPIENS' 
_entity_src_nat.pdbx_ncbi_taxonomy_id      9606 
_entity_src_nat.genus                      ? 
_entity_src_nat.species                    ? 
_entity_src_nat.strain                     ? 
_entity_src_nat.tissue                     ? 
_entity_src_nat.tissue_fraction            ? 
_entity_src_nat.pdbx_secretion             ? 
_entity_src_nat.pdbx_fragment              ? 
_entity_src_nat.pdbx_variant               ? 
_entity_src_nat.pdbx_cell_line             ? 
_entity_src_nat.pdbx_atcc                  ? 
_entity_src_nat.pdbx_cellular_location     ? 
_entity_src_nat.pdbx_organ                 ? 
_entity_src_nat.pdbx_organelle             ? 
_entity_src_nat.pdbx_cell                  ? 
_entity_src_nat.pdbx_plasmid_name          ? 
_entity_src_nat.pdbx_plasmid_details       ? 
_entity_src_nat.details                    ? 
# 
loop_
_chem_comp.id 
_chem_comp.type 
_chem_comp.mon_nstd_flag 
_chem_comp.name 
_chem_comp.pdbx_synonyms 
_chem_comp.formula 
_chem_comp.formula_weight 
ALA 'L-peptide linking' y ALANINE         ? 'C3 H7 N O2'     89.093  
ARG 'L-peptide linking' y ARGININE        ? 'C6 H15 N4 O2 1' 175.209 
ASN 'L-peptide linking' y ASPARAGINE      ? 'C4 H8 N2 O3'    132.118 
ASP 'L-peptide linking' y 'ASPARTIC ACID' ? 'C4 H7 N O4'     133.103 
CYS 'L-peptide linking' y CYSTEINE        ? 'C3 H7 N O2 S'   121.158 
GLN 'L-peptide linking' y GLUTAMINE       ? 'C5 H10 N2 O3'   146.144 
GLU 'L-peptide linking' y 'GLUTAMIC ACID' ? 'C5 H9 N O4'     147.129 
GLY 'peptide linking'   y GLYCINE         ? 'C2 H5 N O2'     75.067  
HIS 'L-peptide linking' y HISTIDINE       ? 'C6 H10 N3 O2 1' 156.162 
HOH non-polymer         . WATER           ? 'H2 O'           18.015  
ILE 'L-peptide linking' y ISOLEUCINE      ? 'C6 H13 N O2'    131.173 
LEU 'L-peptide linking' y LEUCINE         ? 'C6 H13 N O2'    131.173 
LYS 'L-peptide linking' y LYSINE          ? 'C6 H15 N2 O2 1' 147.195 
MET 'L-peptide linking' y METHIONINE      ? 'C5 H11 N O2 S'  149.211 
PHE 'L-peptide linking' y PHENYLALANINE   ? 'C9 H11 N O2'    165.189 
PRO 'L-peptide linking' y PROLINE         ? 'C5 H9 N O2'     115.130 
SER 'L-peptide linking' y SERINE          ? 'C3 H7 N O3'     105.093 
THR 'L-peptide linking' y THREONINE       ? 'C4 H9 N O3'     119.119 
TRP 'L-peptide linking' y TRYPTOPHAN      ? 'C11 H12 N2 O2'  204.225 
TYR 'L-peptide linking' y TYROSINE        ? 'C9 H11 N O3'    181.189 
VAL 'L-peptide linking' y VALINE          ? 'C5 H11 N O2'    117.146 
# 
loop_
_pdbx_poly_seq_scheme.asym_id 
_pdbx_poly_seq_scheme.entity_id 
_pdbx_poly_seq_scheme.seq_id 
_pdbx_poly_seq_scheme.mon_id 
_pdbx_poly_seq_scheme.ndb_seq_num 
_pdbx_poly_seq_scheme.pdb_seq_num 
_pdbx_poly_seq_scheme.auth_seq_num 
_pdbx_poly_seq_scheme.pdb_mon_id 
_pdbx_poly_seq_scheme.auth_mon_id 
_pdbx_poly_seq_scheme.pdb_strand_id 
_pdbx_poly_seq_scheme.pdb_ins_code 
_pdbx_poly_seq_scheme.hetero 
A 1 1   ARG 1   18  18  ARG ARG A . n 
A 1 2   HIS 2   19  19  HIS HIS A . n 
A 1 3   SER 3   20  20  SER SER A . n 
A 1 4   ALA 4   21  21  ALA ALA A . n 
A 1 5   TYR 5   22  22  TYR TYR A . n 
A 1 6   ASN 6   23  23  ASN ASN A . n 
A 1 7   GLU 7   24  24  GLU GLU A . n 
A 1 8   TRP 8   25  25  TRP TRP A . n 
A 1 9   LYS 9   26  26  LYS LYS A . n 
A 1 10  LYS 10  27  27  LYS LYS A . n 
A 1 11  ALA 11  28  28  ALA ALA A . n 
A 1 12  LEU 12  29  29  LEU LEU A . n 
A 1 13  PHE 13  30  30  PHE PHE A . n 
A 1 14  LYS 14  31  31  LYS LYS A . n 
A 1 15  PRO 15  32  32  PRO PRO A . n 
A 1 16  ALA 16  33  33  ALA ALA A . n 
A 1 17  ASP 17  34  34  ASP ASP A . n 
A 1 18  VAL 18  35  35  VAL VAL A . n 
A 1 19  ILE 19  36  36  ILE ILE A . n 
A 1 20  LEU 20  37  37  LEU LEU A . n 
A 1 21  ASP 21  38  38  ASP ASP A . n 
A 1 22  PRO 22  39  39  PRO PRO A . n 
A 1 23  LYS 23  40  40  LYS LYS A . n 
A 1 24  THR 24  41  41  THR THR A . n 
A 1 25  ALA 25  42  42  ALA ALA A . n 
A 1 26  ASN 26  43  43  ASN ASN A . n 
A 1 27  PRO 27  44  44  PRO PRO A . n 
A 1 28  ILE 28  45  45  ILE ILE A . n 
A 1 29  LEU 29  46  46  LEU LEU A . n 
A 1 30  LEU 30  47  47  LEU LEU A . n 
A 1 31  VAL 31  48  48  VAL VAL A . n 
A 1 32  SER 32  49  49  SER SER A . n 
A 1 33  GLU 33  50  50  GLU GLU A . n 
A 1 34  ASP 34  51  51  ASP ASP A . n 
A 1 35  GLN 35  52  52  GLN GLN A . n 
A 1 36  ARG 36  53  53  ARG ARG A . n 
A 1 37  SER 37  54  54  SER SER A . n 
A 1 38  VAL 38  55  55  VAL VAL A . n 
A 1 39  GLN 39  56  56  GLN GLN A . n 
A 1 40  ARG 40  57  57  ARG ARG A . n 
A 1 41  ALA 41  58  58  ALA ALA A . n 
A 1 42  LYS 42  59  59  LYS LYS A . n 
A 1 43  GLU 43  60  60  GLU GLU A . n 
A 1 44  PRO 44  61  61  PRO PRO A . n 
A 1 45  GLN 45  62  62  GLN GLN A . n 
A 1 46  ASP 46  63  63  ASP ASP A . n 
A 1 47  LEU 47  64  64  LEU LEU A . n 
A 1 48  PRO 48  65  65  PRO PRO A . n 
A 1 49  ASP 49  66  66  ASP ASP A . n 
A 1 50  ASN 50  67  67  ASN ASN A . n 
A 1 51  PRO 51  68  68  PRO PRO A . n 
A 1 52  GLU 52  69  69  GLU GLU A . n 
A 1 53  ARG 53  70  70  ARG ARG A . n 
A 1 54  PHE 54  71  71  PHE PHE A . n 
A 1 55  ASN 55  72  72  ASN ASN A . n 
A 1 56  TRP 56  73  73  TRP TRP A . n 
A 1 57  HIS 57  74  74  HIS HIS A . n 
A 1 58  TYR 58  75  75  TYR TYR A . n 
A 1 59  CYS 59  76  76  CYS CYS A . n 
A 1 60  VAL 60  77  77  VAL VAL A . n 
A 1 61  LEU 61  78  78  LEU LEU A . n 
A 1 62  GLY 62  79  79  GLY GLY A . n 
A 1 63  CYS 63  80  80  CYS CYS A . n 
A 1 64  GLU 64  81  81  GLU GLU A . n 
A 1 65  SER 65  82  82  SER SER A . n 
A 1 66  PHE 66  83  83  PHE PHE A . n 
A 1 67  ILE 67  84  84  ILE ILE A . n 
A 1 68  SER 68  85  85  SER SER A . n 
A 1 69  GLY 69  86  86  GLY GLY A . n 
A 1 70  ARG 70  87  87  ARG ARG A . n 
A 1 71  HIS 71  88  88  HIS HIS A . n 
A 1 72  TYR 72  89  89  TYR TYR A . n 
A 1 73  TRP 73  90  90  TRP TRP A . n 
A 1 74  GLU 74  91  91  GLU GLU A . n 
A 1 75  VAL 75  92  92  VAL VAL A . n 
A 1 76  GLU 76  93  93  GLU GLU A . n 
A 1 77  VAL 77  94  94  VAL VAL A . n 
A 1 78  GLY 78  95  95  GLY GLY A . n 
A 1 79  ASP 79  96  96  ASP ASP A . n 
A 1 80  ARG 80  97  97  ARG ARG A . n 
A 1 81  LYS 81  98  98  LYS LYS A . n 
A 1 82  GLU 82  99  99  GLU GLU A . n 
A 1 83  TRP 83  100 100 TRP TRP A . n 
A 1 84  HIS 84  101 101 HIS HIS A . n 
A 1 85  ILE 85  102 102 ILE ILE A . n 
A 1 86  GLY 86  103 103 GLY GLY A . n 
A 1 87  VAL 87  104 104 VAL VAL A . n 
A 1 88  CYS 88  105 105 CYS CYS A . n 
A 1 89  SER 89  106 106 SER SER A . n 
A 1 90  LYS 90  107 107 LYS LYS A . n 
A 1 91  ASN 91  108 108 ASN ASN A . n 
A 1 92  VAL 92  109 109 VAL VAL A . n 
A 1 93  GLN 93  110 110 GLN GLN A . n 
A 1 94  ARG 94  111 111 ARG ARG A . n 
A 1 95  LYS 95  112 112 LYS LYS A . n 
A 1 96  GLY 96  113 113 GLY GLY A . n 
A 1 97  TRP 97  114 114 TRP TRP A . n 
A 1 98  VAL 98  115 115 VAL VAL A . n 
A 1 99  LYS 99  116 116 LYS LYS A . n 
A 1 100 MET 100 117 117 MET MET A . n 
A 1 101 THR 101 118 118 THR THR A . n 
A 1 102 PRO 102 119 119 PRO PRO A . n 
A 1 103 GLU 103 120 120 GLU GLU A . n 
A 1 104 ASN 104 121 121 ASN ASN A . n 
A 1 105 GLY 105 122 122 GLY GLY A . n 
A 1 106 PHE 106 123 123 PHE PHE A . n 
A 1 107 TRP 107 124 124 TRP TRP A . n 
A 1 108 THR 108 125 125 THR THR A . n 
A 1 109 MET 109 126 126 MET MET A . n 
A 1 110 GLY 110 127 127 GLY GLY A . n 
A 1 111 LEU 111 128 128 LEU LEU A . n 
A 1 112 THR 112 129 129 THR THR A . n 
A 1 113 ASP 113 130 130 ASP ASP A . n 
A 1 114 GLY 114 131 131 GLY GLY A . n 
A 1 115 ASN 115 132 132 ASN ASN A . n 
A 1 116 LYS 116 133 133 LYS LYS A . n 
A 1 117 TYR 117 134 134 TYR TYR A . n 
A 1 118 ARG 118 135 135 ARG ARG A . n 
A 1 119 THR 119 136 136 THR THR A . n 
A 1 120 LEU 120 137 137 LEU LEU A . n 
A 1 121 THR 121 138 138 THR THR A . n 
A 1 122 GLU 122 139 139 GLU GLU A . n 
A 1 123 PRO 123 140 140 PRO PRO A . n 
A 1 124 ARG 124 141 141 ARG ARG A . n 
A 1 125 THR 125 142 142 THR THR A . n 
A 1 126 ASN 126 143 143 ASN ASN A . n 
A 1 127 LEU 127 144 144 LEU LEU A . n 
A 1 128 LYS 128 145 145 LYS LYS A . n 
A 1 129 LEU 129 146 146 LEU LEU A . n 
A 1 130 PRO 130 147 147 PRO PRO A . n 
A 1 131 LYS 131 148 148 LYS LYS A . n 
A 1 132 PRO 132 149 149 PRO PRO A . n 
A 1 133 PRO 133 150 150 PRO PRO A . n 
A 1 134 LYS 134 151 151 LYS LYS A . n 
A 1 135 LYS 135 152 152 LYS LYS A . n 
A 1 136 VAL 136 153 153 VAL VAL A . n 
A 1 137 GLY 137 154 154 GLY GLY A . n 
A 1 138 VAL 138 155 155 VAL VAL A . n 
A 1 139 PHE 139 156 156 PHE PHE A . n 
A 1 140 LEU 140 157 157 LEU LEU A . n 
A 1 141 ASP 141 158 158 ASP ASP A . n 
A 1 142 TYR 142 159 159 TYR TYR A . n 
A 1 143 GLU 143 160 160 GLU GLU A . n 
A 1 144 THR 144 161 161 THR THR A . n 
A 1 145 GLY 145 162 162 GLY GLY A . n 
A 1 146 ASP 146 163 163 ASP ASP A . n 
A 1 147 ILE 147 164 164 ILE ILE A . n 
A 1 148 SER 148 165 165 SER SER A . n 
A 1 149 PHE 149 166 166 PHE PHE A . n 
A 1 150 TYR 150 167 167 TYR TYR A . n 
A 1 151 ASN 151 168 168 ASN ASN A . n 
A 1 152 ALA 152 169 169 ALA ALA A . n 
A 1 153 VAL 153 170 170 VAL VAL A . n 
A 1 154 ASP 154 171 171 ASP ASP A . n 
A 1 155 GLY 155 172 172 GLY GLY A . n 
A 1 156 SER 156 173 173 SER SER A . n 
A 1 157 HIS 157 174 174 HIS HIS A . n 
A 1 158 ILE 158 175 175 ILE ILE A . n 
A 1 159 HIS 159 176 176 HIS HIS A . n 
A 1 160 THR 160 177 177 THR THR A . n 
A 1 161 PHE 161 178 178 PHE PHE A . n 
A 1 162 LEU 162 179 179 LEU LEU A . n 
A 1 163 ASP 163 180 180 ASP ASP A . n 
A 1 164 VAL 164 181 181 VAL VAL A . n 
A 1 165 SER 165 182 182 SER SER A . n 
A 1 166 PHE 166 183 183 PHE PHE A . n 
A 1 167 SER 167 184 184 SER SER A . n 
A 1 168 GLU 168 185 185 GLU GLU A . n 
A 1 169 ALA 169 186 186 ALA ALA A . n 
A 1 170 LEU 170 187 187 LEU LEU A . n 
A 1 171 TYR 171 188 188 TYR TYR A . n 
A 1 172 PRO 172 189 189 PRO PRO A . n 
A 1 173 VAL 173 190 190 VAL VAL A . n 
A 1 174 PHE 174 191 191 PHE PHE A . n 
A 1 175 ARG 175 192 192 ARG ARG A . n 
A 1 176 ILE 176 193 193 ILE ILE A . n 
A 1 177 LEU 177 194 194 LEU LEU A . n 
A 1 178 THR 178 195 195 THR THR A . n 
A 1 179 LEU 179 196 196 LEU LEU A . n 
A 1 180 GLU 180 197 197 GLU GLU A . n 
A 1 181 PRO 181 198 198 PRO PRO A . n 
A 1 182 THR 182 199 199 THR THR A . n 
A 1 183 ALA 183 200 200 ALA ALA A . n 
A 1 184 LEU 184 201 201 LEU LEU A . n 
A 1 185 SER 185 202 202 SER SER A . n 
A 1 186 ILE 186 203 203 ILE ILE A . n 
A 1 187 CYS 187 204 204 CYS CYS A . n 
A 1 188 PRO 188 205 205 PRO PRO A . n 
# 
loop_
_pdbx_nonpoly_scheme.asym_id 
_pdbx_nonpoly_scheme.entity_id 
_pdbx_nonpoly_scheme.mon_id 
_pdbx_nonpoly_scheme.ndb_seq_num 
_pdbx_nonpoly_scheme.pdb_seq_num 
_pdbx_nonpoly_scheme.auth_seq_num 
_pdbx_nonpoly_scheme.pdb_mon_id 
_pdbx_nonpoly_scheme.auth_mon_id 
_pdbx_nonpoly_scheme.pdb_strand_id 
_pdbx_nonpoly_scheme.pdb_ins_code 
B 2 HOH 1   2001 2001 HOH HOH A . 
B 2 HOH 2   2002 2002 HOH HOH A . 
B 2 HOH 3   2003 2003 HOH HOH A . 
B 2 HOH 4   2004 2004 HOH HOH A . 
B 2 HOH 5   2005 2005 HOH HOH A . 
B 2 HOH 6   2006 2006 HOH HOH A . 
B 2 HOH 7   2007 2007 HOH HOH A . 
B 2 HOH 8   2008 2008 HOH HOH A . 
B 2 HOH 9   2009 2009 HOH HOH A . 
B 2 HOH 10  2010 2010 HOH HOH A . 
B 2 HOH 11  2011 2011 HOH HOH A . 
B 2 HOH 12  2012 2012 HOH HOH A . 
B 2 HOH 13  2013 2013 HOH HOH A . 
B 2 HOH 14  2014 2014 HOH HOH A . 
B 2 HOH 15  2015 2015 HOH HOH A . 
B 2 HOH 16  2016 2016 HOH HOH A . 
B 2 HOH 17  2017 2017 HOH HOH A . 
B 2 HOH 18  2018 2018 HOH HOH A . 
B 2 HOH 19  2019 2019 HOH HOH A . 
B 2 HOH 20  2020 2020 HOH HOH A . 
B 2 HOH 21  2021 2021 HOH HOH A . 
B 2 HOH 22  2022 2022 HOH HOH A . 
B 2 HOH 23  2023 2023 HOH HOH A . 
B 2 HOH 24  2024 2024 HOH HOH A . 
B 2 HOH 25  2025 2025 HOH HOH A . 
B 2 HOH 26  2026 2026 HOH HOH A . 
B 2 HOH 27  2027 2027 HOH HOH A . 
B 2 HOH 28  2028 2028 HOH HOH A . 
B 2 HOH 29  2029 2029 HOH HOH A . 
B 2 HOH 30  2030 2030 HOH HOH A . 
B 2 HOH 31  2031 2031 HOH HOH A . 
B 2 HOH 32  2032 2032 HOH HOH A . 
B 2 HOH 33  2033 2033 HOH HOH A . 
B 2 HOH 34  2034 2034 HOH HOH A . 
B 2 HOH 35  2035 2035 HOH HOH A . 
B 2 HOH 36  2036 2036 HOH HOH A . 
B 2 HOH 37  2037 2037 HOH HOH A . 
B 2 HOH 38  2038 2038 HOH HOH A . 
B 2 HOH 39  2039 2039 HOH HOH A . 
B 2 HOH 40  2040 2040 HOH HOH A . 
B 2 HOH 41  2041 2041 HOH HOH A . 
B 2 HOH 42  2042 2042 HOH HOH A . 
B 2 HOH 43  2043 2043 HOH HOH A . 
B 2 HOH 44  2044 2044 HOH HOH A . 
B 2 HOH 45  2045 2045 HOH HOH A . 
B 2 HOH 46  2046 2046 HOH HOH A . 
B 2 HOH 47  2047 2047 HOH HOH A . 
B 2 HOH 48  2048 2048 HOH HOH A . 
B 2 HOH 49  2049 2049 HOH HOH A . 
B 2 HOH 50  2050 2050 HOH HOH A . 
B 2 HOH 51  2051 2051 HOH HOH A . 
B 2 HOH 52  2052 2052 HOH HOH A . 
B 2 HOH 53  2053 2053 HOH HOH A . 
B 2 HOH 54  2054 2054 HOH HOH A . 
B 2 HOH 55  2055 2055 HOH HOH A . 
B 2 HOH 56  2056 2056 HOH HOH A . 
B 2 HOH 57  2057 2057 HOH HOH A . 
B 2 HOH 58  2058 2058 HOH HOH A . 
B 2 HOH 59  2059 2059 HOH HOH A . 
B 2 HOH 60  2060 2060 HOH HOH A . 
B 2 HOH 61  2061 2061 HOH HOH A . 
B 2 HOH 62  2062 2062 HOH HOH A . 
B 2 HOH 63  2063 2063 HOH HOH A . 
B 2 HOH 64  2064 2064 HOH HOH A . 
B 2 HOH 65  2065 2065 HOH HOH A . 
B 2 HOH 66  2066 2066 HOH HOH A . 
B 2 HOH 67  2067 2067 HOH HOH A . 
B 2 HOH 68  2068 2068 HOH HOH A . 
B 2 HOH 69  2069 2069 HOH HOH A . 
B 2 HOH 70  2070 2070 HOH HOH A . 
B 2 HOH 71  2071 2071 HOH HOH A . 
B 2 HOH 72  2072 2072 HOH HOH A . 
B 2 HOH 73  2073 2073 HOH HOH A . 
B 2 HOH 74  2074 2074 HOH HOH A . 
B 2 HOH 75  2075 2075 HOH HOH A . 
B 2 HOH 76  2076 2076 HOH HOH A . 
B 2 HOH 77  2077 2077 HOH HOH A . 
B 2 HOH 78  2078 2078 HOH HOH A . 
B 2 HOH 79  2079 2079 HOH HOH A . 
B 2 HOH 80  2080 2080 HOH HOH A . 
B 2 HOH 81  2081 2081 HOH HOH A . 
B 2 HOH 82  2082 2082 HOH HOH A . 
B 2 HOH 83  2083 2083 HOH HOH A . 
B 2 HOH 84  2084 2084 HOH HOH A . 
B 2 HOH 85  2085 2085 HOH HOH A . 
B 2 HOH 86  2086 2086 HOH HOH A . 
B 2 HOH 87  2087 2087 HOH HOH A . 
B 2 HOH 88  2088 2088 HOH HOH A . 
B 2 HOH 89  2089 2089 HOH HOH A . 
B 2 HOH 90  2090 2090 HOH HOH A . 
B 2 HOH 91  2091 2091 HOH HOH A . 
B 2 HOH 92  2092 2092 HOH HOH A . 
B 2 HOH 93  2093 2093 HOH HOH A . 
B 2 HOH 94  2094 2094 HOH HOH A . 
B 2 HOH 95  2095 2095 HOH HOH A . 
B 2 HOH 96  2096 2096 HOH HOH A . 
B 2 HOH 97  2097 2097 HOH HOH A . 
B 2 HOH 98  2098 2098 HOH HOH A . 
B 2 HOH 99  2099 2099 HOH HOH A . 
B 2 HOH 100 2100 2100 HOH HOH A . 
B 2 HOH 101 2101 2101 HOH HOH A . 
B 2 HOH 102 2102 2102 HOH HOH A . 
B 2 HOH 103 2103 2103 HOH HOH A . 
B 2 HOH 104 2104 2104 HOH HOH A . 
B 2 HOH 105 2105 2105 HOH HOH A . 
B 2 HOH 106 2106 2106 HOH HOH A . 
B 2 HOH 107 2107 2107 HOH HOH A . 
B 2 HOH 108 2108 2108 HOH HOH A . 
B 2 HOH 109 2109 2109 HOH HOH A . 
B 2 HOH 110 2110 2110 HOH HOH A . 
B 2 HOH 111 2111 2111 HOH HOH A . 
B 2 HOH 112 2112 2112 HOH HOH A . 
B 2 HOH 113 2113 2113 HOH HOH A . 
B 2 HOH 114 2114 2114 HOH HOH A . 
B 2 HOH 115 2115 2115 HOH HOH A . 
B 2 HOH 116 2116 2116 HOH HOH A . 
B 2 HOH 117 2117 2117 HOH HOH A . 
B 2 HOH 118 2118 2118 HOH HOH A . 
B 2 HOH 119 2119 2119 HOH HOH A . 
# 
_software.name             REFMAC 
_software.classification   refinement 
_software.version          5.7.0032 
_software.citation_id      ? 
_software.pdbx_ordinal     1 
# 
_cell.entry_id           4V1P 
_cell.length_a           44.620 
_cell.length_b           124.664 
_cell.length_c           38.822 
_cell.angle_alpha        90.00 
_cell.angle_beta         90.00 
_cell.angle_gamma        90.00 
_cell.Z_PDB              4 
_cell.pdbx_unique_axis   ? 
# 
_symmetry.entry_id                         4V1P 
_symmetry.space_group_name_H-M             'P 21 21 2' 
_symmetry.pdbx_full_space_group_name_H-M   ? 
_symmetry.cell_setting                     ? 
_symmetry.Int_Tables_number                18 
# 
_exptl.entry_id          4V1P 
_exptl.method            'X-RAY DIFFRACTION' 
_exptl.crystals_number   ? 
# 
_exptl_crystal.id                    1 
_exptl_crystal.density_meas          ? 
_exptl_crystal.density_Matthews      2.49 
_exptl_crystal.density_percent_sol   50.56 
_exptl_crystal.description           NONE 
# 
_diffrn.id                     1 
_diffrn.ambient_temp           100 
_diffrn.ambient_temp_details   ? 
_diffrn.crystal_id             1 
# 
_diffrn_radiation.diffrn_id                        1 
_diffrn_radiation.wavelength_id                    1 
_diffrn_radiation.pdbx_monochromatic_or_laue_m_l   M 
_diffrn_radiation.monochromator                    ? 
_diffrn_radiation.pdbx_diffrn_protocol             'SINGLE WAVELENGTH' 
_diffrn_radiation.pdbx_scattering_type             x-ray 
# 
_diffrn_radiation_wavelength.id           1 
_diffrn_radiation_wavelength.wavelength   1.54 
_diffrn_radiation_wavelength.wt           1.0 
# 
_diffrn_source.diffrn_id                   1 
_diffrn_source.source                      'ROTATING ANODE' 
_diffrn_source.type                        ? 
_diffrn_source.pdbx_synchrotron_site       ? 
_diffrn_source.pdbx_synchrotron_beamline   ? 
_diffrn_source.pdbx_wavelength             1.54 
_diffrn_source.pdbx_wavelength_list        ? 
# 
_reflns.pdbx_diffrn_id               1 
_reflns.pdbx_ordinal                 1 
_reflns.entry_id                     4V1P 
_reflns.observed_criterion_sigma_I   2.0 
_reflns.observed_criterion_sigma_F   ? 
_reflns.d_resolution_low             31.00 
_reflns.d_resolution_high            2.00 
_reflns.number_obs                   14316 
_reflns.number_all                   ? 
_reflns.percent_possible_obs         99.0 
_reflns.pdbx_Rmerge_I_obs            0.08 
_reflns.pdbx_Rsym_value              ? 
_reflns.pdbx_netI_over_sigmaI        ? 
_reflns.B_iso_Wilson_estimate        ? 
_reflns.pdbx_redundancy              2.7 
# 
_refine.pdbx_refine_id                           'X-RAY DIFFRACTION' 
_refine.entry_id                                 4V1P 
_refine.pdbx_diffrn_id                           1 
_refine.pdbx_TLS_residual_ADP_flag               ? 
_refine.ls_number_reflns_obs                     13333 
_refine.ls_number_reflns_all                     ? 
_refine.pdbx_ls_sigma_I                          ? 
_refine.pdbx_ls_sigma_F                          ? 
_refine.pdbx_data_cutoff_high_absF               ? 
_refine.pdbx_data_cutoff_low_absF                ? 
_refine.pdbx_data_cutoff_high_rms_absF           ? 
_refine.ls_d_res_low                             31.19 
_refine.ls_d_res_high                            2.04 
_refine.ls_percent_reflns_obs                    97.92 
_refine.ls_R_factor_obs                          0.16780 
_refine.ls_R_factor_all                          ? 
_refine.ls_R_factor_R_work                       0.16507 
_refine.ls_R_factor_R_free                       0.22205 
_refine.ls_R_factor_R_free_error                 ? 
_refine.ls_R_factor_R_free_error_details         ? 
_refine.ls_percent_reflns_R_free                 5.0 
_refine.ls_number_reflns_R_free                  702 
_refine.ls_number_parameters                     ? 
_refine.ls_number_restraints                     ? 
_refine.occupancy_min                            ? 
_refine.occupancy_max                            ? 
_refine.correlation_coeff_Fo_to_Fc               0.958 
_refine.correlation_coeff_Fo_to_Fc_free          0.929 
_refine.B_iso_mean                               31.313 
_refine.aniso_B[1][1]                            -0.73 
_refine.aniso_B[2][2]                            1.10 
_refine.aniso_B[3][3]                            -0.37 
_refine.aniso_B[1][2]                            0.00 
_refine.aniso_B[1][3]                            0.00 
_refine.aniso_B[2][3]                            0.00 
_refine.solvent_model_details                    'BABINET MODEL WITH MASK' 
_refine.solvent_model_param_ksol                 ? 
_refine.solvent_model_param_bsol                 ? 
_refine.pdbx_solvent_vdw_probe_radii             1.20 
_refine.pdbx_solvent_ion_probe_radii             0.80 
_refine.pdbx_solvent_shrinkage_radii             0.80 
_refine.pdbx_ls_cross_valid_method               THROUGHOUT 
_refine.details                                  'HYDROGENS HAVE BEEN ADDED IN THE RIDING POSITIONS.' 
_refine.pdbx_starting_model                      NONE 
_refine.pdbx_method_to_determine_struct          OTHER 
_refine.pdbx_isotropic_thermal_model             ? 
_refine.pdbx_stereochemistry_target_values       'MAXIMUM LIKELIHOOD' 
_refine.pdbx_stereochem_target_val_spec_case     ? 
_refine.pdbx_R_Free_selection_details            RANDOM 
_refine.pdbx_overall_ESU_R                       0.171 
_refine.pdbx_overall_ESU_R_Free                  0.164 
_refine.overall_SU_ML                            0.104 
_refine.pdbx_overall_phase_error                 ? 
_refine.overall_SU_B                             3.770 
_refine.overall_SU_R_Cruickshank_DPI             ? 
_refine.pdbx_overall_SU_R_free_Cruickshank_DPI   ? 
_refine.pdbx_overall_SU_R_Blow_DPI               ? 
_refine.pdbx_overall_SU_R_free_Blow_DPI          ? 
# 
_refine_hist.pdbx_refine_id                   'X-RAY DIFFRACTION' 
_refine_hist.cycle_id                         LAST 
_refine_hist.pdbx_number_atoms_protein        1531 
_refine_hist.pdbx_number_atoms_nucleic_acid   0 
_refine_hist.pdbx_number_atoms_ligand         0 
_refine_hist.number_atoms_solvent             119 
_refine_hist.number_atoms_total               1650 
_refine_hist.d_res_high                       2.04 
_refine_hist.d_res_low                        31.19 
# 
loop_
_refine_ls_restr.type 
_refine_ls_restr.dev_ideal 
_refine_ls_restr.dev_ideal_target 
_refine_ls_restr.weight 
_refine_ls_restr.number 
_refine_ls_restr.pdbx_refine_id 
_refine_ls_restr.pdbx_restraint_function 
r_bond_refined_d             0.017  0.019  ? 1578 'X-RAY DIFFRACTION' ? 
r_bond_other_d               0.001  0.020  ? 1472 'X-RAY DIFFRACTION' ? 
r_angle_refined_deg          1.843  1.947  ? 2146 'X-RAY DIFFRACTION' ? 
r_angle_other_deg            0.873  3.000  ? 3401 'X-RAY DIFFRACTION' ? 
r_dihedral_angle_1_deg       7.581  5.000  ? 187  'X-RAY DIFFRACTION' ? 
r_dihedral_angle_2_deg       33.174 23.600 ? 75   'X-RAY DIFFRACTION' ? 
r_dihedral_angle_3_deg       14.780 15.000 ? 262  'X-RAY DIFFRACTION' ? 
r_dihedral_angle_4_deg       16.190 15.000 ? 10   'X-RAY DIFFRACTION' ? 
r_chiral_restr               0.108  0.200  ? 226  'X-RAY DIFFRACTION' ? 
r_gen_planes_refined         0.010  0.021  ? 1762 'X-RAY DIFFRACTION' ? 
r_gen_planes_other           0.001  0.020  ? 372  'X-RAY DIFFRACTION' ? 
r_nbd_refined                ?      ?      ? ?    'X-RAY DIFFRACTION' ? 
r_nbd_other                  ?      ?      ? ?    'X-RAY DIFFRACTION' ? 
r_nbtor_refined              ?      ?      ? ?    'X-RAY DIFFRACTION' ? 
r_nbtor_other                ?      ?      ? ?    'X-RAY DIFFRACTION' ? 
r_xyhbond_nbd_refined        ?      ?      ? ?    'X-RAY DIFFRACTION' ? 
r_xyhbond_nbd_other          ?      ?      ? ?    'X-RAY DIFFRACTION' ? 
r_metal_ion_refined          ?      ?      ? ?    'X-RAY DIFFRACTION' ? 
r_metal_ion_other            ?      ?      ? ?    'X-RAY DIFFRACTION' ? 
r_symmetry_vdw_refined       ?      ?      ? ?    'X-RAY DIFFRACTION' ? 
r_symmetry_vdw_other         ?      ?      ? ?    'X-RAY DIFFRACTION' ? 
r_symmetry_hbond_refined     ?      ?      ? ?    'X-RAY DIFFRACTION' ? 
r_symmetry_hbond_other       ?      ?      ? ?    'X-RAY DIFFRACTION' ? 
r_symmetry_metal_ion_refined ?      ?      ? ?    'X-RAY DIFFRACTION' ? 
r_symmetry_metal_ion_other   ?      ?      ? ?    'X-RAY DIFFRACTION' ? 
r_mcbond_it                  5.066  3.686  ? 751  'X-RAY DIFFRACTION' ? 
r_mcbond_other               5.065  3.685  ? 750  'X-RAY DIFFRACTION' ? 
r_mcangle_it                 5.509  6.182  ? 937  'X-RAY DIFFRACTION' ? 
r_mcangle_other              ?      ?      ? ?    'X-RAY DIFFRACTION' ? 
r_scbond_it                  7.954  4.323  ? 827  'X-RAY DIFFRACTION' ? 
r_scbond_other               ?      ?      ? ?    'X-RAY DIFFRACTION' ? 
r_scangle_it                 ?      ?      ? ?    'X-RAY DIFFRACTION' ? 
r_scangle_other              ?      ?      ? ?    'X-RAY DIFFRACTION' ? 
r_long_range_B_refined       ?      ?      ? ?    'X-RAY DIFFRACTION' ? 
r_long_range_B_other         ?      ?      ? ?    'X-RAY DIFFRACTION' ? 
r_rigid_bond_restr           ?      ?      ? ?    'X-RAY DIFFRACTION' ? 
r_sphericity_free            ?      ?      ? ?    'X-RAY DIFFRACTION' ? 
r_sphericity_bonded          ?      ?      ? ?    'X-RAY DIFFRACTION' ? 
# 
_refine_ls_shell.pdbx_refine_id                   'X-RAY DIFFRACTION' 
_refine_ls_shell.pdbx_total_number_of_bins_used   20 
_refine_ls_shell.d_res_high                       2.045 
_refine_ls_shell.d_res_low                        2.098 
_refine_ls_shell.number_reflns_R_work             872 
_refine_ls_shell.R_factor_R_work                  0.186 
_refine_ls_shell.percent_reflns_obs               92.22 
_refine_ls_shell.R_factor_R_free                  0.271 
_refine_ls_shell.R_factor_R_free_error            ? 
_refine_ls_shell.percent_reflns_R_free            ? 
_refine_ls_shell.number_reflns_R_free             64 
_refine_ls_shell.number_reflns_all                ? 
_refine_ls_shell.R_factor_all                     ? 
# 
_struct.entry_id                  4V1P 
_struct.title                     'BTN3 Structure' 
_struct.pdbx_model_details        ? 
_struct.pdbx_CASP_flag            ? 
_struct.pdbx_model_type_details   ? 
# 
_struct_keywords.entry_id        4V1P 
_struct_keywords.pdbx_keywords   'IMMUNE SYSTEM' 
_struct_keywords.text            'IMMUNE SYSTEM, IMMUNE SIGNALLING' 
# 
loop_
_struct_asym.id 
_struct_asym.pdbx_blank_PDB_chainid_flag 
_struct_asym.pdbx_modified 
_struct_asym.entity_id 
_struct_asym.details 
A N N 1 ? 
B N N 2 ? 
# 
_struct_ref.id                         1 
_struct_ref.db_name                    UNP 
_struct_ref.db_code                    BT3A1_HUMAN 
_struct_ref.entity_id                  1 
_struct_ref.pdbx_seq_one_letter_code   ? 
_struct_ref.pdbx_align_begin           ? 
_struct_ref.pdbx_db_accession          O00481 
_struct_ref.pdbx_db_isoform            ? 
# 
_struct_ref_seq.align_id                      1 
_struct_ref_seq.ref_id                        1 
_struct_ref_seq.pdbx_PDB_id_code              4V1P 
_struct_ref_seq.pdbx_strand_id                A 
_struct_ref_seq.seq_align_beg                 1 
_struct_ref_seq.pdbx_seq_align_beg_ins_code   ? 
_struct_ref_seq.seq_align_end                 188 
_struct_ref_seq.pdbx_seq_align_end_ins_code   ? 
_struct_ref_seq.pdbx_db_accession             O00481 
_struct_ref_seq.db_align_beg                  325 
_struct_ref_seq.pdbx_db_align_beg_ins_code    ? 
_struct_ref_seq.db_align_end                  512 
_struct_ref_seq.pdbx_db_align_end_ins_code    ? 
_struct_ref_seq.pdbx_auth_seq_align_beg       18 
_struct_ref_seq.pdbx_auth_seq_align_end       205 
# 
_struct_ref_seq_dif.align_id                     1 
_struct_ref_seq_dif.pdbx_pdb_id_code             4V1P 
_struct_ref_seq_dif.mon_id                       SER 
_struct_ref_seq_dif.pdbx_pdb_strand_id           A 
_struct_ref_seq_dif.seq_num                      185 
_struct_ref_seq_dif.pdbx_pdb_ins_code            ? 
_struct_ref_seq_dif.pdbx_seq_db_name             UNP 
_struct_ref_seq_dif.pdbx_seq_db_accession_code   O00481 
_struct_ref_seq_dif.db_mon_id                    THR 
_struct_ref_seq_dif.pdbx_seq_db_seq_num          509 
_struct_ref_seq_dif.details                      conflict 
_struct_ref_seq_dif.pdbx_auth_seq_num            202 
_struct_ref_seq_dif.pdbx_ordinal                 1 
# 
_pdbx_struct_assembly.id                   1 
_pdbx_struct_assembly.details              author_and_software_defined_assembly 
_pdbx_struct_assembly.method_details       PISA 
_pdbx_struct_assembly.oligomeric_details   dimeric 
_pdbx_struct_assembly.oligomeric_count     2 
# 
loop_
_pdbx_struct_assembly_prop.biol_id 
_pdbx_struct_assembly_prop.type 
_pdbx_struct_assembly_prop.value 
_pdbx_struct_assembly_prop.details 
1 'ABSA (A^2)' 1280  ? 
1 MORE         -11.2 ? 
1 'SSA (A^2)'  17300 ? 
# 
_pdbx_struct_assembly_gen.assembly_id       1 
_pdbx_struct_assembly_gen.oper_expression   1,2 
_pdbx_struct_assembly_gen.asym_id_list      A,B 
# 
loop_
_pdbx_struct_oper_list.id 
_pdbx_struct_oper_list.type 
_pdbx_struct_oper_list.name 
_pdbx_struct_oper_list.symmetry_operation 
_pdbx_struct_oper_list.matrix[1][1] 
_pdbx_struct_oper_list.matrix[1][2] 
_pdbx_struct_oper_list.matrix[1][3] 
_pdbx_struct_oper_list.vector[1] 
_pdbx_struct_oper_list.matrix[2][1] 
_pdbx_struct_oper_list.matrix[2][2] 
_pdbx_struct_oper_list.matrix[2][3] 
_pdbx_struct_oper_list.vector[2] 
_pdbx_struct_oper_list.matrix[3][1] 
_pdbx_struct_oper_list.matrix[3][2] 
_pdbx_struct_oper_list.matrix[3][3] 
_pdbx_struct_oper_list.vector[3] 
1 'identity operation'         1_555 x,y,z     1.0000000000  0.0000000000  0.0000000000  0.0000000000   0.0000000000  1.0000000000  0.0000000000 0.0000000000   0.0000000000  0.0000000000 1.0000000000 0.0000000000 
2 'crystal symmetry operation' 2_655 -x+1,-y,z -0.9350306087 -0.0423816654 -0.3520249356 -18.5402370772 -0.0423816654 -0.9723530492 0.2296374144 -37.1518861613 -0.3520249356 0.2296374144 0.9073836579 1.0510928450 
# 
_struct_biol.id   1 
# 
loop_
_struct_conf.conf_type_id 
_struct_conf.id 
_struct_conf.pdbx_PDB_helix_id 
_struct_conf.beg_label_comp_id 
_struct_conf.beg_label_asym_id 
_struct_conf.beg_label_seq_id 
_struct_conf.pdbx_beg_PDB_ins_code 
_struct_conf.end_label_comp_id 
_struct_conf.end_label_asym_id 
_struct_conf.end_label_seq_id 
_struct_conf.pdbx_end_PDB_ins_code 
_struct_conf.beg_auth_comp_id 
_struct_conf.beg_auth_asym_id 
_struct_conf.beg_auth_seq_id 
_struct_conf.end_auth_comp_id 
_struct_conf.end_auth_asym_id 
_struct_conf.end_auth_seq_id 
_struct_conf.pdbx_PDB_helix_class 
_struct_conf.details 
_struct_conf.pdbx_PDB_helix_length 
HELX_P HELX_P1 1 SER A 3   ? PHE A 13  ? SER A 20  PHE A 30  1 ? 11 
HELX_P HELX_P2 2 ASP A 21  ? ALA A 25  ? ASP A 38  ALA A 42  5 ? 5  
HELX_P HELX_P3 3 THR A 101 ? ASN A 104 ? THR A 118 ASN A 121 5 ? 4  
# 
_struct_conf_type.id          HELX_P 
_struct_conf_type.criteria    ? 
_struct_conf_type.reference   ? 
# 
_struct_mon_prot_cis.pdbx_id                1 
_struct_mon_prot_cis.label_comp_id          GLU 
_struct_mon_prot_cis.label_seq_id           122 
_struct_mon_prot_cis.label_asym_id          A 
_struct_mon_prot_cis.label_alt_id           . 
_struct_mon_prot_cis.pdbx_PDB_ins_code      ? 
_struct_mon_prot_cis.auth_comp_id           GLU 
_struct_mon_prot_cis.auth_seq_id            139 
_struct_mon_prot_cis.auth_asym_id           A 
_struct_mon_prot_cis.pdbx_label_comp_id_2   PRO 
_struct_mon_prot_cis.pdbx_label_seq_id_2    123 
_struct_mon_prot_cis.pdbx_label_asym_id_2   A 
_struct_mon_prot_cis.pdbx_PDB_ins_code_2    ? 
_struct_mon_prot_cis.pdbx_auth_comp_id_2    PRO 
_struct_mon_prot_cis.pdbx_auth_seq_id_2     140 
_struct_mon_prot_cis.pdbx_auth_asym_id_2    A 
_struct_mon_prot_cis.pdbx_PDB_model_num     1 
_struct_mon_prot_cis.pdbx_omega_angle       -2.64 
# 
loop_
_struct_sheet.id 
_struct_sheet.type 
_struct_sheet.number_strands 
_struct_sheet.details 
AA ? 2 ? 
AB ? 7 ? 
AC ? 5 ? 
AD ? 6 ? 
# 
loop_
_struct_sheet_order.sheet_id 
_struct_sheet_order.range_id_1 
_struct_sheet_order.range_id_2 
_struct_sheet_order.offset 
_struct_sheet_order.sense 
AA 1 2 ? parallel      
AB 1 2 ? anti-parallel 
AB 2 3 ? anti-parallel 
AB 3 4 ? anti-parallel 
AB 4 5 ? anti-parallel 
AB 5 6 ? anti-parallel 
AB 6 7 ? anti-parallel 
AC 1 2 ? anti-parallel 
AC 2 3 ? anti-parallel 
AC 3 4 ? anti-parallel 
AC 4 5 ? parallel      
AD 1 2 ? anti-parallel 
AD 2 3 ? anti-parallel 
AD 3 4 ? anti-parallel 
AD 4 5 ? anti-parallel 
AD 5 6 ? anti-parallel 
# 
loop_
_struct_sheet_range.sheet_id 
_struct_sheet_range.id 
_struct_sheet_range.beg_label_comp_id 
_struct_sheet_range.beg_label_asym_id 
_struct_sheet_range.beg_label_seq_id 
_struct_sheet_range.pdbx_beg_PDB_ins_code 
_struct_sheet_range.end_label_comp_id 
_struct_sheet_range.end_label_asym_id 
_struct_sheet_range.end_label_seq_id 
_struct_sheet_range.pdbx_end_PDB_ins_code 
_struct_sheet_range.beg_auth_comp_id 
_struct_sheet_range.beg_auth_asym_id 
_struct_sheet_range.beg_auth_seq_id 
_struct_sheet_range.end_auth_comp_id 
_struct_sheet_range.end_auth_asym_id 
_struct_sheet_range.end_auth_seq_id 
AA 1 LYS A 14  ? PRO A 15  ? LYS A 31  PRO A 32  
AA 2 ARG A 70  ? GLU A 76  ? ARG A 87  GLU A 93  
AB 1 LEU A 29  ? VAL A 31  ? LEU A 46  VAL A 48  
AB 2 SER A 37  ? ARG A 40  ? SER A 54  ARG A 57  
AB 3 LEU A 184 ? CYS A 187 ? LEU A 201 CYS A 204 
AB 4 ARG A 70  ? GLU A 76  ? ARG A 87  GLU A 93  
AB 5 LYS A 135 ? ASP A 141 ? LYS A 152 ASP A 158 
AB 6 ASP A 146 ? ASN A 151 ? ASP A 163 ASN A 168 
AB 7 HIS A 157 ? PHE A 161 ? HIS A 174 PHE A 178 
AC 1 LEU A 29  ? VAL A 31  ? LEU A 46  VAL A 48  
AC 2 SER A 37  ? ARG A 40  ? SER A 54  ARG A 57  
AC 3 LEU A 184 ? CYS A 187 ? LEU A 201 CYS A 204 
AC 4 ARG A 70  ? GLU A 76  ? ARG A 87  GLU A 93  
AC 5 LYS A 14  ? PRO A 15  ? LYS A 31  PRO A 32  
AD 1 CYS A 59  ? LEU A 61  ? CYS A 76  LEU A 78  
AD 2 LEU A 170 ? ARG A 175 ? LEU A 187 ARG A 192 
AD 3 TRP A 83  ? SER A 89  ? TRP A 100 SER A 106 
AD 4 PHE A 106 ? THR A 112 ? PHE A 123 THR A 129 
AD 5 LYS A 116 ? THR A 119 ? LYS A 133 THR A 136 
AD 6 THR A 125 ? LEU A 127 ? THR A 142 LEU A 144 
# 
loop_
_pdbx_struct_sheet_hbond.sheet_id 
_pdbx_struct_sheet_hbond.range_id_1 
_pdbx_struct_sheet_hbond.range_id_2 
_pdbx_struct_sheet_hbond.range_1_label_atom_id 
_pdbx_struct_sheet_hbond.range_1_label_comp_id 
_pdbx_struct_sheet_hbond.range_1_label_asym_id 
_pdbx_struct_sheet_hbond.range_1_label_seq_id 
_pdbx_struct_sheet_hbond.range_1_PDB_ins_code 
_pdbx_struct_sheet_hbond.range_1_auth_atom_id 
_pdbx_struct_sheet_hbond.range_1_auth_comp_id 
_pdbx_struct_sheet_hbond.range_1_auth_asym_id 
_pdbx_struct_sheet_hbond.range_1_auth_seq_id 
_pdbx_struct_sheet_hbond.range_2_label_atom_id 
_pdbx_struct_sheet_hbond.range_2_label_comp_id 
_pdbx_struct_sheet_hbond.range_2_label_asym_id 
_pdbx_struct_sheet_hbond.range_2_label_seq_id 
_pdbx_struct_sheet_hbond.range_2_PDB_ins_code 
_pdbx_struct_sheet_hbond.range_2_auth_atom_id 
_pdbx_struct_sheet_hbond.range_2_auth_comp_id 
_pdbx_struct_sheet_hbond.range_2_auth_asym_id 
_pdbx_struct_sheet_hbond.range_2_auth_seq_id 
AA 1 2 N LYS A 14  ? N LYS A 31  O ARG A 70  ? O ARG A 87  
AB 1 2 N LEU A 30  ? N LEU A 47  O GLN A 39  ? O GLN A 56  
AB 2 3 N VAL A 38  ? N VAL A 55  O LEU A 184 ? O LEU A 201 
AB 3 4 N CYS A 187 ? N CYS A 204 O GLU A 74  ? O GLU A 91  
AB 4 5 N VAL A 75  ? N VAL A 92  O VAL A 136 ? O VAL A 153 
AB 5 6 N ASP A 141 ? N ASP A 158 O ASP A 146 ? O ASP A 163 
AB 6 7 O PHE A 149 ? O PHE A 166 N ILE A 158 ? N ILE A 175 
AC 1 2 N LEU A 30  ? N LEU A 47  O GLN A 39  ? O GLN A 56  
AC 2 3 N VAL A 38  ? N VAL A 55  O LEU A 184 ? O LEU A 201 
AC 3 4 N CYS A 187 ? N CYS A 204 O GLU A 74  ? O GLU A 91  
AC 4 5 N TYR A 72  ? N TYR A 89  O LYS A 14  ? O LYS A 31  
AD 1 2 N VAL A 60  ? N VAL A 77  O PHE A 174 ? O PHE A 191 
AD 2 3 N ARG A 175 ? N ARG A 192 O HIS A 84  ? O HIS A 101 
AD 3 4 N VAL A 87  ? N VAL A 104 O TRP A 107 ? O TRP A 124 
AD 4 5 N THR A 112 ? N THR A 129 O LYS A 116 ? O LYS A 133 
AD 5 6 N THR A 119 ? N THR A 136 O THR A 125 ? O THR A 142 
# 
_pdbx_validate_close_contact.id               1 
_pdbx_validate_close_contact.PDB_model_num    1 
_pdbx_validate_close_contact.auth_atom_id_1   O 
_pdbx_validate_close_contact.auth_asym_id_1   A 
_pdbx_validate_close_contact.auth_comp_id_1   HOH 
_pdbx_validate_close_contact.auth_seq_id_1    2078 
_pdbx_validate_close_contact.PDB_ins_code_1   ? 
_pdbx_validate_close_contact.label_alt_id_1   ? 
_pdbx_validate_close_contact.auth_atom_id_2   O 
_pdbx_validate_close_contact.auth_asym_id_2   A 
_pdbx_validate_close_contact.auth_comp_id_2   HOH 
_pdbx_validate_close_contact.auth_seq_id_2    2112 
_pdbx_validate_close_contact.PDB_ins_code_2   ? 
_pdbx_validate_close_contact.label_alt_id_2   ? 
_pdbx_validate_close_contact.dist             1.96 
# 
_pdbx_validate_symm_contact.id                1 
_pdbx_validate_symm_contact.PDB_model_num     1 
_pdbx_validate_symm_contact.auth_atom_id_1    NH1 
_pdbx_validate_symm_contact.auth_asym_id_1    A 
_pdbx_validate_symm_contact.auth_comp_id_1    ARG 
_pdbx_validate_symm_contact.auth_seq_id_1     18 
_pdbx_validate_symm_contact.PDB_ins_code_1    ? 
_pdbx_validate_symm_contact.label_alt_id_1    ? 
_pdbx_validate_symm_contact.site_symmetry_1   1_555 
_pdbx_validate_symm_contact.auth_atom_id_2    O 
_pdbx_validate_symm_contact.auth_asym_id_2    A 
_pdbx_validate_symm_contact.auth_comp_id_2    HOH 
_pdbx_validate_symm_contact.auth_seq_id_2     2106 
_pdbx_validate_symm_contact.PDB_ins_code_2    ? 
_pdbx_validate_symm_contact.label_alt_id_2    ? 
_pdbx_validate_symm_contact.site_symmetry_2   2_655 
_pdbx_validate_symm_contact.dist              1.65 
# 
loop_
_pdbx_validate_rmsd_angle.id 
_pdbx_validate_rmsd_angle.PDB_model_num 
_pdbx_validate_rmsd_angle.auth_atom_id_1 
_pdbx_validate_rmsd_angle.auth_asym_id_1 
_pdbx_validate_rmsd_angle.auth_comp_id_1 
_pdbx_validate_rmsd_angle.auth_seq_id_1 
_pdbx_validate_rmsd_angle.PDB_ins_code_1 
_pdbx_validate_rmsd_angle.label_alt_id_1 
_pdbx_validate_rmsd_angle.auth_atom_id_2 
_pdbx_validate_rmsd_angle.auth_asym_id_2 
_pdbx_validate_rmsd_angle.auth_comp_id_2 
_pdbx_validate_rmsd_angle.auth_seq_id_2 
_pdbx_validate_rmsd_angle.PDB_ins_code_2 
_pdbx_validate_rmsd_angle.label_alt_id_2 
_pdbx_validate_rmsd_angle.auth_atom_id_3 
_pdbx_validate_rmsd_angle.auth_asym_id_3 
_pdbx_validate_rmsd_angle.auth_comp_id_3 
_pdbx_validate_rmsd_angle.auth_seq_id_3 
_pdbx_validate_rmsd_angle.PDB_ins_code_3 
_pdbx_validate_rmsd_angle.label_alt_id_3 
_pdbx_validate_rmsd_angle.angle_value 
_pdbx_validate_rmsd_angle.angle_target_value 
_pdbx_validate_rmsd_angle.angle_deviation 
_pdbx_validate_rmsd_angle.angle_standard_deviation 
_pdbx_validate_rmsd_angle.linker_flag 
1 1 CB A ASP 34 ? ? CG A ASP 34 ? ? OD2 A ASP 34 ? ? 112.69 118.30 -5.61 0.90 N 
2 1 NE A ARG 53 ? ? CZ A ARG 53 ? ? NH2 A ARG 53 ? ? 117.10 120.30 -3.20 0.50 N 
3 1 NE A ARG 70 ? ? CZ A ARG 70 ? ? NH1 A ARG 70 ? ? 123.57 120.30 3.27  0.50 N 
# 
loop_
_pdbx_validate_torsion.id 
_pdbx_validate_torsion.PDB_model_num 
_pdbx_validate_torsion.auth_comp_id 
_pdbx_validate_torsion.auth_asym_id 
_pdbx_validate_torsion.auth_seq_id 
_pdbx_validate_torsion.PDB_ins_code 
_pdbx_validate_torsion.label_alt_id 
_pdbx_validate_torsion.phi 
_pdbx_validate_torsion.psi 
1 1 ASP A 66  ? ? -105.79 56.86  
2 1 TRP A 100 ? ? -174.48 148.65 
3 1 ASN A 132 ? ? -148.00 16.59  
# 
loop_
_chem_comp_atom.comp_id 
_chem_comp_atom.atom_id 
_chem_comp_atom.type_symbol 
_chem_comp_atom.pdbx_aromatic_flag 
_chem_comp_atom.pdbx_stereo_config 
_chem_comp_atom.pdbx_ordinal 
ALA N    N N N 1   
ALA CA   C N S 2   
ALA C    C N N 3   
ALA O    O N N 4   
ALA CB   C N N 5   
ALA OXT  O N N 6   
ALA H    H N N 7   
ALA H2   H N N 8   
ALA HA   H N N 9   
ALA HB1  H N N 10  
ALA HB2  H N N 11  
ALA HB3  H N N 12  
ALA HXT  H N N 13  
ARG N    N N N 14  
ARG CA   C N S 15  
ARG C    C N N 16  
ARG O    O N N 17  
ARG CB   C N N 18  
ARG CG   C N N 19  
ARG CD   C N N 20  
ARG NE   N N N 21  
ARG CZ   C N N 22  
ARG NH1  N N N 23  
ARG NH2  N N N 24  
ARG OXT  O N N 25  
ARG H    H N N 26  
ARG H2   H N N 27  
ARG HA   H N N 28  
ARG HB2  H N N 29  
ARG HB3  H N N 30  
ARG HG2  H N N 31  
ARG HG3  H N N 32  
ARG HD2  H N N 33  
ARG HD3  H N N 34  
ARG HE   H N N 35  
ARG HH11 H N N 36  
ARG HH12 H N N 37  
ARG HH21 H N N 38  
ARG HH22 H N N 39  
ARG HXT  H N N 40  
ASN N    N N N 41  
ASN CA   C N S 42  
ASN C    C N N 43  
ASN O    O N N 44  
ASN CB   C N N 45  
ASN CG   C N N 46  
ASN OD1  O N N 47  
ASN ND2  N N N 48  
ASN OXT  O N N 49  
ASN H    H N N 50  
ASN H2   H N N 51  
ASN HA   H N N 52  
ASN HB2  H N N 53  
ASN HB3  H N N 54  
ASN HD21 H N N 55  
ASN HD22 H N N 56  
ASN HXT  H N N 57  
ASP N    N N N 58  
ASP CA   C N S 59  
ASP C    C N N 60  
ASP O    O N N 61  
ASP CB   C N N 62  
ASP CG   C N N 63  
ASP OD1  O N N 64  
ASP OD2  O N N 65  
ASP OXT  O N N 66  
ASP H    H N N 67  
ASP H2   H N N 68  
ASP HA   H N N 69  
ASP HB2  H N N 70  
ASP HB3  H N N 71  
ASP HD2  H N N 72  
ASP HXT  H N N 73  
CYS N    N N N 74  
CYS CA   C N R 75  
CYS C    C N N 76  
CYS O    O N N 77  
CYS CB   C N N 78  
CYS SG   S N N 79  
CYS OXT  O N N 80  
CYS H    H N N 81  
CYS H2   H N N 82  
CYS HA   H N N 83  
CYS HB2  H N N 84  
CYS HB3  H N N 85  
CYS HG   H N N 86  
CYS HXT  H N N 87  
GLN N    N N N 88  
GLN CA   C N S 89  
GLN C    C N N 90  
GLN O    O N N 91  
GLN CB   C N N 92  
GLN CG   C N N 93  
GLN CD   C N N 94  
GLN OE1  O N N 95  
GLN NE2  N N N 96  
GLN OXT  O N N 97  
GLN H    H N N 98  
GLN H2   H N N 99  
GLN HA   H N N 100 
GLN HB2  H N N 101 
GLN HB3  H N N 102 
GLN HG2  H N N 103 
GLN HG3  H N N 104 
GLN HE21 H N N 105 
GLN HE22 H N N 106 
GLN HXT  H N N 107 
GLU N    N N N 108 
GLU CA   C N S 109 
GLU C    C N N 110 
GLU O    O N N 111 
GLU CB   C N N 112 
GLU CG   C N N 113 
GLU CD   C N N 114 
GLU OE1  O N N 115 
GLU OE2  O N N 116 
GLU OXT  O N N 117 
GLU H    H N N 118 
GLU H2   H N N 119 
GLU HA   H N N 120 
GLU HB2  H N N 121 
GLU HB3  H N N 122 
GLU HG2  H N N 123 
GLU HG3  H N N 124 
GLU HE2  H N N 125 
GLU HXT  H N N 126 
GLY N    N N N 127 
GLY CA   C N N 128 
GLY C    C N N 129 
GLY O    O N N 130 
GLY OXT  O N N 131 
GLY H    H N N 132 
GLY H2   H N N 133 
GLY HA2  H N N 134 
GLY HA3  H N N 135 
GLY HXT  H N N 136 
HIS N    N N N 137 
HIS CA   C N S 138 
HIS C    C N N 139 
HIS O    O N N 140 
HIS CB   C N N 141 
HIS CG   C Y N 142 
HIS ND1  N Y N 143 
HIS CD2  C Y N 144 
HIS CE1  C Y N 145 
HIS NE2  N Y N 146 
HIS OXT  O N N 147 
HIS H    H N N 148 
HIS H2   H N N 149 
HIS HA   H N N 150 
HIS HB2  H N N 151 
HIS HB3  H N N 152 
HIS HD1  H N N 153 
HIS HD2  H N N 154 
HIS HE1  H N N 155 
HIS HE2  H N N 156 
HIS HXT  H N N 157 
HOH O    O N N 158 
HOH H1   H N N 159 
HOH H2   H N N 160 
ILE N    N N N 161 
ILE CA   C N S 162 
ILE C    C N N 163 
ILE O    O N N 164 
ILE CB   C N S 165 
ILE CG1  C N N 166 
ILE CG2  C N N 167 
ILE CD1  C N N 168 
ILE OXT  O N N 169 
ILE H    H N N 170 
ILE H2   H N N 171 
ILE HA   H N N 172 
ILE HB   H N N 173 
ILE HG12 H N N 174 
ILE HG13 H N N 175 
ILE HG21 H N N 176 
ILE HG22 H N N 177 
ILE HG23 H N N 178 
ILE HD11 H N N 179 
ILE HD12 H N N 180 
ILE HD13 H N N 181 
ILE HXT  H N N 182 
LEU N    N N N 183 
LEU CA   C N S 184 
LEU C    C N N 185 
LEU O    O N N 186 
LEU CB   C N N 187 
LEU CG   C N N 188 
LEU CD1  C N N 189 
LEU CD2  C N N 190 
LEU OXT  O N N 191 
LEU H    H N N 192 
LEU H2   H N N 193 
LEU HA   H N N 194 
LEU HB2  H N N 195 
LEU HB3  H N N 196 
LEU HG   H N N 197 
LEU HD11 H N N 198 
LEU HD12 H N N 199 
LEU HD13 H N N 200 
LEU HD21 H N N 201 
LEU HD22 H N N 202 
LEU HD23 H N N 203 
LEU HXT  H N N 204 
LYS N    N N N 205 
LYS CA   C N S 206 
LYS C    C N N 207 
LYS O    O N N 208 
LYS CB   C N N 209 
LYS CG   C N N 210 
LYS CD   C N N 211 
LYS CE   C N N 212 
LYS NZ   N N N 213 
LYS OXT  O N N 214 
LYS H    H N N 215 
LYS H2   H N N 216 
LYS HA   H N N 217 
LYS HB2  H N N 218 
LYS HB3  H N N 219 
LYS HG2  H N N 220 
LYS HG3  H N N 221 
LYS HD2  H N N 222 
LYS HD3  H N N 223 
LYS HE2  H N N 224 
LYS HE3  H N N 225 
LYS HZ1  H N N 226 
LYS HZ2  H N N 227 
LYS HZ3  H N N 228 
LYS HXT  H N N 229 
MET N    N N N 230 
MET CA   C N S 231 
MET C    C N N 232 
MET O    O N N 233 
MET CB   C N N 234 
MET CG   C N N 235 
MET SD   S N N 236 
MET CE   C N N 237 
MET OXT  O N N 238 
MET H    H N N 239 
MET H2   H N N 240 
MET HA   H N N 241 
MET HB2  H N N 242 
MET HB3  H N N 243 
MET HG2  H N N 244 
MET HG3  H N N 245 
MET HE1  H N N 246 
MET HE2  H N N 247 
MET HE3  H N N 248 
MET HXT  H N N 249 
PHE N    N N N 250 
PHE CA   C N S 251 
PHE C    C N N 252 
PHE O    O N N 253 
PHE CB   C N N 254 
PHE CG   C Y N 255 
PHE CD1  C Y N 256 
PHE CD2  C Y N 257 
PHE CE1  C Y N 258 
PHE CE2  C Y N 259 
PHE CZ   C Y N 260 
PHE OXT  O N N 261 
PHE H    H N N 262 
PHE H2   H N N 263 
PHE HA   H N N 264 
PHE HB2  H N N 265 
PHE HB3  H N N 266 
PHE HD1  H N N 267 
PHE HD2  H N N 268 
PHE HE1  H N N 269 
PHE HE2  H N N 270 
PHE HZ   H N N 271 
PHE HXT  H N N 272 
PRO N    N N N 273 
PRO CA   C N S 274 
PRO C    C N N 275 
PRO O    O N N 276 
PRO CB   C N N 277 
PRO CG   C N N 278 
PRO CD   C N N 279 
PRO OXT  O N N 280 
PRO H    H N N 281 
PRO HA   H N N 282 
PRO HB2  H N N 283 
PRO HB3  H N N 284 
PRO HG2  H N N 285 
PRO HG3  H N N 286 
PRO HD2  H N N 287 
PRO HD3  H N N 288 
PRO HXT  H N N 289 
SER N    N N N 290 
SER CA   C N S 291 
SER C    C N N 292 
SER O    O N N 293 
SER CB   C N N 294 
SER OG   O N N 295 
SER OXT  O N N 296 
SER H    H N N 297 
SER H2   H N N 298 
SER HA   H N N 299 
SER HB2  H N N 300 
SER HB3  H N N 301 
SER HG   H N N 302 
SER HXT  H N N 303 
THR N    N N N 304 
THR CA   C N S 305 
THR C    C N N 306 
THR O    O N N 307 
THR CB   C N R 308 
THR OG1  O N N 309 
THR CG2  C N N 310 
THR OXT  O N N 311 
THR H    H N N 312 
THR H2   H N N 313 
THR HA   H N N 314 
THR HB   H N N 315 
THR HG1  H N N 316 
THR HG21 H N N 317 
THR HG22 H N N 318 
THR HG23 H N N 319 
THR HXT  H N N 320 
TRP N    N N N 321 
TRP CA   C N S 322 
TRP C    C N N 323 
TRP O    O N N 324 
TRP CB   C N N 325 
TRP CG   C Y N 326 
TRP CD1  C Y N 327 
TRP CD2  C Y N 328 
TRP NE1  N Y N 329 
TRP CE2  C Y N 330 
TRP CE3  C Y N 331 
TRP CZ2  C Y N 332 
TRP CZ3  C Y N 333 
TRP CH2  C Y N 334 
TRP OXT  O N N 335 
TRP H    H N N 336 
TRP H2   H N N 337 
TRP HA   H N N 338 
TRP HB2  H N N 339 
TRP HB3  H N N 340 
TRP HD1  H N N 341 
TRP HE1  H N N 342 
TRP HE3  H N N 343 
TRP HZ2  H N N 344 
TRP HZ3  H N N 345 
TRP HH2  H N N 346 
TRP HXT  H N N 347 
TYR N    N N N 348 
TYR CA   C N S 349 
TYR C    C N N 350 
TYR O    O N N 351 
TYR CB   C N N 352 
TYR CG   C Y N 353 
TYR CD1  C Y N 354 
TYR CD2  C Y N 355 
TYR CE1  C Y N 356 
TYR CE2  C Y N 357 
TYR CZ   C Y N 358 
TYR OH   O N N 359 
TYR OXT  O N N 360 
TYR H    H N N 361 
TYR H2   H N N 362 
TYR HA   H N N 363 
TYR HB2  H N N 364 
TYR HB3  H N N 365 
TYR HD1  H N N 366 
TYR HD2  H N N 367 
TYR HE1  H N N 368 
TYR HE2  H N N 369 
TYR HH   H N N 370 
TYR HXT  H N N 371 
VAL N    N N N 372 
VAL CA   C N S 373 
VAL C    C N N 374 
VAL O    O N N 375 
VAL CB   C N N 376 
VAL CG1  C N N 377 
VAL CG2  C N N 378 
VAL OXT  O N N 379 
VAL H    H N N 380 
VAL H2   H N N 381 
VAL HA   H N N 382 
VAL HB   H N N 383 
VAL HG11 H N N 384 
VAL HG12 H N N 385 
VAL HG13 H N N 386 
VAL HG21 H N N 387 
VAL HG22 H N N 388 
VAL HG23 H N N 389 
VAL HXT  H N N 390 
# 
loop_
_chem_comp_bond.comp_id 
_chem_comp_bond.atom_id_1 
_chem_comp_bond.atom_id_2 
_chem_comp_bond.value_order 
_chem_comp_bond.pdbx_aromatic_flag 
_chem_comp_bond.pdbx_stereo_config 
_chem_comp_bond.pdbx_ordinal 
ALA N   CA   sing N N 1   
ALA N   H    sing N N 2   
ALA N   H2   sing N N 3   
ALA CA  C    sing N N 4   
ALA CA  CB   sing N N 5   
ALA CA  HA   sing N N 6   
ALA C   O    doub N N 7   
ALA C   OXT  sing N N 8   
ALA CB  HB1  sing N N 9   
ALA CB  HB2  sing N N 10  
ALA CB  HB3  sing N N 11  
ALA OXT HXT  sing N N 12  
ARG N   CA   sing N N 13  
ARG N   H    sing N N 14  
ARG N   H2   sing N N 15  
ARG CA  C    sing N N 16  
ARG CA  CB   sing N N 17  
ARG CA  HA   sing N N 18  
ARG C   O    doub N N 19  
ARG C   OXT  sing N N 20  
ARG CB  CG   sing N N 21  
ARG CB  HB2  sing N N 22  
ARG CB  HB3  sing N N 23  
ARG CG  CD   sing N N 24  
ARG CG  HG2  sing N N 25  
ARG CG  HG3  sing N N 26  
ARG CD  NE   sing N N 27  
ARG CD  HD2  sing N N 28  
ARG CD  HD3  sing N N 29  
ARG NE  CZ   sing N N 30  
ARG NE  HE   sing N N 31  
ARG CZ  NH1  sing N N 32  
ARG CZ  NH2  doub N N 33  
ARG NH1 HH11 sing N N 34  
ARG NH1 HH12 sing N N 35  
ARG NH2 HH21 sing N N 36  
ARG NH2 HH22 sing N N 37  
ARG OXT HXT  sing N N 38  
ASN N   CA   sing N N 39  
ASN N   H    sing N N 40  
ASN N   H2   sing N N 41  
ASN CA  C    sing N N 42  
ASN CA  CB   sing N N 43  
ASN CA  HA   sing N N 44  
ASN C   O    doub N N 45  
ASN C   OXT  sing N N 46  
ASN CB  CG   sing N N 47  
ASN CB  HB2  sing N N 48  
ASN CB  HB3  sing N N 49  
ASN CG  OD1  doub N N 50  
ASN CG  ND2  sing N N 51  
ASN ND2 HD21 sing N N 52  
ASN ND2 HD22 sing N N 53  
ASN OXT HXT  sing N N 54  
ASP N   CA   sing N N 55  
ASP N   H    sing N N 56  
ASP N   H2   sing N N 57  
ASP CA  C    sing N N 58  
ASP CA  CB   sing N N 59  
ASP CA  HA   sing N N 60  
ASP C   O    doub N N 61  
ASP C   OXT  sing N N 62  
ASP CB  CG   sing N N 63  
ASP CB  HB2  sing N N 64  
ASP CB  HB3  sing N N 65  
ASP CG  OD1  doub N N 66  
ASP CG  OD2  sing N N 67  
ASP OD2 HD2  sing N N 68  
ASP OXT HXT  sing N N 69  
CYS N   CA   sing N N 70  
CYS N   H    sing N N 71  
CYS N   H2   sing N N 72  
CYS CA  C    sing N N 73  
CYS CA  CB   sing N N 74  
CYS CA  HA   sing N N 75  
CYS C   O    doub N N 76  
CYS C   OXT  sing N N 77  
CYS CB  SG   sing N N 78  
CYS CB  HB2  sing N N 79  
CYS CB  HB3  sing N N 80  
CYS SG  HG   sing N N 81  
CYS OXT HXT  sing N N 82  
GLN N   CA   sing N N 83  
GLN N   H    sing N N 84  
GLN N   H2   sing N N 85  
GLN CA  C    sing N N 86  
GLN CA  CB   sing N N 87  
GLN CA  HA   sing N N 88  
GLN C   O    doub N N 89  
GLN C   OXT  sing N N 90  
GLN CB  CG   sing N N 91  
GLN CB  HB2  sing N N 92  
GLN CB  HB3  sing N N 93  
GLN CG  CD   sing N N 94  
GLN CG  HG2  sing N N 95  
GLN CG  HG3  sing N N 96  
GLN CD  OE1  doub N N 97  
GLN CD  NE2  sing N N 98  
GLN NE2 HE21 sing N N 99  
GLN NE2 HE22 sing N N 100 
GLN OXT HXT  sing N N 101 
GLU N   CA   sing N N 102 
GLU N   H    sing N N 103 
GLU N   H2   sing N N 104 
GLU CA  C    sing N N 105 
GLU CA  CB   sing N N 106 
GLU CA  HA   sing N N 107 
GLU C   O    doub N N 108 
GLU C   OXT  sing N N 109 
GLU CB  CG   sing N N 110 
GLU CB  HB2  sing N N 111 
GLU CB  HB3  sing N N 112 
GLU CG  CD   sing N N 113 
GLU CG  HG2  sing N N 114 
GLU CG  HG3  sing N N 115 
GLU CD  OE1  doub N N 116 
GLU CD  OE2  sing N N 117 
GLU OE2 HE2  sing N N 118 
GLU OXT HXT  sing N N 119 
GLY N   CA   sing N N 120 
GLY N   H    sing N N 121 
GLY N   H2   sing N N 122 
GLY CA  C    sing N N 123 
GLY CA  HA2  sing N N 124 
GLY CA  HA3  sing N N 125 
GLY C   O    doub N N 126 
GLY C   OXT  sing N N 127 
GLY OXT HXT  sing N N 128 
HIS N   CA   sing N N 129 
HIS N   H    sing N N 130 
HIS N   H2   sing N N 131 
HIS CA  C    sing N N 132 
HIS CA  CB   sing N N 133 
HIS CA  HA   sing N N 134 
HIS C   O    doub N N 135 
HIS C   OXT  sing N N 136 
HIS CB  CG   sing N N 137 
HIS CB  HB2  sing N N 138 
HIS CB  HB3  sing N N 139 
HIS CG  ND1  sing Y N 140 
HIS CG  CD2  doub Y N 141 
HIS ND1 CE1  doub Y N 142 
HIS ND1 HD1  sing N N 143 
HIS CD2 NE2  sing Y N 144 
HIS CD2 HD2  sing N N 145 
HIS CE1 NE2  sing Y N 146 
HIS CE1 HE1  sing N N 147 
HIS NE2 HE2  sing N N 148 
HIS OXT HXT  sing N N 149 
HOH O   H1   sing N N 150 
HOH O   H2   sing N N 151 
ILE N   CA   sing N N 152 
ILE N   H    sing N N 153 
ILE N   H2   sing N N 154 
ILE CA  C    sing N N 155 
ILE CA  CB   sing N N 156 
ILE CA  HA   sing N N 157 
ILE C   O    doub N N 158 
ILE C   OXT  sing N N 159 
ILE CB  CG1  sing N N 160 
ILE CB  CG2  sing N N 161 
ILE CB  HB   sing N N 162 
ILE CG1 CD1  sing N N 163 
ILE CG1 HG12 sing N N 164 
ILE CG1 HG13 sing N N 165 
ILE CG2 HG21 sing N N 166 
ILE CG2 HG22 sing N N 167 
ILE CG2 HG23 sing N N 168 
ILE CD1 HD11 sing N N 169 
ILE CD1 HD12 sing N N 170 
ILE CD1 HD13 sing N N 171 
ILE OXT HXT  sing N N 172 
LEU N   CA   sing N N 173 
LEU N   H    sing N N 174 
LEU N   H2   sing N N 175 
LEU CA  C    sing N N 176 
LEU CA  CB   sing N N 177 
LEU CA  HA   sing N N 178 
LEU C   O    doub N N 179 
LEU C   OXT  sing N N 180 
LEU CB  CG   sing N N 181 
LEU CB  HB2  sing N N 182 
LEU CB  HB3  sing N N 183 
LEU CG  CD1  sing N N 184 
LEU CG  CD2  sing N N 185 
LEU CG  HG   sing N N 186 
LEU CD1 HD11 sing N N 187 
LEU CD1 HD12 sing N N 188 
LEU CD1 HD13 sing N N 189 
LEU CD2 HD21 sing N N 190 
LEU CD2 HD22 sing N N 191 
LEU CD2 HD23 sing N N 192 
LEU OXT HXT  sing N N 193 
LYS N   CA   sing N N 194 
LYS N   H    sing N N 195 
LYS N   H2   sing N N 196 
LYS CA  C    sing N N 197 
LYS CA  CB   sing N N 198 
LYS CA  HA   sing N N 199 
LYS C   O    doub N N 200 
LYS C   OXT  sing N N 201 
LYS CB  CG   sing N N 202 
LYS CB  HB2  sing N N 203 
LYS CB  HB3  sing N N 204 
LYS CG  CD   sing N N 205 
LYS CG  HG2  sing N N 206 
LYS CG  HG3  sing N N 207 
LYS CD  CE   sing N N 208 
LYS CD  HD2  sing N N 209 
LYS CD  HD3  sing N N 210 
LYS CE  NZ   sing N N 211 
LYS CE  HE2  sing N N 212 
LYS CE  HE3  sing N N 213 
LYS NZ  HZ1  sing N N 214 
LYS NZ  HZ2  sing N N 215 
LYS NZ  HZ3  sing N N 216 
LYS OXT HXT  sing N N 217 
MET N   CA   sing N N 218 
MET N   H    sing N N 219 
MET N   H2   sing N N 220 
MET CA  C    sing N N 221 
MET CA  CB   sing N N 222 
MET CA  HA   sing N N 223 
MET C   O    doub N N 224 
MET C   OXT  sing N N 225 
MET CB  CG   sing N N 226 
MET CB  HB2  sing N N 227 
MET CB  HB3  sing N N 228 
MET CG  SD   sing N N 229 
MET CG  HG2  sing N N 230 
MET CG  HG3  sing N N 231 
MET SD  CE   sing N N 232 
MET CE  HE1  sing N N 233 
MET CE  HE2  sing N N 234 
MET CE  HE3  sing N N 235 
MET OXT HXT  sing N N 236 
PHE N   CA   sing N N 237 
PHE N   H    sing N N 238 
PHE N   H2   sing N N 239 
PHE CA  C    sing N N 240 
PHE CA  CB   sing N N 241 
PHE CA  HA   sing N N 242 
PHE C   O    doub N N 243 
PHE C   OXT  sing N N 244 
PHE CB  CG   sing N N 245 
PHE CB  HB2  sing N N 246 
PHE CB  HB3  sing N N 247 
PHE CG  CD1  doub Y N 248 
PHE CG  CD2  sing Y N 249 
PHE CD1 CE1  sing Y N 250 
PHE CD1 HD1  sing N N 251 
PHE CD2 CE2  doub Y N 252 
PHE CD2 HD2  sing N N 253 
PHE CE1 CZ   doub Y N 254 
PHE CE1 HE1  sing N N 255 
PHE CE2 CZ   sing Y N 256 
PHE CE2 HE2  sing N N 257 
PHE CZ  HZ   sing N N 258 
PHE OXT HXT  sing N N 259 
PRO N   CA   sing N N 260 
PRO N   CD   sing N N 261 
PRO N   H    sing N N 262 
PRO CA  C    sing N N 263 
PRO CA  CB   sing N N 264 
PRO CA  HA   sing N N 265 
PRO C   O    doub N N 266 
PRO C   OXT  sing N N 267 
PRO CB  CG   sing N N 268 
PRO CB  HB2  sing N N 269 
PRO CB  HB3  sing N N 270 
PRO CG  CD   sing N N 271 
PRO CG  HG2  sing N N 272 
PRO CG  HG3  sing N N 273 
PRO CD  HD2  sing N N 274 
PRO CD  HD3  sing N N 275 
PRO OXT HXT  sing N N 276 
SER N   CA   sing N N 277 
SER N   H    sing N N 278 
SER N   H2   sing N N 279 
SER CA  C    sing N N 280 
SER CA  CB   sing N N 281 
SER CA  HA   sing N N 282 
SER C   O    doub N N 283 
SER C   OXT  sing N N 284 
SER CB  OG   sing N N 285 
SER CB  HB2  sing N N 286 
SER CB  HB3  sing N N 287 
SER OG  HG   sing N N 288 
SER OXT HXT  sing N N 289 
THR N   CA   sing N N 290 
THR N   H    sing N N 291 
THR N   H2   sing N N 292 
THR CA  C    sing N N 293 
THR CA  CB   sing N N 294 
THR CA  HA   sing N N 295 
THR C   O    doub N N 296 
THR C   OXT  sing N N 297 
THR CB  OG1  sing N N 298 
THR CB  CG2  sing N N 299 
THR CB  HB   sing N N 300 
THR OG1 HG1  sing N N 301 
THR CG2 HG21 sing N N 302 
THR CG2 HG22 sing N N 303 
THR CG2 HG23 sing N N 304 
THR OXT HXT  sing N N 305 
TRP N   CA   sing N N 306 
TRP N   H    sing N N 307 
TRP N   H2   sing N N 308 
TRP CA  C    sing N N 309 
TRP CA  CB   sing N N 310 
TRP CA  HA   sing N N 311 
TRP C   O    doub N N 312 
TRP C   OXT  sing N N 313 
TRP CB  CG   sing N N 314 
TRP CB  HB2  sing N N 315 
TRP CB  HB3  sing N N 316 
TRP CG  CD1  doub Y N 317 
TRP CG  CD2  sing Y N 318 
TRP CD1 NE1  sing Y N 319 
TRP CD1 HD1  sing N N 320 
TRP CD2 CE2  doub Y N 321 
TRP CD2 CE3  sing Y N 322 
TRP NE1 CE2  sing Y N 323 
TRP NE1 HE1  sing N N 324 
TRP CE2 CZ2  sing Y N 325 
TRP CE3 CZ3  doub Y N 326 
TRP CE3 HE3  sing N N 327 
TRP CZ2 CH2  doub Y N 328 
TRP CZ2 HZ2  sing N N 329 
TRP CZ3 CH2  sing Y N 330 
TRP CZ3 HZ3  sing N N 331 
TRP CH2 HH2  sing N N 332 
TRP OXT HXT  sing N N 333 
TYR N   CA   sing N N 334 
TYR N   H    sing N N 335 
TYR N   H2   sing N N 336 
TYR CA  C    sing N N 337 
TYR CA  CB   sing N N 338 
TYR CA  HA   sing N N 339 
TYR C   O    doub N N 340 
TYR C   OXT  sing N N 341 
TYR CB  CG   sing N N 342 
TYR CB  HB2  sing N N 343 
TYR CB  HB3  sing N N 344 
TYR CG  CD1  doub Y N 345 
TYR CG  CD2  sing Y N 346 
TYR CD1 CE1  sing Y N 347 
TYR CD1 HD1  sing N N 348 
TYR CD2 CE2  doub Y N 349 
TYR CD2 HD2  sing N N 350 
TYR CE1 CZ   doub Y N 351 
TYR CE1 HE1  sing N N 352 
TYR CE2 CZ   sing Y N 353 
TYR CE2 HE2  sing N N 354 
TYR CZ  OH   sing N N 355 
TYR OH  HH   sing N N 356 
TYR OXT HXT  sing N N 357 
VAL N   CA   sing N N 358 
VAL N   H    sing N N 359 
VAL N   H2   sing N N 360 
VAL CA  C    sing N N 361 
VAL CA  CB   sing N N 362 
VAL CA  HA   sing N N 363 
VAL C   O    doub N N 364 
VAL C   OXT  sing N N 365 
VAL CB  CG1  sing N N 366 
VAL CB  CG2  sing N N 367 
VAL CB  HB   sing N N 368 
VAL CG1 HG11 sing N N 369 
VAL CG1 HG12 sing N N 370 
VAL CG1 HG13 sing N N 371 
VAL CG2 HG21 sing N N 372 
VAL CG2 HG22 sing N N 373 
VAL CG2 HG23 sing N N 374 
VAL OXT HXT  sing N N 375 
# 
_atom_sites.entry_id                    4V1P 
_atom_sites.fract_transf_matrix[1][1]   -0.02203101 
_atom_sites.fract_transf_matrix[1][2]   -0.00124590 
_atom_sites.fract_transf_matrix[1][3]   -0.00391602 
_atom_sites.fract_transf_matrix[2][1]   -0.00027071 
_atom_sites.fract_transf_matrix[2][2]   0.00795387 
_atom_sites.fract_transf_matrix[2][3]   -0.00100756 
_atom_sites.fract_transf_matrix[3][1]   0.00464268 
_atom_sites.fract_transf_matrix[3][2]   -0.00302857 
_atom_sites.fract_transf_matrix[3][3]   -0.02515550 
_atom_sites.fract_transf_vector[1]      0.274674 
_atom_sites.fract_transf_vector[2]      0.145771 
_atom_sites.fract_transf_vector[3]      0.359905 
# 
loop_
_atom_type.symbol 
C 
N 
O 
S 
# 
loop_
_atom_site.group_PDB 
_atom_site.id 
_atom_site.type_symbol 
_atom_site.label_atom_id 
_atom_site.label_alt_id 
_atom_site.label_comp_id 
_atom_site.label_asym_id 
_atom_site.label_entity_id 
_atom_site.label_seq_id 
_atom_site.pdbx_PDB_ins_code 
_atom_site.Cartn_x 
_atom_site.Cartn_y 
_atom_site.Cartn_z 
_atom_site.occupancy 
_atom_site.B_iso_or_equiv 
_atom_site.pdbx_formal_charge 
_atom_site.auth_seq_id 
_atom_site.auth_comp_id 
_atom_site.auth_asym_id 
_atom_site.auth_atom_id 
_atom_site.pdbx_PDB_model_num 
ATOM   1    N N   . ARG A 1 1   ? -17.188 -13.109 -5.810  1.00 103.21 ? 18   ARG A N   1 
ATOM   2    C CA  . ARG A 1 1   ? -17.878 -14.410 -5.942  1.00 53.07  ? 18   ARG A CA  1 
ATOM   3    C C   . ARG A 1 1   ? -17.860 -15.183 -4.584  1.00 45.74  ? 18   ARG A C   1 
ATOM   4    O O   . ARG A 1 1   ? -17.617 -14.601 -3.531  1.00 44.51  ? 18   ARG A O   1 
ATOM   5    C CB  . ARG A 1 1   ? -17.237 -15.202 -7.091  1.00 56.03  ? 18   ARG A CB  1 
ATOM   6    C CG  . ARG A 1 1   ? -18.218 -16.143 -7.811  1.00 100.40 ? 18   ARG A CG  1 
ATOM   7    C CD  . ARG A 1 1   ? -17.612 -16.863 -9.011  1.00 103.79 ? 18   ARG A CD  1 
ATOM   8    N NE  . ARG A 1 1   ? -16.154 -16.854 -8.982  1.00 106.77 ? 18   ARG A NE  1 
ATOM   9    C CZ  . ARG A 1 1   ? -15.418 -17.392 -8.016  1.00 142.93 ? 18   ARG A CZ  1 
ATOM   10   N NH1 . ARG A 1 1   ? -16.002 -17.976 -6.969  1.00 150.51 ? 18   ARG A NH1 1 
ATOM   11   N NH2 . ARG A 1 1   ? -14.092 -17.333 -8.078  1.00 148.28 ? 18   ARG A NH2 1 
ATOM   12   N N   . HIS A 1 2   ? -18.134 -16.485 -4.617  1.00 38.53  ? 19   HIS A N   1 
ATOM   13   C CA  . HIS A 1 2   ? -18.200 -17.308 -3.427  1.00 45.55  ? 19   HIS A CA  1 
ATOM   14   C C   . HIS A 1 2   ? -16.947 -18.160 -3.273  1.00 39.83  ? 19   HIS A C   1 
ATOM   15   O O   . HIS A 1 2   ? -17.022 -19.240 -2.711  1.00 27.29  ? 19   HIS A O   1 
ATOM   16   C CB  . HIS A 1 2   ? -19.415 -18.248 -3.534  1.00 58.00  ? 19   HIS A CB  1 
ATOM   17   C CG  . HIS A 1 2   ? -20.713 -17.525 -3.569  1.00 64.21  ? 19   HIS A CG  1 
ATOM   18   N ND1 . HIS A 1 2   ? -21.238 -16.900 -2.455  1.00 56.60  ? 19   HIS A ND1 1 
ATOM   19   C CD2 . HIS A 1 2   ? -21.559 -17.264 -4.592  1.00 49.71  ? 19   HIS A CD2 1 
ATOM   20   C CE1 . HIS A 1 2   ? -22.374 -16.315 -2.786  1.00 66.28  ? 19   HIS A CE1 1 
ATOM   21   N NE2 . HIS A 1 2   ? -22.587 -16.516 -4.076  1.00 52.47  ? 19   HIS A NE2 1 
ATOM   22   N N   . SER A 1 3   ? -15.827 -17.711 -3.832  1.00 30.09  ? 20   SER A N   1 
ATOM   23   C CA  . SER A 1 3   ? -14.548 -18.385 -3.655  1.00 29.37  ? 20   SER A CA  1 
ATOM   24   C C   . SER A 1 3   ? -14.201 -18.356 -2.196  1.00 24.44  ? 20   SER A C   1 
ATOM   25   O O   . SER A 1 3   ? -14.662 -17.466 -1.469  1.00 25.59  ? 20   SER A O   1 
ATOM   26   C CB  . SER A 1 3   ? -13.447 -17.715 -4.481  1.00 28.31  ? 20   SER A CB  1 
ATOM   27   O OG  . SER A 1 3   ? -13.038 -16.472 -3.882  1.00 24.70  ? 20   SER A OG  1 
ATOM   28   N N   . ALA A 1 4   ? -13.403 -19.335 -1.760  1.00 26.68  ? 21   ALA A N   1 
ATOM   29   C CA  . ALA A 1 4   ? -12.881 -19.379 -0.399  1.00 24.24  ? 21   ALA A CA  1 
ATOM   30   C C   . ALA A 1 4   ? -12.217 -18.013 -0.024  1.00 29.50  ? 21   ALA A C   1 
ATOM   31   O O   . ALA A 1 4   ? -12.482 -17.431 1.052   1.00 23.82  ? 21   ALA A O   1 
ATOM   32   C CB  . ALA A 1 4   ? -11.898 -20.537 -0.249  1.00 25.61  ? 21   ALA A CB  1 
ATOM   33   N N   . TYR A 1 5   ? -11.377 -17.478 -0.912  1.00 32.62  ? 22   TYR A N   1 
ATOM   34   C CA  . TYR A 1 5   ? -10.837 -16.103 -0.692  1.00 26.22  ? 22   TYR A CA  1 
ATOM   35   C C   . TYR A 1 5   ? -11.960 -15.079 -0.313  1.00 20.84  ? 22   TYR A C   1 
ATOM   36   O O   . TYR A 1 5   ? -11.892 -14.448 0.755   1.00 20.09  ? 22   TYR A O   1 
ATOM   37   C CB  . TYR A 1 5   ? -9.877  -15.618 -1.849  1.00 26.48  ? 22   TYR A CB  1 
ATOM   38   C CG  . TYR A 1 5   ? -9.426  -14.181 -1.677  1.00 26.34  ? 22   TYR A CG  1 
ATOM   39   C CD1 . TYR A 1 5   ? -8.329  -13.858 -0.888  1.00 26.45  ? 22   TYR A CD1 1 
ATOM   40   C CD2 . TYR A 1 5   ? -10.143 -13.147 -2.249  1.00 23.91  ? 22   TYR A CD2 1 
ATOM   41   C CE1 . TYR A 1 5   ? -7.934  -12.527 -0.733  1.00 24.70  ? 22   TYR A CE1 1 
ATOM   42   C CE2 . TYR A 1 5   ? -9.803  -11.821 -2.033  1.00 30.14  ? 22   TYR A CE2 1 
ATOM   43   C CZ  . TYR A 1 5   ? -8.689  -11.520 -1.300  1.00 23.25  ? 22   TYR A CZ  1 
ATOM   44   O OH  . TYR A 1 5   ? -8.345  -10.221 -1.040  1.00 23.59  ? 22   TYR A OH  1 
ATOM   45   N N   . ASN A 1 6   ? -12.965 -14.914 -1.159  1.00 23.29  ? 23   ASN A N   1 
ATOM   46   C CA  . ASN A 1 6   ? -13.997 -13.903 -0.967  1.00 25.34  ? 23   ASN A CA  1 
ATOM   47   C C   . ASN A 1 6   ? -14.903 -14.181 0.203   1.00 36.87  ? 23   ASN A C   1 
ATOM   48   O O   . ASN A 1 6   ? -15.353 -13.261 0.863   1.00 25.55  ? 23   ASN A O   1 
ATOM   49   C CB  . ASN A 1 6   ? -14.831 -13.748 -2.229  1.00 32.01  ? 23   ASN A CB  1 
ATOM   50   C CG  . ASN A 1 6   ? -14.095 -13.028 -3.329  1.00 34.23  ? 23   ASN A CG  1 
ATOM   51   O OD1 . ASN A 1 6   ? -14.120 -13.418 -4.481  1.00 32.03  ? 23   ASN A OD1 1 
ATOM   52   N ND2 . ASN A 1 6   ? -13.460 -11.967 -2.978  1.00 23.49  ? 23   ASN A ND2 1 
ATOM   53   N N   . GLU A 1 7   ? -15.150 -15.465 0.466   1.00 28.41  ? 24   GLU A N   1 
ATOM   54   C CA  . GLU A 1 7   ? -16.046 -15.875 1.504   1.00 30.30  ? 24   GLU A CA  1 
ATOM   55   C C   . GLU A 1 7   ? -15.366 -15.748 2.880   1.00 35.42  ? 24   GLU A C   1 
ATOM   56   O O   . GLU A 1 7   ? -16.005 -15.378 3.826   1.00 31.69  ? 24   GLU A O   1 
ATOM   57   C CB  . GLU A 1 7   ? -16.465 -17.300 1.235   1.00 32.03  ? 24   GLU A CB  1 
ATOM   58   C CG  . GLU A 1 7   ? -17.736 -17.712 1.902   1.00 54.27  ? 24   GLU A CG  1 
ATOM   59   C CD  . GLU A 1 7   ? -18.893 -16.918 1.392   1.00 42.82  ? 24   GLU A CD  1 
ATOM   60   O OE1 . GLU A 1 7   ? -18.988 -16.658 0.160   1.00 46.51  ? 24   GLU A OE1 1 
ATOM   61   O OE2 . GLU A 1 7   ? -19.689 -16.571 2.268   1.00 48.81  ? 24   GLU A OE2 1 
ATOM   62   N N   . TRP A 1 8   ? -14.066 -16.047 2.970   1.00 25.43  ? 25   TRP A N   1 
ATOM   63   C CA  . TRP A 1 8   ? -13.409 -16.220 4.257   1.00 29.11  ? 25   TRP A CA  1 
ATOM   64   C C   . TRP A 1 8   ? -12.662 -14.996 4.731   1.00 27.24  ? 25   TRP A C   1 
ATOM   65   O O   . TRP A 1 8   ? -12.366 -14.892 5.930   1.00 30.00  ? 25   TRP A O   1 
ATOM   66   C CB  . TRP A 1 8   ? -12.416 -17.371 4.220   1.00 25.19  ? 25   TRP A CB  1 
ATOM   67   C CG  . TRP A 1 8   ? -12.969 -18.758 3.997   1.00 25.29  ? 25   TRP A CG  1 
ATOM   68   C CD1 . TRP A 1 8   ? -14.278 -19.152 4.041   1.00 29.70  ? 25   TRP A CD1 1 
ATOM   69   C CD2 . TRP A 1 8   ? -12.196 -19.948 3.722   1.00 22.26  ? 25   TRP A CD2 1 
ATOM   70   N NE1 . TRP A 1 8   ? -14.370 -20.514 3.773   1.00 23.45  ? 25   TRP A NE1 1 
ATOM   71   C CE2 . TRP A 1 8   ? -13.107 -21.011 3.542   1.00 29.79  ? 25   TRP A CE2 1 
ATOM   72   C CE3 . TRP A 1 8   ? -10.821 -20.200 3.515   1.00 29.11  ? 25   TRP A CE3 1 
ATOM   73   C CZ2 . TRP A 1 8   ? -12.675 -22.326 3.269   1.00 26.08  ? 25   TRP A CZ2 1 
ATOM   74   C CZ3 . TRP A 1 8   ? -10.403 -21.512 3.228   1.00 23.78  ? 25   TRP A CZ3 1 
ATOM   75   C CH2 . TRP A 1 8   ? -11.317 -22.539 3.096   1.00 25.19  ? 25   TRP A CH2 1 
ATOM   76   N N   . LYS A 1 9   ? -12.328 -14.096 3.813   1.00 25.43  ? 26   LYS A N   1 
ATOM   77   C CA  . LYS A 1 9   ? -11.488 -12.934 4.153   1.00 25.71  ? 26   LYS A CA  1 
ATOM   78   C C   . LYS A 1 9   ? -12.077 -12.130 5.337   1.00 29.18  ? 26   LYS A C   1 
ATOM   79   O O   . LYS A 1 9   ? -11.386 -11.826 6.312   1.00 28.30  ? 26   LYS A O   1 
ATOM   80   C CB  . LYS A 1 9   ? -11.264 -12.091 2.890   1.00 28.65  ? 26   LYS A CB  1 
ATOM   81   C CG  . LYS A 1 9   ? -12.496 -11.427 2.266   1.00 27.40  ? 26   LYS A CG  1 
ATOM   82   C CD  . LYS A 1 9   ? -12.075 -10.823 0.946   1.00 20.77  ? 26   LYS A CD  1 
ATOM   83   C CE  . LYS A 1 9   ? -13.249 -10.210 0.255   1.00 23.09  ? 26   LYS A CE  1 
ATOM   84   N NZ  . LYS A 1 9   ? -12.871 -9.810  -1.109  1.00 28.12  ? 26   LYS A NZ  1 
ATOM   85   N N   . LYS A 1 10  ? -13.382 -11.915 5.299   1.00 27.34  ? 27   LYS A N   1 
ATOM   86   C CA  . LYS A 1 10  ? -14.087 -11.174 6.351   1.00 29.21  ? 27   LYS A CA  1 
ATOM   87   C C   . LYS A 1 10  ? -14.419 -11.953 7.615   1.00 36.42  ? 27   LYS A C   1 
ATOM   88   O O   . LYS A 1 10  ? -14.579 -11.362 8.642   1.00 25.47  ? 27   LYS A O   1 
ATOM   89   C CB  . LYS A 1 10  ? -15.357 -10.598 5.795   1.00 35.56  ? 27   LYS A CB  1 
ATOM   90   C CG  . LYS A 1 10  ? -15.116 -9.568  4.728   1.00 39.18  ? 27   LYS A CG  1 
ATOM   91   C CD  . LYS A 1 10  ? -16.463 -9.034  4.274   1.00 50.83  ? 27   LYS A CD  1 
ATOM   92   C CE  . LYS A 1 10  ? -16.286 -7.953  3.250   1.00 47.12  ? 27   LYS A CE  1 
ATOM   93   N NZ  . LYS A 1 10  ? -17.595 -7.746  2.619   1.00 61.11  ? 27   LYS A NZ  1 
ATOM   94   N N   . ALA A 1 11  ? -14.516 -13.279 7.531   1.00 27.69  ? 28   ALA A N   1 
ATOM   95   C CA  . ALA A 1 11  ? -14.566 -14.118 8.712   1.00 31.12  ? 28   ALA A CA  1 
ATOM   96   C C   . ALA A 1 11  ? -13.256 -14.021 9.516   1.00 37.69  ? 28   ALA A C   1 
ATOM   97   O O   . ALA A 1 11  ? -13.274 -14.055 10.745  1.00 31.28  ? 28   ALA A O   1 
ATOM   98   C CB  . ALA A 1 11  ? -14.863 -15.577 8.302   1.00 27.98  ? 28   ALA A CB  1 
ATOM   99   N N   . LEU A 1 12  ? -12.119 -13.873 8.827   1.00 25.95  ? 29   LEU A N   1 
ATOM   100  C CA  . LEU A 1 12  ? -10.826 -13.901 9.476   1.00 33.76  ? 29   LEU A CA  1 
ATOM   101  C C   . LEU A 1 12  ? -10.171 -12.525 9.761   1.00 33.95  ? 29   LEU A C   1 
ATOM   102  O O   . LEU A 1 12  ? -9.396  -12.382 10.716  1.00 27.03  ? 29   LEU A O   1 
ATOM   103  C CB  . LEU A 1 12  ? -9.927  -14.762 8.611   1.00 27.30  ? 29   LEU A CB  1 
ATOM   104  C CG  . LEU A 1 12  ? -8.889  -15.604 9.314   1.00 53.21  ? 29   LEU A CG  1 
ATOM   105  C CD1 . LEU A 1 12  ? -9.486  -16.445 10.437  1.00 39.81  ? 29   LEU A CD1 1 
ATOM   106  C CD2 . LEU A 1 12  ? -8.255  -16.468 8.241   1.00 49.40  ? 29   LEU A CD2 1 
ATOM   107  N N   . PHE A 1 13  ? -10.483 -11.528 8.930   1.00 33.22  ? 30   PHE A N   1 
ATOM   108  C CA  . PHE A 1 13  ? -9.857  -10.188 8.992   1.00 27.91  ? 30   PHE A CA  1 
ATOM   109  C C   . PHE A 1 13  ? -10.957 -9.153  8.945   1.00 20.44  ? 30   PHE A C   1 
ATOM   110  O O   . PHE A 1 13  ? -11.926 -9.250  8.161   1.00 25.65  ? 30   PHE A O   1 
ATOM   111  C CB  . PHE A 1 13  ? -8.883  -9.972  7.804   1.00 26.84  ? 30   PHE A CB  1 
ATOM   112  C CG  . PHE A 1 13  ? -7.735  -10.914 7.775   1.00 20.97  ? 30   PHE A CG  1 
ATOM   113  C CD1 . PHE A 1 13  ? -7.875  -12.188 7.247   1.00 25.85  ? 30   PHE A CD1 1 
ATOM   114  C CD2 . PHE A 1 13  ? -6.471  -10.523 8.236   1.00 24.95  ? 30   PHE A CD2 1 
ATOM   115  C CE1 . PHE A 1 13  ? -6.789  -13.070 7.205   1.00 26.97  ? 30   PHE A CE1 1 
ATOM   116  C CE2 . PHE A 1 13  ? -5.389  -11.409 8.199   1.00 30.11  ? 30   PHE A CE2 1 
ATOM   117  C CZ  . PHE A 1 13  ? -5.543  -12.674 7.664   1.00 32.54  ? 30   PHE A CZ  1 
ATOM   118  N N   . LYS A 1 14  ? -10.833 -8.150  9.782   1.00 25.56  ? 31   LYS A N   1 
ATOM   119  C CA  . LYS A 1 14  ? -11.799 -7.079  9.730   1.00 24.78  ? 31   LYS A CA  1 
ATOM   120  C C   . LYS A 1 14  ? -11.573 -6.150  8.478   1.00 26.56  ? 31   LYS A C   1 
ATOM   121  O O   . LYS A 1 14  ? -10.487 -5.637  8.255   1.00 22.85  ? 31   LYS A O   1 
ATOM   122  C CB  . LYS A 1 14  ? -11.748 -6.305  11.064  1.00 26.76  ? 31   LYS A CB  1 
ATOM   123  C CG  . LYS A 1 14  ? -12.681 -5.135  11.093  1.00 26.09  ? 31   LYS A CG  1 
ATOM   124  C CD  . LYS A 1 14  ? -12.598 -4.388  12.434  1.00 38.91  ? 31   LYS A CD  1 
ATOM   125  C CE  . LYS A 1 14  ? -13.506 -3.167  12.384  1.00 44.47  ? 31   LYS A CE  1 
ATOM   126  N NZ  . LYS A 1 14  ? -13.175 -2.298  13.538  1.00 68.98  ? 31   LYS A NZ  1 
ATOM   127  N N   . PRO A 1 15  ? -12.601 -5.944  7.675   1.00 27.20  ? 32   PRO A N   1 
ATOM   128  C CA  . PRO A 1 15  ? -12.396 -5.087  6.489   1.00 27.04  ? 32   PRO A CA  1 
ATOM   129  C C   . PRO A 1 15  ? -12.164 -3.629  6.865   1.00 29.85  ? 32   PRO A C   1 
ATOM   130  O O   . PRO A 1 15  ? -12.950 -3.038  7.620   1.00 31.89  ? 32   PRO A O   1 
ATOM   131  C CB  . PRO A 1 15  ? -13.685 -5.246  5.696   1.00 28.25  ? 32   PRO A CB  1 
ATOM   132  C CG  . PRO A 1 15  ? -14.725 -5.790  6.662   1.00 31.71  ? 32   PRO A CG  1 
ATOM   133  C CD  . PRO A 1 15  ? -13.992 -6.442  7.806   1.00 34.36  ? 32   PRO A CD  1 
ATOM   134  N N   . ALA A 1 16  ? -10.992 -3.115  6.499   1.00 25.27  ? 33   ALA A N   1 
ATOM   135  C CA  . ALA A 1 16  ? -10.629 -1.758  6.818   1.00 24.06  ? 33   ALA A CA  1 
ATOM   136  C C   . ALA A 1 16  ? -11.380 -0.920  5.804   1.00 30.32  ? 33   ALA A C   1 
ATOM   137  O O   . ALA A 1 16  ? -11.532 -1.287  4.641   1.00 31.67  ? 33   ALA A O   1 
ATOM   138  C CB  . ALA A 1 16  ? -9.106  -1.591  6.683   1.00 21.19  ? 33   ALA A CB  1 
ATOM   139  N N   . ASP A 1 17  ? -11.913 0.194   6.216   1.00 29.30  ? 34   ASP A N   1 
ATOM   140  C CA  . ASP A 1 17  ? -12.550 0.995   5.197   1.00 30.37  ? 34   ASP A CA  1 
ATOM   141  C C   . ASP A 1 17  ? -11.548 2.152   4.960   1.00 23.54  ? 34   ASP A C   1 
ATOM   142  O O   . ASP A 1 17  ? -11.523 3.087   5.731   1.00 32.36  ? 34   ASP A O   1 
ATOM   143  C CB  . ASP A 1 17  ? -13.897 1.497   5.700   1.00 28.34  ? 34   ASP A CB  1 
ATOM   144  C CG  . ASP A 1 17  ? -14.774 1.926   4.581   1.00 58.33  ? 34   ASP A CG  1 
ATOM   145  O OD1 . ASP A 1 17  ? -14.604 1.411   3.393   1.00 38.11  ? 34   ASP A OD1 1 
ATOM   146  O OD2 . ASP A 1 17  ? -15.618 2.779   4.930   1.00 50.63  ? 34   ASP A OD2 1 
ATOM   147  N N   . VAL A 1 18  ? -10.615 1.938   4.047   1.00 28.54  ? 35   VAL A N   1 
ATOM   148  C CA  . VAL A 1 18  ? -9.411  2.744   3.981   1.00 21.65  ? 35   VAL A CA  1 
ATOM   149  C C   . VAL A 1 18  ? -9.754  3.957   3.139   1.00 20.63  ? 35   VAL A C   1 
ATOM   150  O O   . VAL A 1 18  ? -10.225 3.824   1.985   1.00 21.74  ? 35   VAL A O   1 
ATOM   151  C CB  . VAL A 1 18  ? -8.232  2.010   3.348   1.00 27.44  ? 35   VAL A CB  1 
ATOM   152  C CG1 . VAL A 1 18  ? -7.103  3.014   3.060   1.00 26.21  ? 35   VAL A CG1 1 
ATOM   153  C CG2 . VAL A 1 18  ? -7.783  0.848   4.225   1.00 27.22  ? 35   VAL A CG2 1 
ATOM   154  N N   . ILE A 1 19  ? -9.561  5.127   3.764   1.00 24.58  ? 36   ILE A N   1 
ATOM   155  C CA  . ILE A 1 19  ? -9.802  6.438   3.143   1.00 25.60  ? 36   ILE A CA  1 
ATOM   156  C C   . ILE A 1 19  ? -8.439  7.087   3.046   1.00 28.27  ? 36   ILE A C   1 
ATOM   157  O O   . ILE A 1 19  ? -7.698  7.129   4.049   1.00 24.40  ? 36   ILE A O   1 
ATOM   158  C CB  . ILE A 1 19  ? -10.815 7.271   3.990   1.00 27.10  ? 36   ILE A CB  1 
ATOM   159  C CG1 . ILE A 1 19  ? -12.162 6.576   4.042   1.00 34.79  ? 36   ILE A CG1 1 
ATOM   160  C CG2 . ILE A 1 19  ? -11.073 8.627   3.387   1.00 39.30  ? 36   ILE A CG2 1 
ATOM   161  C CD1 . ILE A 1 19  ? -12.702 6.307   2.645   1.00 43.85  ? 36   ILE A CD1 1 
ATOM   162  N N   . LEU A 1 20  ? -8.072  7.545   1.841   1.00 23.10  ? 37   LEU A N   1 
ATOM   163  C CA  . LEU A 1 20  ? -6.786  8.306   1.651   1.00 22.81  ? 37   LEU A CA  1 
ATOM   164  C C   . LEU A 1 20  ? -6.770  9.670   2.406   1.00 21.72  ? 37   LEU A C   1 
ATOM   165  O O   . LEU A 1 20  ? -7.751  10.422  2.390   1.00 24.20  ? 37   LEU A O   1 
ATOM   166  C CB  . LEU A 1 20  ? -6.390  8.473   0.150   1.00 27.12  ? 37   LEU A CB  1 
ATOM   167  C CG  . LEU A 1 20  ? -6.220  7.180   -0.677  1.00 27.30  ? 37   LEU A CG  1 
ATOM   168  C CD1 . LEU A 1 20  ? -5.957  7.469   -2.182  1.00 26.22  ? 37   LEU A CD1 1 
ATOM   169  C CD2 . LEU A 1 20  ? -5.131  6.326   -0.057  1.00 34.06  ? 37   LEU A CD2 1 
ATOM   170  N N   . ASP A 1 21  ? -5.664  9.964   3.089   1.00 26.45  ? 38   ASP A N   1 
ATOM   171  C CA  . ASP A 1 21  ? -5.548  11.169  3.882   1.00 26.37  ? 38   ASP A CA  1 
ATOM   172  C C   . ASP A 1 21  ? -4.801  12.270  3.058   1.00 25.02  ? 38   ASP A C   1 
ATOM   173  O O   . ASP A 1 21  ? -3.574  12.170  2.827   1.00 22.82  ? 38   ASP A O   1 
ATOM   174  C CB  . ASP A 1 21  ? -4.887  10.865  5.231   1.00 24.46  ? 38   ASP A CB  1 
ATOM   175  C CG  . ASP A 1 21  ? -4.864  12.045  6.115   1.00 30.84  ? 38   ASP A CG  1 
ATOM   176  O OD1 . ASP A 1 21  ? -5.240  13.123  5.593   1.00 26.45  ? 38   ASP A OD1 1 
ATOM   177  O OD2 . ASP A 1 21  ? -4.436  11.914  7.299   1.00 20.26  ? 38   ASP A OD2 1 
ATOM   178  N N   . PRO A 1 22  ? -5.545  13.283  2.546   1.00 25.72  ? 39   PRO A N   1 
ATOM   179  C CA  . PRO A 1 22  ? -4.892  14.288  1.663   1.00 26.89  ? 39   PRO A CA  1 
ATOM   180  C C   . PRO A 1 22  ? -3.783  15.083  2.339   1.00 27.64  ? 39   PRO A C   1 
ATOM   181  O O   . PRO A 1 22  ? -2.858  15.511  1.660   1.00 27.00  ? 39   PRO A O   1 
ATOM   182  C CB  . PRO A 1 22  ? -6.048  15.259  1.240   1.00 31.15  ? 39   PRO A CB  1 
ATOM   183  C CG  . PRO A 1 22  ? -7.303  14.562  1.606   1.00 35.90  ? 39   PRO A CG  1 
ATOM   184  C CD  . PRO A 1 22  ? -6.996  13.529  2.679   1.00 29.46  ? 39   PRO A CD  1 
ATOM   185  N N   . LYS A 1 23  ? -3.847  15.201  3.668   1.00 26.29  ? 40   LYS A N   1 
ATOM   186  C CA  . LYS A 1 23  ? -2.807  15.864  4.468   1.00 24.29  ? 40   LYS A CA  1 
ATOM   187  C C   . LYS A 1 23  ? -1.468  15.158  4.380   1.00 27.74  ? 40   LYS A C   1 
ATOM   188  O O   . LYS A 1 23  ? -0.460  15.761  4.681   1.00 23.59  ? 40   LYS A O   1 
ATOM   189  C CB  . LYS A 1 23  ? -3.285  15.981  5.930   1.00 32.74  ? 40   LYS A CB  1 
ATOM   190  C CG  . LYS A 1 23  ? -4.451  16.981  6.119   1.00 37.77  ? 40   LYS A CG  1 
ATOM   191  C CD  . LYS A 1 23  ? -4.195  18.411  5.609   1.00 56.95  ? 40   LYS A CD  1 
ATOM   192  C CE  . LYS A 1 23  ? -3.908  19.496  6.673   1.00 50.53  ? 40   LYS A CE  1 
ATOM   193  N NZ  . LYS A 1 23  ? -3.383  20.745  6.029   1.00 56.31  ? 40   LYS A NZ  1 
ATOM   194  N N   . THR A 1 24  ? -1.468  13.863  3.991   1.00 27.75  ? 41   THR A N   1 
ATOM   195  C CA  . THR A 1 24  ? -0.242  13.074  4.010   1.00 23.50  ? 41   THR A CA  1 
ATOM   196  C C   . THR A 1 24  ? 0.378   13.008  2.651   1.00 17.83  ? 41   THR A C   1 
ATOM   197  O O   . THR A 1 24  ? 1.551   12.680  2.550   1.00 22.47  ? 41   THR A O   1 
ATOM   198  C CB  . THR A 1 24  ? -0.454  11.629  4.512   1.00 20.71  ? 41   THR A CB  1 
ATOM   199  O OG1 . THR A 1 24  ? -1.341  10.961  3.584   1.00 19.80  ? 41   THR A OG1 1 
ATOM   200  C CG2 . THR A 1 24  ? -1.011  11.652  5.923   1.00 23.25  ? 41   THR A CG2 1 
ATOM   201  N N   . ALA A 1 25  ? -0.402  13.284  1.626   1.00 19.09  ? 42   ALA A N   1 
ATOM   202  C CA  . ALA A 1 25  ? -0.022  13.060  0.236   1.00 21.21  ? 42   ALA A CA  1 
ATOM   203  C C   . ALA A 1 25  ? 1.016   14.032  -0.278  1.00 27.48  ? 42   ALA A C   1 
ATOM   204  O O   . ALA A 1 25  ? 0.853   15.263  -0.199  1.00 26.47  ? 42   ALA A O   1 
ATOM   205  C CB  . ALA A 1 25  ? -1.252  13.064  -0.679  1.00 25.89  ? 42   ALA A CB  1 
ATOM   206  N N   . ASN A 1 26  ? 2.074   13.471  -0.867  1.00 26.63  ? 43   ASN A N   1 
ATOM   207  C CA  . ASN A 1 26  ? 3.116   14.301  -1.503  1.00 24.37  ? 43   ASN A CA  1 
ATOM   208  C C   . ASN A 1 26  ? 2.382   15.245  -2.455  1.00 24.16  ? 43   ASN A C   1 
ATOM   209  O O   . ASN A 1 26  ? 1.375   14.836  -3.044  1.00 19.50  ? 43   ASN A O   1 
ATOM   210  C CB  . ASN A 1 26  ? 4.096   13.435  -2.288  1.00 23.58  ? 43   ASN A CB  1 
ATOM   211  C CG  . ASN A 1 26  ? 5.211   14.219  -2.905  1.00 21.36  ? 43   ASN A CG  1 
ATOM   212  O OD1 . ASN A 1 26  ? 4.980   14.970  -3.816  1.00 21.27  ? 43   ASN A OD1 1 
ATOM   213  N ND2 . ASN A 1 26  ? 6.438   14.063  -2.386  1.00 19.69  ? 43   ASN A ND2 1 
ATOM   214  N N   . PRO A 1 27  ? 2.845   16.508  -2.583  1.00 23.63  ? 44   PRO A N   1 
ATOM   215  C CA  . PRO A 1 27  ? 2.047   17.478  -3.416  1.00 22.82  ? 44   PRO A CA  1 
ATOM   216  C C   . PRO A 1 27  ? 1.982   17.138  -4.888  1.00 24.38  ? 44   PRO A C   1 
ATOM   217  O O   . PRO A 1 27  ? 1.189   17.755  -5.607  1.00 28.68  ? 44   PRO A O   1 
ATOM   218  C CB  . PRO A 1 27  ? 2.805   18.834  -3.257  1.00 29.43  ? 44   PRO A CB  1 
ATOM   219  C CG  . PRO A 1 27  ? 3.855   18.639  -2.258  1.00 22.78  ? 44   PRO A CG  1 
ATOM   220  C CD  . PRO A 1 27  ? 3.888   17.184  -1.775  1.00 26.87  ? 44   PRO A CD  1 
ATOM   221  N N   . ILE A 1 28  ? 2.808   16.196  -5.366  1.00 25.45  ? 45   ILE A N   1 
ATOM   222  C CA  . ILE A 1 28  ? 2.674   15.740  -6.769  1.00 22.70  ? 45   ILE A CA  1 
ATOM   223  C C   . ILE A 1 28  ? 1.518   14.751  -6.964  1.00 24.31  ? 45   ILE A C   1 
ATOM   224  O O   . ILE A 1 28  ? 1.202   14.321  -8.085  1.00 27.05  ? 45   ILE A O   1 
ATOM   225  C CB  . ILE A 1 28  ? 3.995   15.174  -7.333  1.00 24.34  ? 45   ILE A CB  1 
ATOM   226  C CG1 . ILE A 1 28  ? 4.016   15.334  -8.854  1.00 23.10  ? 45   ILE A CG1 1 
ATOM   227  C CG2 . ILE A 1 28  ? 4.205   13.667  -7.012  1.00 22.37  ? 45   ILE A CG2 1 
ATOM   228  C CD1 . ILE A 1 28  ? 5.394   15.157  -9.389  1.00 29.68  ? 45   ILE A CD1 1 
ATOM   229  N N   . LEU A 1 29  ? 0.916   14.334  -5.857  1.00 28.11  ? 46   LEU A N   1 
ATOM   230  C CA  . LEU A 1 29  ? -0.196  13.383  -5.915  1.00 25.51  ? 46   LEU A CA  1 
ATOM   231  C C   . LEU A 1 29  ? -1.552  14.085  -5.822  1.00 21.32  ? 46   LEU A C   1 
ATOM   232  O O   . LEU A 1 29  ? -1.657  15.035  -5.085  1.00 22.75  ? 46   LEU A O   1 
ATOM   233  C CB  . LEU A 1 29  ? -0.065  12.376  -4.741  1.00 23.05  ? 46   LEU A CB  1 
ATOM   234  C CG  . LEU A 1 29  ? 1.202   11.499  -4.610  1.00 25.90  ? 46   LEU A CG  1 
ATOM   235  C CD1 . LEU A 1 29  ? 1.029   10.556  -3.407  1.00 25.27  ? 46   LEU A CD1 1 
ATOM   236  C CD2 . LEU A 1 29  ? 1.382   10.711  -5.873  1.00 25.19  ? 46   LEU A CD2 1 
ATOM   237  N N   . LEU A 1 30  ? -2.567  13.567  -6.529  1.00 21.36  ? 47   LEU A N   1 
ATOM   238  C CA  . LEU A 1 30  ? -3.955  13.982  -6.402  1.00 22.88  ? 47   LEU A CA  1 
ATOM   239  C C   . LEU A 1 30  ? -4.733  12.868  -5.730  1.00 28.23  ? 47   LEU A C   1 
ATOM   240  O O   . LEU A 1 30  ? -4.660  11.715  -6.163  1.00 25.03  ? 47   LEU A O   1 
ATOM   241  C CB  . LEU A 1 30  ? -4.616  14.291  -7.746  1.00 27.60  ? 47   LEU A CB  1 
ATOM   242  C CG  . LEU A 1 30  ? -3.700  15.303  -8.481  1.00 38.46  ? 47   LEU A CG  1 
ATOM   243  C CD1 . LEU A 1 30  ? -3.351  14.718  -9.842  1.00 44.66  ? 47   LEU A CD1 1 
ATOM   244  C CD2 . LEU A 1 30  ? -4.354  16.657  -8.443  1.00 33.54  ? 47   LEU A CD2 1 
ATOM   245  N N   . VAL A 1 31  ? -5.435  13.242  -4.660  1.00 21.85  ? 48   VAL A N   1 
ATOM   246  C CA  . VAL A 1 31  ? -6.380  12.340  -3.963  1.00 30.18  ? 48   VAL A CA  1 
ATOM   247  C C   . VAL A 1 31  ? -7.762  12.656  -4.480  1.00 31.11  ? 48   VAL A C   1 
ATOM   248  O O   . VAL A 1 31  ? -8.151  13.823  -4.520  1.00 24.82  ? 48   VAL A O   1 
ATOM   249  C CB  . VAL A 1 31  ? -6.282  12.482  -2.433  1.00 23.12  ? 48   VAL A CB  1 
ATOM   250  C CG1 . VAL A 1 31  ? -7.325  11.609  -1.704  1.00 27.06  ? 48   VAL A CG1 1 
ATOM   251  C CG2 . VAL A 1 31  ? -4.911  12.030  -1.990  1.00 27.59  ? 48   VAL A CG2 1 
ATOM   252  N N   . SER A 1 32  ? -8.487  11.623  -4.889  1.00 22.36  ? 49   SER A N   1 
ATOM   253  C CA  . SER A 1 32  ? -9.808  11.777  -5.443  1.00 20.15  ? 49   SER A CA  1 
ATOM   254  C C   . SER A 1 32  ? -10.750 12.341  -4.388  1.00 23.24  ? 49   SER A C   1 
ATOM   255  O O   . SER A 1 32  ? -10.491 12.230  -3.181  1.00 23.15  ? 49   SER A O   1 
ATOM   256  C CB  . SER A 1 32  ? -10.350 10.479  -5.978  1.00 21.79  ? 49   SER A CB  1 
ATOM   257  O OG  . SER A 1 32  ? -10.345 9.523   -4.948  1.00 23.19  ? 49   SER A OG  1 
ATOM   258  N N   . GLU A 1 33  ? -11.839 12.958  -4.875  1.00 23.05  ? 50   GLU A N   1 
ATOM   259  C CA  . GLU A 1 33  ? -12.864 13.541  -3.991  1.00 27.01  ? 50   GLU A CA  1 
ATOM   260  C C   . GLU A 1 33  ? -13.374 12.470  -3.011  1.00 22.83  ? 50   GLU A C   1 
ATOM   261  O O   . GLU A 1 33  ? -13.518 12.755  -1.793  1.00 26.37  ? 50   GLU A O   1 
ATOM   262  C CB  . GLU A 1 33  ? -14.022 14.156  -4.785  1.00 22.26  ? 50   GLU A CB  1 
ATOM   263  C CG  . GLU A 1 33  ? -15.185 14.651  -3.912  1.00 25.73  ? 50   GLU A CG  1 
ATOM   264  C CD  . GLU A 1 33  ? -14.839 15.932  -3.172  1.00 26.79  ? 50   GLU A CD  1 
ATOM   265  O OE1 . GLU A 1 33  ? -13.790 16.534  -3.502  1.00 30.80  ? 50   GLU A OE1 1 
ATOM   266  O OE2 . GLU A 1 33  ? -15.605 16.320  -2.263  1.00 34.47  ? 50   GLU A OE2 1 
ATOM   267  N N   . ASP A 1 34  ? -13.615 11.258  -3.525  1.00 22.31  ? 51   ASP A N   1 
ATOM   268  C CA  . ASP A 1 34  ? -14.123 10.163  -2.687  1.00 21.28  ? 51   ASP A CA  1 
ATOM   269  C C   . ASP A 1 34  ? -13.098 9.512   -1.807  1.00 26.42  ? 51   ASP A C   1 
ATOM   270  O O   . ASP A 1 34  ? -13.460 8.578   -1.051  1.00 28.93  ? 51   ASP A O   1 
ATOM   271  C CB  . ASP A 1 34  ? -14.832 9.089   -3.480  1.00 23.79  ? 51   ASP A CB  1 
ATOM   272  C CG  . ASP A 1 34  ? -13.902 8.207   -4.359  1.00 22.89  ? 51   ASP A CG  1 
ATOM   273  O OD1 . ASP A 1 34  ? -12.657 8.440   -4.526  1.00 25.65  ? 51   ASP A OD1 1 
ATOM   274  O OD2 . ASP A 1 34  ? -14.489 7.246   -4.917  1.00 23.99  ? 51   ASP A OD2 1 
ATOM   275  N N   . GLN A 1 35  ? -11.851 10.004  -1.930  1.00 23.04  ? 52   GLN A N   1 
ATOM   276  C CA  . GLN A 1 35  ? -10.703 9.633   -1.112  1.00 22.58  ? 52   GLN A CA  1 
ATOM   277  C C   . GLN A 1 35  ? -10.326 8.155   -1.251  1.00 25.22  ? 52   GLN A C   1 
ATOM   278  O O   . GLN A 1 35  ? -9.662  7.612   -0.396  1.00 23.07  ? 52   GLN A O   1 
ATOM   279  C CB  . GLN A 1 35  ? -10.939 10.033  0.349   1.00 27.27  ? 52   GLN A CB  1 
ATOM   280  C CG  . GLN A 1 35  ? -10.818 11.532  0.543   1.00 32.81  ? 52   GLN A CG  1 
ATOM   281  C CD  . GLN A 1 35  ? -10.967 11.921  2.020   1.00 43.98  ? 52   GLN A CD  1 
ATOM   282  O OE1 . GLN A 1 35  ? -10.140 11.585  2.878   1.00 32.34  ? 52   GLN A OE1 1 
ATOM   283  N NE2 . GLN A 1 35  ? -12.024 12.597  2.311   1.00 29.51  ? 52   GLN A NE2 1 
ATOM   284  N N   . ARG A 1 36  ? -10.737 7.530   -2.355  1.00 25.80  ? 53   ARG A N   1 
ATOM   285  C CA  . ARG A 1 36  ? -10.417 6.140   -2.611  1.00 26.74  ? 53   ARG A CA  1 
ATOM   286  C C   . ARG A 1 36  ? -9.317  5.936   -3.636  1.00 29.38  ? 53   ARG A C   1 
ATOM   287  O O   . ARG A 1 36  ? -8.792  4.841   -3.734  1.00 30.64  ? 53   ARG A O   1 
ATOM   288  C CB  . ARG A 1 36  ? -11.643 5.381   -3.112  1.00 26.14  ? 53   ARG A CB  1 
ATOM   289  C CG  . ARG A 1 36  ? -12.815 5.411   -2.166  1.00 29.12  ? 53   ARG A CG  1 
ATOM   290  C CD  . ARG A 1 36  ? -12.537 4.567   -0.958  1.00 32.24  ? 53   ARG A CD  1 
ATOM   291  N NE  . ARG A 1 36  ? -13.743 4.418   -0.157  1.00 36.67  ? 53   ARG A NE  1 
ATOM   292  C CZ  . ARG A 1 36  ? -13.859 3.658   0.926   1.00 50.46  ? 53   ARG A CZ  1 
ATOM   293  N NH1 . ARG A 1 36  ? -12.837 2.883   1.374   1.00 32.61  ? 53   ARG A NH1 1 
ATOM   294  N NH2 . ARG A 1 36  ? -15.034 3.666   1.548   1.00 47.67  ? 53   ARG A NH2 1 
ATOM   295  N N   . SER A 1 37  ? -8.985  6.984   -4.390  1.00 24.28  ? 54   SER A N   1 
ATOM   296  C CA  . SER A 1 37  ? -8.086  6.925   -5.522  1.00 23.97  ? 54   SER A CA  1 
ATOM   297  C C   . SER A 1 37  ? -7.001  8.002   -5.514  1.00 22.39  ? 54   SER A C   1 
ATOM   298  O O   . SER A 1 37  ? -7.131  9.080   -4.866  1.00 20.22  ? 54   SER A O   1 
ATOM   299  C CB  . SER A 1 37  ? -8.900  6.996   -6.849  1.00 24.89  ? 54   SER A CB  1 
ATOM   300  O OG  . SER A 1 37  ? -9.453  5.728   -7.072  1.00 33.71  ? 54   SER A OG  1 
ATOM   301  N N   . VAL A 1 38  ? -5.887  7.656   -6.168  1.00 23.29  ? 55   VAL A N   1 
ATOM   302  C CA  . VAL A 1 38  ? -4.711  8.536   -6.220  1.00 23.27  ? 55   VAL A CA  1 
ATOM   303  C C   . VAL A 1 38  ? -4.188  8.528   -7.618  1.00 27.55  ? 55   VAL A C   1 
ATOM   304  O O   . VAL A 1 38  ? -4.180  7.456   -8.280  1.00 24.69  ? 55   VAL A O   1 
ATOM   305  C CB  . VAL A 1 38  ? -3.674  8.189   -5.173  1.00 19.89  ? 55   VAL A CB  1 
ATOM   306  C CG1 . VAL A 1 38  ? -3.133  6.757   -5.352  1.00 23.93  ? 55   VAL A CG1 1 
ATOM   307  C CG2 . VAL A 1 38  ? -2.551  9.240   -5.066  1.00 26.91  ? 55   VAL A CG2 1 
ATOM   308  N N   . GLN A 1 39  ? -3.885  9.738   -8.105  1.00 23.90  ? 56   GLN A N   1 
ATOM   309  C CA  . GLN A 1 39  ? -3.177  9.916   -9.358  1.00 22.99  ? 56   GLN A CA  1 
ATOM   310  C C   . GLN A 1 39  ? -1.949  10.791  -9.191  1.00 21.42  ? 56   GLN A C   1 
ATOM   311  O O   . GLN A 1 39  ? -1.800  11.409  -8.158  1.00 22.92  ? 56   GLN A O   1 
ATOM   312  C CB  . GLN A 1 39  ? -4.073  10.525  -10.436 1.00 20.81  ? 56   GLN A CB  1 
ATOM   313  C CG  . GLN A 1 39  ? -4.597  9.493   -11.428 1.00 26.23  ? 56   GLN A CG  1 
ATOM   314  C CD  . GLN A 1 39  ? -3.511  8.898   -12.330 1.00 16.59  ? 56   GLN A CD  1 
ATOM   315  O OE1 . GLN A 1 39  ? -2.355  9.128   -12.134 1.00 25.87  ? 56   GLN A OE1 1 
ATOM   316  N NE2 . GLN A 1 39  ? -3.910  8.113   -13.286 1.00 22.82  ? 56   GLN A NE2 1 
ATOM   317  N N   . ARG A 1 40  ? -1.094  10.860  -10.231 1.00 20.95  ? 57   ARG A N   1 
ATOM   318  C CA  . ARG A 1 40  ? 0.015   11.777  -10.233 1.00 23.02  ? 57   ARG A CA  1 
ATOM   319  C C   . ARG A 1 40  ? -0.221  12.976  -11.164 1.00 24.76  ? 57   ARG A C   1 
ATOM   320  O O   . ARG A 1 40  ? -0.793  12.837  -12.250 1.00 25.35  ? 57   ARG A O   1 
ATOM   321  C CB  . ARG A 1 40  ? 1.299   11.089  -10.658 1.00 22.25  ? 57   ARG A CB  1 
ATOM   322  C CG  . ARG A 1 40  ? 2.479   11.339  -9.763  1.00 24.58  ? 57   ARG A CG  1 
ATOM   323  C CD  . ARG A 1 40  ? 3.773   11.164  -10.515 1.00 28.33  ? 57   ARG A CD  1 
ATOM   324  N NE  . ARG A 1 40  ? 3.991   12.356  -11.360 1.00 27.16  ? 57   ARG A NE  1 
ATOM   325  C CZ  . ARG A 1 40  ? 4.995   12.460  -12.213 1.00 27.08  ? 57   ARG A CZ  1 
ATOM   326  N NH1 . ARG A 1 40  ? 5.877   11.490  -12.327 1.00 25.17  ? 57   ARG A NH1 1 
ATOM   327  N NH2 . ARG A 1 40  ? 5.133   13.545  -12.927 1.00 28.84  ? 57   ARG A NH2 1 
ATOM   328  N N   . ALA A 1 41  ? 0.264   14.131  -10.714 1.00 25.93  ? 58   ALA A N   1 
ATOM   329  C CA  . ALA A 1 41  ? 0.296   15.381  -11.476 1.00 24.88  ? 58   ALA A CA  1 
ATOM   330  C C   . ALA A 1 41  ? 1.610   15.458  -12.279 1.00 26.03  ? 58   ALA A C   1 
ATOM   331  O O   . ALA A 1 41  ? 2.622   14.889  -11.896 1.00 25.20  ? 58   ALA A O   1 
ATOM   332  C CB  . ALA A 1 41  ? 0.163   16.569  -10.511 1.00 28.72  ? 58   ALA A CB  1 
ATOM   333  N N   . LYS A 1 42  ? 1.613   16.169  -13.406 1.00 22.45  ? 59   LYS A N   1 
ATOM   334  C CA  . LYS A 1 42  ? 2.851   16.503  -14.125 1.00 28.95  ? 59   LYS A CA  1 
ATOM   335  C C   . LYS A 1 42  ? 3.797   17.288  -13.194 1.00 30.64  ? 59   LYS A C   1 
ATOM   336  O O   . LYS A 1 42  ? 4.989   17.012  -13.162 1.00 33.60  ? 59   LYS A O   1 
ATOM   337  C CB  . LYS A 1 42  ? 2.504   17.323  -15.392 1.00 31.73  ? 59   LYS A CB  1 
ATOM   338  C CG  . LYS A 1 42  ? 3.510   17.403  -16.507 1.00 50.91  ? 59   LYS A CG  1 
ATOM   339  C CD  . LYS A 1 42  ? 2.966   18.360  -17.599 1.00 68.00  ? 59   LYS A CD  1 
ATOM   340  C CE  . LYS A 1 42  ? 2.726   19.784  -17.071 1.00 68.57  ? 59   LYS A CE  1 
ATOM   341  N NZ  . LYS A 1 42  ? 2.707   20.859  -18.105 1.00 63.17  ? 59   LYS A NZ  1 
ATOM   342  N N   . GLU A 1 43  ? 3.238   18.229  -12.416 1.00 28.82  ? 60   GLU A N   1 
ATOM   343  C CA  . GLU A 1 43  ? 4.012   19.101  -11.518 1.00 33.00  ? 60   GLU A CA  1 
ATOM   344  C C   . GLU A 1 43  ? 3.453   19.109  -10.080 1.00 26.45  ? 60   GLU A C   1 
ATOM   345  O O   . GLU A 1 43  ? 2.252   19.023  -9.945  1.00 31.10  ? 60   GLU A O   1 
ATOM   346  C CB  . GLU A 1 43  ? 3.959   20.519  -12.110 1.00 27.31  ? 60   GLU A CB  1 
ATOM   347  C CG  . GLU A 1 43  ? 4.655   20.560  -13.452 1.00 41.08  ? 60   GLU A CG  1 
ATOM   348  C CD  . GLU A 1 43  ? 4.514   21.886  -14.193 1.00 42.49  ? 60   GLU A CD  1 
ATOM   349  O OE1 . GLU A 1 43  ? 3.936   22.840  -13.636 1.00 36.28  ? 60   GLU A OE1 1 
ATOM   350  O OE2 . GLU A 1 43  ? 4.990   21.951  -15.334 1.00 44.90  ? 60   GLU A OE2 1 
ATOM   351  N N   . PRO A 1 44  ? 4.315   19.295  -9.022  1.00 28.42  ? 61   PRO A N   1 
ATOM   352  C CA  . PRO A 1 44  ? 3.784   19.483  -7.685  1.00 31.84  ? 61   PRO A CA  1 
ATOM   353  C C   . PRO A 1 44  ? 2.765   20.603  -7.592  1.00 42.48  ? 61   PRO A C   1 
ATOM   354  O O   . PRO A 1 44  ? 3.021   21.704  -8.064  1.00 32.15  ? 61   PRO A O   1 
ATOM   355  C CB  . PRO A 1 44  ? 5.010   19.850  -6.852  1.00 30.65  ? 61   PRO A CB  1 
ATOM   356  C CG  . PRO A 1 44  ? 6.156   19.246  -7.557  1.00 32.00  ? 61   PRO A CG  1 
ATOM   357  C CD  . PRO A 1 44  ? 5.801   19.384  -9.012  1.00 29.93  ? 61   PRO A CD  1 
ATOM   358  N N   . GLN A 1 45  ? 1.648   20.331  -6.935  1.00 34.85  ? 62   GLN A N   1 
ATOM   359  C CA  . GLN A 1 45  ? 0.684   21.376  -6.644  1.00 46.09  ? 62   GLN A CA  1 
ATOM   360  C C   . GLN A 1 45  ? 1.171   22.185  -5.432  1.00 38.97  ? 62   GLN A C   1 
ATOM   361  O O   . GLN A 1 45  ? 2.082   21.750  -4.727  1.00 31.91  ? 62   GLN A O   1 
ATOM   362  C CB  . GLN A 1 45  ? -0.664  20.798  -6.278  1.00 35.44  ? 62   GLN A CB  1 
ATOM   363  C CG  . GLN A 1 45  ? -1.257  19.677  -7.118  1.00 38.21  ? 62   GLN A CG  1 
ATOM   364  C CD  . GLN A 1 45  ? -2.177  18.815  -6.220  1.00 64.78  ? 62   GLN A CD  1 
ATOM   365  O OE1 . GLN A 1 45  ? -1.727  17.866  -5.547  1.00 39.69  ? 62   GLN A OE1 1 
ATOM   366  N NE2 . GLN A 1 45  ? -3.444  19.191  -6.155  1.00 39.85  ? 62   GLN A NE2 1 
ATOM   367  N N   . ASP A 1 46  ? 0.518   23.318  -5.155  1.00 37.81  ? 63   ASP A N   1 
ATOM   368  C CA  . ASP A 1 46  ? 0.990   24.239  -4.112  1.00 28.24  ? 63   ASP A CA  1 
ATOM   369  C C   . ASP A 1 46  ? 0.193   23.912  -2.869  1.00 29.46  ? 63   ASP A C   1 
ATOM   370  O O   . ASP A 1 46  ? -1.023  24.185  -2.762  1.00 35.43  ? 63   ASP A O   1 
ATOM   371  C CB  . ASP A 1 46  ? 0.838   25.681  -4.575  1.00 45.77  ? 63   ASP A CB  1 
ATOM   372  C CG  . ASP A 1 46  ? 1.053   26.701  -3.458  1.00 50.01  ? 63   ASP A CG  1 
ATOM   373  O OD1 . ASP A 1 46  ? 1.882   26.456  -2.542  1.00 46.36  ? 63   ASP A OD1 1 
ATOM   374  O OD2 . ASP A 1 46  ? 0.377   27.761  -3.510  1.00 75.66  ? 63   ASP A OD2 1 
ATOM   375  N N   . LEU A 1 47  ? 0.860   23.260  -1.913  1.00 34.58  ? 64   LEU A N   1 
ATOM   376  C CA  . LEU A 1 47  ? 0.207   22.809  -0.665  1.00 33.57  ? 64   LEU A CA  1 
ATOM   377  C C   . LEU A 1 47  ? 1.051   23.220  0.502   1.00 32.68  ? 64   LEU A C   1 
ATOM   378  O O   . LEU A 1 47  ? 2.232   23.460  0.330   1.00 35.85  ? 64   LEU A O   1 
ATOM   379  C CB  . LEU A 1 47  ? 0.037   21.271  -0.685  1.00 42.13  ? 64   LEU A CB  1 
ATOM   380  C CG  . LEU A 1 47  ? -0.938  20.798  -1.751  1.00 44.54  ? 64   LEU A CG  1 
ATOM   381  C CD1 . LEU A 1 47  ? -1.031  19.285  -1.877  1.00 40.19  ? 64   LEU A CD1 1 
ATOM   382  C CD2 . LEU A 1 47  ? -2.323  21.379  -1.453  1.00 55.35  ? 64   LEU A CD2 1 
ATOM   383  N N   . PRO A 1 48  ? 0.458   23.337  1.687   1.00 39.93  ? 65   PRO A N   1 
ATOM   384  C CA  . PRO A 1 48  ? 1.313   23.496  2.892   1.00 42.95  ? 65   PRO A CA  1 
ATOM   385  C C   . PRO A 1 48  ? 2.322   22.350  3.104   1.00 45.01  ? 65   PRO A C   1 
ATOM   386  O O   . PRO A 1 48  ? 2.111   21.225  2.625   1.00 33.73  ? 65   PRO A O   1 
ATOM   387  C CB  . PRO A 1 48  ? 0.314   23.537  4.054   1.00 39.60  ? 65   PRO A CB  1 
ATOM   388  C CG  . PRO A 1 48  ? -1.035  23.324  3.489   1.00 40.33  ? 65   PRO A CG  1 
ATOM   389  C CD  . PRO A 1 48  ? -0.982  23.253  1.992   1.00 42.89  ? 65   PRO A CD  1 
ATOM   390  N N   . ASP A 1 49  ? 3.408   22.593  3.835   1.00 38.48  ? 66   ASP A N   1 
ATOM   391  C CA  . ASP A 1 49  ? 4.330   21.485  4.123   1.00 44.48  ? 66   ASP A CA  1 
ATOM   392  C C   . ASP A 1 49  ? 4.114   21.109  5.590   1.00 40.74  ? 66   ASP A C   1 
ATOM   393  O O   . ASP A 1 49  ? 5.037   21.173  6.409   1.00 41.56  ? 66   ASP A O   1 
ATOM   394  C CB  . ASP A 1 49  ? 5.809   21.821  3.777   1.00 41.64  ? 66   ASP A CB  1 
ATOM   395  C CG  . ASP A 1 49  ? 6.728   20.611  3.917   1.00 55.63  ? 66   ASP A CG  1 
ATOM   396  O OD1 . ASP A 1 49  ? 6.361   19.430  3.547   1.00 35.89  ? 66   ASP A OD1 1 
ATOM   397  O OD2 . ASP A 1 49  ? 7.829   20.852  4.438   1.00 47.92  ? 66   ASP A OD2 1 
ATOM   398  N N   . ASN A 1 50  ? 2.857   20.777  5.908   1.00 31.38  ? 67   ASN A N   1 
ATOM   399  C CA  . ASN A 1 50  ? 2.435   20.437  7.249   1.00 31.24  ? 67   ASN A CA  1 
ATOM   400  C C   . ASN A 1 50  ? 3.163   19.129  7.608   1.00 28.49  ? 67   ASN A C   1 
ATOM   401  O O   . ASN A 1 50  ? 3.572   18.385  6.701   1.00 29.48  ? 67   ASN A O   1 
ATOM   402  C CB  . ASN A 1 50  ? 0.901   20.294  7.298   1.00 31.83  ? 67   ASN A CB  1 
ATOM   403  C CG  . ASN A 1 50  ? 0.380   19.361  6.224   1.00 41.20  ? 67   ASN A CG  1 
ATOM   404  O OD1 . ASN A 1 50  ? 0.331   19.736  5.061   1.00 34.04  ? 67   ASN A OD1 1 
ATOM   405  N ND2 . ASN A 1 50  ? 0.070   18.111  6.596   1.00 28.74  ? 67   ASN A ND2 1 
ATOM   406  N N   . PRO A 1 51  ? 3.373   18.869  8.915   1.00 31.96  ? 68   PRO A N   1 
ATOM   407  C CA  . PRO A 1 51  ? 4.203   17.756  9.387   1.00 30.27  ? 68   PRO A CA  1 
ATOM   408  C C   . PRO A 1 51  ? 3.840   16.322  8.920   1.00 28.21  ? 68   PRO A C   1 
ATOM   409  O O   . PRO A 1 51  ? 4.721   15.469  8.822   1.00 31.58  ? 68   PRO A O   1 
ATOM   410  C CB  . PRO A 1 51  ? 4.088   17.857  10.926  1.00 28.93  ? 68   PRO A CB  1 
ATOM   411  C CG  . PRO A 1 51  ? 3.742   19.300  11.151  1.00 30.19  ? 68   PRO A CG  1 
ATOM   412  C CD  . PRO A 1 51  ? 2.840   19.667  10.032  1.00 33.69  ? 68   PRO A CD  1 
ATOM   413  N N   . GLU A 1 52  ? 2.576   16.072  8.662   1.00 32.14  ? 69   GLU A N   1 
ATOM   414  C CA  . GLU A 1 52  ? 2.111   14.735  8.294   1.00 33.67  ? 69   GLU A CA  1 
ATOM   415  C C   . GLU A 1 52  ? 2.287   14.416  6.779   1.00 29.57  ? 69   GLU A C   1 
ATOM   416  O O   . GLU A 1 52  ? 2.161   13.266  6.380   1.00 25.41  ? 69   GLU A O   1 
ATOM   417  C CB  . GLU A 1 52  ? 0.669   14.438  8.859   1.00 34.10  ? 69   GLU A CB  1 
ATOM   418  C CG  . GLU A 1 52  ? -0.417  15.490  8.812   1.00 58.63  ? 69   GLU A CG  1 
ATOM   419  C CD  . GLU A 1 52  ? -0.193  16.687  9.732   1.00 38.25  ? 69   GLU A CD  1 
ATOM   420  O OE1 . GLU A 1 52  ? -0.511  16.681  10.916  1.00 43.73  ? 69   GLU A OE1 1 
ATOM   421  O OE2 . GLU A 1 52  ? 0.306   17.671  9.230   1.00 32.14  ? 69   GLU A OE2 1 
ATOM   422  N N   . ARG A 1 53  ? 2.694   15.414  5.985   1.00 24.30  ? 70   ARG A N   1 
ATOM   423  C CA  . ARG A 1 53  ? 2.883   15.310  4.541   1.00 24.36  ? 70   ARG A CA  1 
ATOM   424  C C   . ARG A 1 53  ? 4.229   14.766  4.128   1.00 23.87  ? 70   ARG A C   1 
ATOM   425  O O   . ARG A 1 53  ? 5.296   15.252  4.525   1.00 25.92  ? 70   ARG A O   1 
ATOM   426  C CB  . ARG A 1 53  ? 2.663   16.694  3.836   1.00 21.10  ? 70   ARG A CB  1 
ATOM   427  C CG  . ARG A 1 53  ? 2.621   16.579  2.295   1.00 23.19  ? 70   ARG A CG  1 
ATOM   428  C CD  . ARG A 1 53  ? 2.220   17.872  1.539   1.00 22.16  ? 70   ARG A CD  1 
ATOM   429  N NE  . ARG A 1 53  ? 1.107   18.541  2.165   1.00 25.82  ? 70   ARG A NE  1 
ATOM   430  C CZ  . ARG A 1 53  ? -0.191  18.214  2.082   1.00 23.95  ? 70   ARG A CZ  1 
ATOM   431  N NH1 . ARG A 1 53  ? -0.658  17.232  1.304   1.00 25.96  ? 70   ARG A NH1 1 
ATOM   432  N NH2 . ARG A 1 53  ? -1.046  18.918  2.762   1.00 27.67  ? 70   ARG A NH2 1 
ATOM   433  N N   . PHE A 1 54  ? 4.186   13.723  3.326   1.00 25.82  ? 71   PHE A N   1 
ATOM   434  C CA  . PHE A 1 54  ? 5.401   13.209  2.695   1.00 25.68  ? 71   PHE A CA  1 
ATOM   435  C C   . PHE A 1 54  ? 5.895   14.216  1.673   1.00 23.69  ? 71   PHE A C   1 
ATOM   436  O O   . PHE A 1 54  ? 5.157   14.529  0.748   1.00 28.58  ? 71   PHE A O   1 
ATOM   437  C CB  . PHE A 1 54  ? 5.076   11.904  2.004   1.00 27.78  ? 71   PHE A CB  1 
ATOM   438  C CG  . PHE A 1 54  ? 5.009   10.748  2.941   1.00 22.66  ? 71   PHE A CG  1 
ATOM   439  C CD1 . PHE A 1 54  ? 6.179   10.038  3.297   1.00 29.75  ? 71   PHE A CD1 1 
ATOM   440  C CD2 . PHE A 1 54  ? 3.807   10.327  3.429   1.00 22.84  ? 71   PHE A CD2 1 
ATOM   441  C CE1 . PHE A 1 54  ? 6.126   8.940   4.157   1.00 26.89  ? 71   PHE A CE1 1 
ATOM   442  C CE2 . PHE A 1 54  ? 3.757   9.256   4.332   1.00 32.86  ? 71   PHE A CE2 1 
ATOM   443  C CZ  . PHE A 1 54  ? 4.897   8.560   4.694   1.00 23.63  ? 71   PHE A CZ  1 
ATOM   444  N N   . ASN A 1 55  ? 7.112   14.775  1.850   1.00 22.12  ? 72   ASN A N   1 
ATOM   445  C CA  . ASN A 1 55  ? 7.549   15.870  0.955   1.00 28.41  ? 72   ASN A CA  1 
ATOM   446  C C   . ASN A 1 55  ? 8.550   15.456  -0.143  1.00 27.65  ? 72   ASN A C   1 
ATOM   447  O O   . ASN A 1 55  ? 8.890   16.257  -1.009  1.00 25.58  ? 72   ASN A O   1 
ATOM   448  C CB  . ASN A 1 55  ? 8.043   17.126  1.779   1.00 26.63  ? 72   ASN A CB  1 
ATOM   449  C CG  . ASN A 1 55  ? 9.447   16.949  2.361   1.00 31.07  ? 72   ASN A CG  1 
ATOM   450  O OD1 . ASN A 1 55  ? 9.967   15.833  2.397   1.00 27.01  ? 72   ASN A OD1 1 
ATOM   451  N ND2 . ASN A 1 55  ? 10.061  18.045  2.849   1.00 25.00  ? 72   ASN A ND2 1 
ATOM   452  N N   . TRP A 1 56  ? 9.047   14.218  -0.054  1.00 26.57  ? 73   TRP A N   1 
ATOM   453  C CA  . TRP A 1 56  ? 9.961   13.643  -1.038  1.00 23.66  ? 73   TRP A CA  1 
ATOM   454  C C   . TRP A 1 56  ? 9.319   12.416  -1.679  1.00 25.38  ? 73   TRP A C   1 
ATOM   455  O O   . TRP A 1 56  ? 9.020   12.436  -2.896  1.00 26.10  ? 73   TRP A O   1 
ATOM   456  C CB  . TRP A 1 56  ? 11.360  13.298  -0.408  1.00 23.85  ? 73   TRP A CB  1 
ATOM   457  C CG  . TRP A 1 56  ? 12.253  12.731  -1.411  1.00 22.20  ? 73   TRP A CG  1 
ATOM   458  C CD1 . TRP A 1 56  ? 12.495  11.413  -1.641  1.00 21.79  ? 73   TRP A CD1 1 
ATOM   459  C CD2 . TRP A 1 56  ? 12.973  13.452  -2.423  1.00 25.34  ? 73   TRP A CD2 1 
ATOM   460  N NE1 . TRP A 1 56  ? 13.294  11.251  -2.755  1.00 27.57  ? 73   TRP A NE1 1 
ATOM   461  C CE2 . TRP A 1 56  ? 13.611  12.486  -3.256  1.00 26.10  ? 73   TRP A CE2 1 
ATOM   462  C CE3 . TRP A 1 56  ? 13.136  14.797  -2.701  1.00 22.03  ? 73   TRP A CE3 1 
ATOM   463  C CZ2 . TRP A 1 56  ? 14.419  12.842  -4.342  1.00 28.87  ? 73   TRP A CZ2 1 
ATOM   464  C CZ3 . TRP A 1 56  ? 13.939  15.165  -3.783  1.00 21.67  ? 73   TRP A CZ3 1 
ATOM   465  C CH2 . TRP A 1 56  ? 14.555  14.200  -4.604  1.00 22.94  ? 73   TRP A CH2 1 
ATOM   466  N N   . HIS A 1 57  ? 9.084   11.351  -0.891  1.00 26.98  ? 74   HIS A N   1 
ATOM   467  C CA  . HIS A 1 57  ? 8.417   10.137  -1.459  1.00 18.73  ? 74   HIS A CA  1 
ATOM   468  C C   . HIS A 1 57  ? 7.051   10.479  -1.979  1.00 22.61  ? 74   HIS A C   1 
ATOM   469  O O   . HIS A 1 57  ? 6.334   11.197  -1.318  1.00 21.83  ? 74   HIS A O   1 
ATOM   470  C CB  . HIS A 1 57  ? 8.290   8.980   -0.444  1.00 24.70  ? 74   HIS A CB  1 
ATOM   471  C CG  . HIS A 1 57  ? 9.576   8.264   -0.216  1.00 25.19  ? 74   HIS A CG  1 
ATOM   472  N ND1 . HIS A 1 57  ? 10.222  7.571   -1.230  1.00 32.58  ? 74   HIS A ND1 1 
ATOM   473  C CD2 . HIS A 1 57  ? 10.344  8.142   0.890   1.00 26.74  ? 74   HIS A CD2 1 
ATOM   474  C CE1 . HIS A 1 57  ? 11.346  7.080   -0.755  1.00 28.35  ? 74   HIS A CE1 1 
ATOM   475  N NE2 . HIS A 1 57  ? 11.434  7.393   0.531   1.00 31.40  ? 74   HIS A NE2 1 
ATOM   476  N N   . TYR A 1 58  ? 6.690   9.919   -3.146  1.00 16.65  ? 75   TYR A N   1 
ATOM   477  C CA  . TYR A 1 58  ? 5.354   10.054  -3.750  1.00 21.56  ? 75   TYR A CA  1 
ATOM   478  C C   . TYR A 1 58  ? 4.322   9.111   -3.076  1.00 20.92  ? 75   TYR A C   1 
ATOM   479  O O   . TYR A 1 58  ? 3.717   8.229   -3.710  1.00 22.53  ? 75   TYR A O   1 
ATOM   480  C CB  . TYR A 1 58  ? 5.469   9.770   -5.258  1.00 24.62  ? 75   TYR A CB  1 
ATOM   481  C CG  . TYR A 1 58  ? 6.295   10.770  -6.095  1.00 25.31  ? 75   TYR A CG  1 
ATOM   482  C CD1 . TYR A 1 58  ? 7.042   11.767  -5.516  1.00 23.79  ? 75   TYR A CD1 1 
ATOM   483  C CD2 . TYR A 1 58  ? 6.288   10.699  -7.467  1.00 26.53  ? 75   TYR A CD2 1 
ATOM   484  C CE1 . TYR A 1 58  ? 7.763   12.688  -6.301  1.00 25.10  ? 75   TYR A CE1 1 
ATOM   485  C CE2 . TYR A 1 58  ? 6.998   11.585  -8.246  1.00 26.01  ? 75   TYR A CE2 1 
ATOM   486  C CZ  . TYR A 1 58  ? 7.724   12.602  -7.655  1.00 22.61  ? 75   TYR A CZ  1 
ATOM   487  O OH  . TYR A 1 58  ? 8.452   13.503  -8.445  1.00 21.20  ? 75   TYR A OH  1 
ATOM   488  N N   . CYS A 1 59  ? 4.162   9.330   -1.778  1.00 23.40  ? 76   CYS A N   1 
ATOM   489  C CA  . CYS A 1 59  ? 3.413   8.503   -0.830  1.00 26.37  ? 76   CYS A CA  1 
ATOM   490  C C   . CYS A 1 59  ? 2.191   9.286   -0.301  1.00 25.02  ? 76   CYS A C   1 
ATOM   491  O O   . CYS A 1 59  ? 2.160   10.520  -0.191  1.00 22.44  ? 76   CYS A O   1 
ATOM   492  C CB  . CYS A 1 59  ? 4.324   8.079   0.412   1.00 19.52  ? 76   CYS A CB  1 
ATOM   493  S SG  . CYS A 1 59  ? 5.394   6.770   -0.147  1.00 31.34  ? 76   CYS A SG  1 
ATOM   494  N N   . VAL A 1 60  ? 1.210   8.502   0.055   1.00 20.49  ? 77   VAL A N   1 
ATOM   495  C CA  . VAL A 1 60  ? 0.036   8.914   0.755   1.00 22.80  ? 77   VAL A CA  1 
ATOM   496  C C   . VAL A 1 60  ? -0.355  7.751   1.703   1.00 26.33  ? 77   VAL A C   1 
ATOM   497  O O   . VAL A 1 60  ? -0.114  6.559   1.396   1.00 20.99  ? 77   VAL A O   1 
ATOM   498  C CB  . VAL A 1 60  ? -1.090  9.271   -0.238  1.00 18.21  ? 77   VAL A CB  1 
ATOM   499  C CG1 . VAL A 1 60  ? -1.473  8.091   -1.131  1.00 21.43  ? 77   VAL A CG1 1 
ATOM   500  C CG2 . VAL A 1 60  ? -2.322  9.802   0.477   1.00 26.82  ? 77   VAL A CG2 1 
ATOM   501  N N   . LEU A 1 61  ? -0.953  8.112   2.825   1.00 20.74  ? 78   LEU A N   1 
ATOM   502  C CA  . LEU A 1 61  ? -1.430  7.154   3.848   1.00 25.02  ? 78   LEU A CA  1 
ATOM   503  C C   . LEU A 1 61  ? -2.952  7.058   3.924   1.00 24.04  ? 78   LEU A C   1 
ATOM   504  O O   . LEU A 1 61  ? -3.720  8.013   3.568   1.00 21.31  ? 78   LEU A O   1 
ATOM   505  C CB  . LEU A 1 61  ? -0.930  7.605   5.191   1.00 26.51  ? 78   LEU A CB  1 
ATOM   506  C CG  . LEU A 1 61  ? 0.560   7.798   5.416   1.00 21.21  ? 78   LEU A CG  1 
ATOM   507  C CD1 . LEU A 1 61  ? 0.831   8.083   6.888   1.00 19.15  ? 78   LEU A CD1 1 
ATOM   508  C CD2 . LEU A 1 61  ? 1.430   6.623   4.958   1.00 26.28  ? 78   LEU A CD2 1 
ATOM   509  N N   . GLY A 1 62  ? -3.440  5.924   4.415   1.00 22.05  ? 79   GLY A N   1 
ATOM   510  C CA  . GLY A 1 62  ? -4.792  5.914   4.950   1.00 19.44  ? 79   GLY A CA  1 
ATOM   511  C C   . GLY A 1 62  ? -4.977  6.853   6.148   1.00 19.55  ? 79   GLY A C   1 
ATOM   512  O O   . GLY A 1 62  ? -3.997  7.268   6.743   1.00 21.38  ? 79   GLY A O   1 
ATOM   513  N N   . CYS A 1 63  ? -6.236  7.266   6.428   1.00 24.30  ? 80   CYS A N   1 
ATOM   514  C CA  . CYS A 1 63  ? -6.564  8.145   7.576   1.00 34.85  ? 80   CYS A CA  1 
ATOM   515  C C   . CYS A 1 63  ? -6.414  7.469   8.937   1.00 24.29  ? 80   CYS A C   1 
ATOM   516  O O   . CYS A 1 63  ? -6.290  8.123   9.928   1.00 27.44  ? 80   CYS A O   1 
ATOM   517  C CB  . CYS A 1 63  ? -7.996  8.704   7.495   1.00 28.31  ? 80   CYS A CB  1 
ATOM   518  S SG  . CYS A 1 63  ? -8.229  9.871   6.133   1.00 31.03  ? 80   CYS A SG  1 
ATOM   519  N N   . GLU A 1 64  ? -6.509  6.151   8.973   1.00 24.93  ? 81   GLU A N   1 
ATOM   520  C CA  . GLU A 1 64  ? -6.531  5.420   10.192  1.00 26.16  ? 81   GLU A CA  1 
ATOM   521  C C   . GLU A 1 64  ? -5.368  4.399   10.187  1.00 24.78  ? 81   GLU A C   1 
ATOM   522  O O   . GLU A 1 64  ? -5.072  3.783   9.166   1.00 24.80  ? 81   GLU A O   1 
ATOM   523  C CB  . GLU A 1 64  ? -7.870  4.656   10.369  1.00 29.47  ? 81   GLU A CB  1 
ATOM   524  C CG  . GLU A 1 64  ? -9.164  5.497   10.375  1.00 45.39  ? 81   GLU A CG  1 
ATOM   525  C CD  . GLU A 1 64  ? -9.190  6.663   11.391  1.00 58.39  ? 81   GLU A CD  1 
ATOM   526  O OE1 . GLU A 1 64  ? -8.521  6.629   12.466  1.00 54.58  ? 81   GLU A OE1 1 
ATOM   527  O OE2 . GLU A 1 64  ? -9.897  7.650   11.107  1.00 55.38  ? 81   GLU A OE2 1 
ATOM   528  N N   . SER A 1 65  ? -4.765  4.251   11.368  1.00 25.42  ? 82   SER A N   1 
ATOM   529  C CA  . SER A 1 65  ? -3.695  3.259   11.666  1.00 25.20  ? 82   SER A CA  1 
ATOM   530  C C   . SER A 1 65  ? -4.211  2.133   12.582  1.00 26.00  ? 82   SER A C   1 
ATOM   531  O O   . SER A 1 65  ? -5.304  2.214   13.126  1.00 24.17  ? 82   SER A O   1 
ATOM   532  C CB  . SER A 1 65  ? -2.530  3.934   12.331  1.00 30.39  ? 82   SER A CB  1 
ATOM   533  O OG  . SER A 1 65  ? -2.972  4.547   13.517  1.00 24.45  ? 82   SER A OG  1 
ATOM   534  N N   . PHE A 1 66  ? -3.434  1.064   12.656  1.00 21.54  ? 83   PHE A N   1 
ATOM   535  C CA  . PHE A 1 66  ? -3.747  -0.111  13.448  1.00 25.98  ? 83   PHE A CA  1 
ATOM   536  C C   . PHE A 1 66  ? -2.675  -0.369  14.485  1.00 22.25  ? 83   PHE A C   1 
ATOM   537  O O   . PHE A 1 66  ? -1.433  -0.270  14.193  1.00 22.90  ? 83   PHE A O   1 
ATOM   538  C CB  . PHE A 1 66  ? -3.810  -1.289  12.483  1.00 24.33  ? 83   PHE A CB  1 
ATOM   539  C CG  . PHE A 1 66  ? -4.805  -1.082  11.381  1.00 26.60  ? 83   PHE A CG  1 
ATOM   540  C CD1 . PHE A 1 66  ? -6.180  -1.095  11.662  1.00 30.45  ? 83   PHE A CD1 1 
ATOM   541  C CD2 . PHE A 1 66  ? -4.381  -0.784  10.063  1.00 29.18  ? 83   PHE A CD2 1 
ATOM   542  C CE1 . PHE A 1 66  ? -7.113  -0.862  10.642  1.00 28.09  ? 83   PHE A CE1 1 
ATOM   543  C CE2 . PHE A 1 66  ? -5.300  -0.573  9.045   1.00 28.39  ? 83   PHE A CE2 1 
ATOM   544  C CZ  . PHE A 1 66  ? -6.672  -0.602  9.342   1.00 33.69  ? 83   PHE A CZ  1 
ATOM   545  N N   . ILE A 1 67  ? -3.102  -0.759  15.680  1.00 24.65  ? 84   ILE A N   1 
ATOM   546  C CA  . ILE A 1 67  ? -2.154  -1.157  16.735  1.00 23.05  ? 84   ILE A CA  1 
ATOM   547  C C   . ILE A 1 67  ? -2.405  -2.562  17.286  1.00 28.04  ? 84   ILE A C   1 
ATOM   548  O O   . ILE A 1 67  ? -1.672  -3.016  18.177  1.00 27.30  ? 84   ILE A O   1 
ATOM   549  C CB  . ILE A 1 67  ? -2.073  -0.131  17.892  1.00 29.04  ? 84   ILE A CB  1 
ATOM   550  C CG1 . ILE A 1 67  ? -3.470  0.412   18.334  1.00 32.55  ? 84   ILE A CG1 1 
ATOM   551  C CG2 . ILE A 1 67  ? -1.210  1.006   17.439  1.00 28.17  ? 84   ILE A CG2 1 
ATOM   552  C CD1 . ILE A 1 67  ? -4.438  -0.606  18.903  1.00 35.42  ? 84   ILE A CD1 1 
ATOM   553  N N   . SER A 1 68  ? -3.414  -3.232  16.745  1.00 25.83  ? 85   SER A N   1 
ATOM   554  C CA  . SER A 1 68  ? -3.728  -4.605  17.115  1.00 21.82  ? 85   SER A CA  1 
ATOM   555  C C   . SER A 1 68  ? -4.711  -5.215  16.125  1.00 28.13  ? 85   SER A C   1 
ATOM   556  O O   . SER A 1 68  ? -5.325  -4.498  15.348  1.00 28.08  ? 85   SER A O   1 
ATOM   557  C CB  . SER A 1 68  ? -4.378  -4.659  18.500  1.00 26.32  ? 85   SER A CB  1 
ATOM   558  O OG  . SER A 1 68  ? -5.663  -4.095  18.418  1.00 28.48  ? 85   SER A OG  1 
ATOM   559  N N   . GLY A 1 69  ? -4.857  -6.534  16.175  1.00 26.92  ? 86   GLY A N   1 
ATOM   560  C CA  . GLY A 1 69  ? -5.895  -7.234  15.443  1.00 37.60  ? 86   GLY A CA  1 
ATOM   561  C C   . GLY A 1 69  ? -5.547  -7.600  14.003  1.00 26.76  ? 86   GLY A C   1 
ATOM   562  O O   . GLY A 1 69  ? -4.409  -7.461  13.562  1.00 26.09  ? 86   GLY A O   1 
ATOM   563  N N   . ARG A 1 70  ? -6.567  -8.088  13.301  1.00 29.39  ? 87   ARG A N   1 
ATOM   564  C CA  . ARG A 1 70  ? -6.466  -8.621  11.932  1.00 32.29  ? 87   ARG A CA  1 
ATOM   565  C C   . ARG A 1 70  ? -7.316  -7.711  11.024  1.00 24.68  ? 87   ARG A C   1 
ATOM   566  O O   . ARG A 1 70  ? -8.469  -7.435  11.330  1.00 21.54  ? 87   ARG A O   1 
ATOM   567  C CB  . ARG A 1 70  ? -6.941  -10.107 11.827  1.00 27.27  ? 87   ARG A CB  1 
ATOM   568  C CG  . ARG A 1 70  ? -5.956  -11.088 12.427  1.00 32.77  ? 87   ARG A CG  1 
ATOM   569  C CD  . ARG A 1 70  ? -6.184  -12.550 12.012  1.00 37.99  ? 87   ARG A CD  1 
ATOM   570  N NE  . ARG A 1 70  ? -7.526  -12.970 12.356  1.00 40.60  ? 87   ARG A NE  1 
ATOM   571  C CZ  . ARG A 1 70  ? -7.936  -13.399 13.551  1.00 60.56  ? 87   ARG A CZ  1 
ATOM   572  N NH1 . ARG A 1 70  ? -7.086  -13.496 14.565  1.00 58.61  ? 87   ARG A NH1 1 
ATOM   573  N NH2 . ARG A 1 70  ? -9.225  -13.740 13.741  1.00 51.06  ? 87   ARG A NH2 1 
ATOM   574  N N   . HIS A 1 71  ? -6.724  -7.265  9.907   1.00 22.64  ? 88   HIS A N   1 
ATOM   575  C CA  . HIS A 1 71  ? -7.322  -6.248  9.068   1.00 21.25  ? 88   HIS A CA  1 
ATOM   576  C C   . HIS A 1 71  ? -6.998  -6.502  7.616   1.00 23.13  ? 88   HIS A C   1 
ATOM   577  O O   . HIS A 1 71  ? -5.943  -7.046  7.348   1.00 23.05  ? 88   HIS A O   1 
ATOM   578  C CB  . HIS A 1 71  ? -6.785  -4.889  9.448   1.00 23.90  ? 88   HIS A CB  1 
ATOM   579  C CG  . HIS A 1 71  ? -7.024  -4.557  10.868  1.00 25.44  ? 88   HIS A CG  1 
ATOM   580  N ND1 . HIS A 1 71  ? -6.079  -4.797  11.853  1.00 31.23  ? 88   HIS A ND1 1 
ATOM   581  C CD2 . HIS A 1 71  ? -8.118  -4.077  11.494  1.00 26.56  ? 88   HIS A CD2 1 
ATOM   582  C CE1 . HIS A 1 71  ? -6.581  -4.435  13.019  1.00 19.12  ? 88   HIS A CE1 1 
ATOM   583  N NE2 . HIS A 1 71  ? -7.810  -3.987  12.832  1.00 26.25  ? 88   HIS A NE2 1 
ATOM   584  N N   . TYR A 1 72  ? -7.906  -6.145  6.690   1.00 17.95  ? 89   TYR A N   1 
ATOM   585  C CA  . TYR A 1 72  ? -7.546  -6.218  5.294   1.00 22.42  ? 89   TYR A CA  1 
ATOM   586  C C   . TYR A 1 72  ? -8.199  -5.081  4.494   1.00 21.15  ? 89   TYR A C   1 
ATOM   587  O O   . TYR A 1 72  ? -9.228  -4.512  4.902   1.00 22.80  ? 89   TYR A O   1 
ATOM   588  C CB  . TYR A 1 72  ? -7.892  -7.577  4.645   1.00 26.79  ? 89   TYR A CB  1 
ATOM   589  C CG  . TYR A 1 72  ? -9.311  -7.648  4.139   1.00 24.84  ? 89   TYR A CG  1 
ATOM   590  C CD1 . TYR A 1 72  ? -10.338 -7.924  5.027   1.00 22.72  ? 89   TYR A CD1 1 
ATOM   591  C CD2 . TYR A 1 72  ? -9.641  -7.350  2.788   1.00 26.47  ? 89   TYR A CD2 1 
ATOM   592  C CE1 . TYR A 1 72  ? -11.665 -7.961  4.619   1.00 30.24  ? 89   TYR A CE1 1 
ATOM   593  C CE2 . TYR A 1 72  ? -10.983 -7.353  2.373   1.00 22.29  ? 89   TYR A CE2 1 
ATOM   594  C CZ  . TYR A 1 72  ? -11.982 -7.694  3.314   1.00 23.66  ? 89   TYR A CZ  1 
ATOM   595  O OH  . TYR A 1 72  ? -13.303 -7.718  3.004   1.00 27.47  ? 89   TYR A OH  1 
ATOM   596  N N   . TRP A 1 73  ? -7.574  -4.788  3.352   1.00 20.59  ? 90   TRP A N   1 
ATOM   597  C CA  . TRP A 1 73  ? -8.174  -3.930  2.343   1.00 23.39  ? 90   TRP A CA  1 
ATOM   598  C C   . TRP A 1 73  ? -7.647  -4.386  0.978   1.00 25.92  ? 90   TRP A C   1 
ATOM   599  O O   . TRP A 1 73  ? -6.597  -5.064  0.875   1.00 21.57  ? 90   TRP A O   1 
ATOM   600  C CB  . TRP A 1 73  ? -7.856  -2.469  2.591   1.00 25.78  ? 90   TRP A CB  1 
ATOM   601  C CG  . TRP A 1 73  ? -6.401  -2.184  2.739   1.00 22.46  ? 90   TRP A CG  1 
ATOM   602  C CD1 . TRP A 1 73  ? -5.553  -1.704  1.764   1.00 19.75  ? 90   TRP A CD1 1 
ATOM   603  C CD2 . TRP A 1 73  ? -5.604  -2.337  3.923   1.00 21.68  ? 90   TRP A CD2 1 
ATOM   604  N NE1 . TRP A 1 73  ? -4.290  -1.581  2.256   1.00 22.21  ? 90   TRP A NE1 1 
ATOM   605  C CE2 . TRP A 1 73  ? -4.284  -1.929  3.584   1.00 23.24  ? 90   TRP A CE2 1 
ATOM   606  C CE3 . TRP A 1 73  ? -5.855  -2.827  5.226   1.00 22.04  ? 90   TRP A CE3 1 
ATOM   607  C CZ2 . TRP A 1 73  ? -3.223  -2.020  4.480   1.00 19.05  ? 90   TRP A CZ2 1 
ATOM   608  C CZ3 . TRP A 1 73  ? -4.797  -2.914  6.106   1.00 21.79  ? 90   TRP A CZ3 1 
ATOM   609  C CH2 . TRP A 1 73  ? -3.479  -2.488  5.722   1.00 18.87  ? 90   TRP A CH2 1 
ATOM   610  N N   . GLU A 1 74  ? -8.366  -3.975  -0.056  1.00 22.28  ? 91   GLU A N   1 
ATOM   611  C CA  . GLU A 1 74  ? -8.052  -4.397  -1.400  1.00 19.36  ? 91   GLU A CA  1 
ATOM   612  C C   . GLU A 1 74  ? -7.827  -3.159  -2.268  1.00 17.27  ? 91   GLU A C   1 
ATOM   613  O O   . GLU A 1 74  ? -8.476  -2.059  -2.071  1.00 29.27  ? 91   GLU A O   1 
ATOM   614  C CB  . GLU A 1 74  ? -9.113  -5.328  -1.945  1.00 21.61  ? 91   GLU A CB  1 
ATOM   615  C CG  . GLU A 1 74  ? -9.205  -6.658  -1.187  1.00 23.94  ? 91   GLU A CG  1 
ATOM   616  C CD  . GLU A 1 74  ? -10.419 -7.492  -1.578  1.00 26.34  ? 91   GLU A CD  1 
ATOM   617  O OE1 . GLU A 1 74  ? -11.454 -6.958  -1.970  1.00 24.91  ? 91   GLU A OE1 1 
ATOM   618  O OE2 . GLU A 1 74  ? -10.317 -8.694  -1.512  1.00 25.81  ? 91   GLU A OE2 1 
ATOM   619  N N   . VAL A 1 75  ? -6.854  -3.317  -3.172  1.00 21.92  ? 92   VAL A N   1 
ATOM   620  C CA  . VAL A 1 75  ? -6.447  -2.262  -4.073  1.00 21.08  ? 92   VAL A CA  1 
ATOM   621  C C   . VAL A 1 75  ? -6.502  -2.741  -5.526  1.00 24.23  ? 92   VAL A C   1 
ATOM   622  O O   . VAL A 1 75  ? -5.879  -3.771  -5.913  1.00 22.49  ? 92   VAL A O   1 
ATOM   623  C CB  . VAL A 1 75  ? -5.002  -1.816  -3.712  1.00 21.20  ? 92   VAL A CB  1 
ATOM   624  C CG1 . VAL A 1 75  ? -4.513  -0.644  -4.594  1.00 22.76  ? 92   VAL A CG1 1 
ATOM   625  C CG2 . VAL A 1 75  ? -4.925  -1.425  -2.241  1.00 26.34  ? 92   VAL A CG2 1 
ATOM   626  N N   . GLU A 1 76  ? -7.203  -1.964  -6.334  1.00 21.73  ? 93   GLU A N   1 
ATOM   627  C CA  . GLU A 1 76  ? -7.231  -2.146  -7.732  1.00 23.32  ? 93   GLU A CA  1 
ATOM   628  C C   . GLU A 1 76  ? -6.050  -1.430  -8.402  1.00 23.09  ? 93   GLU A C   1 
ATOM   629  O O   . GLU A 1 76  ? -5.947  -0.190  -8.448  1.00 25.34  ? 93   GLU A O   1 
ATOM   630  C CB  . GLU A 1 76  ? -8.588  -1.714  -8.326  1.00 26.16  ? 93   GLU A CB  1 
ATOM   631  C CG  . GLU A 1 76  ? -8.613  -1.927  -9.842  1.00 49.77  ? 93   GLU A CG  1 
ATOM   632  C CD  . GLU A 1 76  ? -9.926  -1.590  -10.530 1.00 53.28  ? 93   GLU A CD  1 
ATOM   633  O OE1 . GLU A 1 76  ? -10.905 -1.245  -9.831  1.00 68.59  ? 93   GLU A OE1 1 
ATOM   634  O OE2 . GLU A 1 76  ? -9.952  -1.684  -11.791 1.00 46.14  ? 93   GLU A OE2 1 
ATOM   635  N N   . VAL A 1 77  ? -5.129  -2.241  -8.885  1.00 22.48  ? 94   VAL A N   1 
ATOM   636  C CA  . VAL A 1 77  ? -3.917  -1.786  -9.572  1.00 20.20  ? 94   VAL A CA  1 
ATOM   637  C C   . VAL A 1 77  ? -4.144  -1.748  -11.071 1.00 23.53  ? 94   VAL A C   1 
ATOM   638  O O   . VAL A 1 77  ? -3.472  -1.015  -11.794 1.00 24.12  ? 94   VAL A O   1 
ATOM   639  C CB  . VAL A 1 77  ? -2.674  -2.642  -9.153  1.00 25.26  ? 94   VAL A CB  1 
ATOM   640  C CG1 . VAL A 1 77  ? -2.460  -2.559  -7.638  1.00 27.77  ? 94   VAL A CG1 1 
ATOM   641  C CG2 . VAL A 1 77  ? -2.816  -4.094  -9.519  1.00 24.24  ? 94   VAL A CG2 1 
ATOM   642  N N   . GLY A 1 78  ? -5.075  -2.562  -11.538 1.00 25.25  ? 95   GLY A N   1 
ATOM   643  C CA  . GLY A 1 78  ? -5.456  -2.605  -12.941 1.00 21.32  ? 95   GLY A CA  1 
ATOM   644  C C   . GLY A 1 78  ? -4.224  -2.805  -13.798 1.00 25.39  ? 95   GLY A C   1 
ATOM   645  O O   . GLY A 1 78  ? -3.315  -3.535  -13.445 1.00 22.62  ? 95   GLY A O   1 
ATOM   646  N N   . ASP A 1 79  ? -4.157  -2.069  -14.889 1.00 23.52  ? 96   ASP A N   1 
ATOM   647  C CA  . ASP A 1 79  ? -2.999  -2.180  -15.827 1.00 27.26  ? 96   ASP A CA  1 
ATOM   648  C C   . ASP A 1 79  ? -1.927  -1.131  -15.582 1.00 26.55  ? 96   ASP A C   1 
ATOM   649  O O   . ASP A 1 79  ? -1.123  -0.886  -16.474 1.00 26.62  ? 96   ASP A O   1 
ATOM   650  C CB  . ASP A 1 79  ? -3.490  -2.077  -17.305 1.00 27.27  ? 96   ASP A CB  1 
ATOM   651  C CG  . ASP A 1 79  ? -4.174  -0.738  -17.591 1.00 50.07  ? 96   ASP A CG  1 
ATOM   652  O OD1 . ASP A 1 79  ? -4.115  0.212   -16.726 1.00 39.66  ? 96   ASP A OD1 1 
ATOM   653  O OD2 . ASP A 1 79  ? -4.776  -0.610  -18.672 1.00 47.00  ? 96   ASP A OD2 1 
ATOM   654  N N   . ARG A 1 80  ? -1.867  -0.527  -14.381 1.00 29.52  ? 97   ARG A N   1 
ATOM   655  C CA  . ARG A 1 80  ? -0.713  0.331   -14.057 1.00 23.29  ? 97   ARG A CA  1 
ATOM   656  C C   . ARG A 1 80  ? 0.574   -0.458  -14.252 1.00 28.45  ? 97   ARG A C   1 
ATOM   657  O O   . ARG A 1 80  ? 0.639   -1.688  -14.042 1.00 27.11  ? 97   ARG A O   1 
ATOM   658  C CB  . ARG A 1 80  ? -0.731  0.878   -12.642 1.00 24.56  ? 97   ARG A CB  1 
ATOM   659  C CG  . ARG A 1 80  ? -1.836  1.881   -12.375 1.00 25.99  ? 97   ARG A CG  1 
ATOM   660  C CD  . ARG A 1 80  ? -1.585  2.640   -11.083 1.00 24.46  ? 97   ARG A CD  1 
ATOM   661  N NE  . ARG A 1 80  ? -0.221  3.137   -11.036 1.00 27.14  ? 97   ARG A NE  1 
ATOM   662  C CZ  . ARG A 1 80  ? 0.171   4.347   -11.464 1.00 30.92  ? 97   ARG A CZ  1 
ATOM   663  N NH1 . ARG A 1 80  ? -0.703  5.219   -11.947 1.00 23.15  ? 97   ARG A NH1 1 
ATOM   664  N NH2 . ARG A 1 80  ? 1.448   4.692   -11.390 1.00 21.73  ? 97   ARG A NH2 1 
ATOM   665  N N   . LYS A 1 81  ? 1.593   0.275   -14.661 1.00 20.89  ? 98   LYS A N   1 
ATOM   666  C CA  . LYS A 1 81  ? 2.912   -0.261  -14.924 1.00 26.23  ? 98   LYS A CA  1 
ATOM   667  C C   . LYS A 1 81  ? 3.818   -0.151  -13.692 1.00 23.74  ? 98   LYS A C   1 
ATOM   668  O O   . LYS A 1 81  ? 4.942   -0.695  -13.682 1.00 22.74  ? 98   LYS A O   1 
ATOM   669  C CB  . LYS A 1 81  ? 3.547   0.565   -16.056 1.00 32.31  ? 98   LYS A CB  1 
ATOM   670  C CG  . LYS A 1 81  ? 3.116   0.335   -17.500 1.00 30.18  ? 98   LYS A CG  1 
ATOM   671  C CD  . LYS A 1 81  ? 1.968   -0.591  -17.688 1.00 40.15  ? 98   LYS A CD  1 
ATOM   672  C CE  . LYS A 1 81  ? 1.555   -0.586  -19.146 1.00 54.52  ? 98   LYS A CE  1 
ATOM   673  N NZ  . LYS A 1 81  ? 0.083   -0.383  -19.213 1.00 35.69  ? 98   LYS A NZ  1 
ATOM   674  N N   . GLU A 1 82  ? 3.391   0.643   -12.699 1.00 21.18  ? 99   GLU A N   1 
ATOM   675  C CA  . GLU A 1 82  ? 4.206   0.932   -11.511 1.00 19.70  ? 99   GLU A CA  1 
ATOM   676  C C   . GLU A 1 82  ? 3.280   1.274   -10.366 1.00 22.35  ? 99   GLU A C   1 
ATOM   677  O O   . GLU A 1 82  ? 2.331   2.067   -10.532 1.00 26.73  ? 99   GLU A O   1 
ATOM   678  C CB  . GLU A 1 82  ? 5.118   2.130   -11.775 1.00 23.42  ? 99   GLU A CB  1 
ATOM   679  C CG  . GLU A 1 82  ? 6.196   2.340   -10.749 1.00 28.10  ? 99   GLU A CG  1 
ATOM   680  C CD  . GLU A 1 82  ? 5.787   3.145   -9.521  1.00 24.89  ? 99   GLU A CD  1 
ATOM   681  O OE1 . GLU A 1 82  ? 4.767   3.892   -9.574  1.00 27.20  ? 99   GLU A OE1 1 
ATOM   682  O OE2 . GLU A 1 82  ? 6.548   3.023   -8.530  1.00 28.43  ? 99   GLU A OE2 1 
ATOM   683  N N   . TRP A 1 83  ? 3.565   0.675   -9.201  1.00 20.19  ? 100  TRP A N   1 
ATOM   684  C CA  . TRP A 1 83  ? 2.866   0.977   -7.932  1.00 19.92  ? 100  TRP A CA  1 
ATOM   685  C C   . TRP A 1 83  ? 3.578   0.191   -6.839  1.00 22.06  ? 100  TRP A C   1 
ATOM   686  O O   . TRP A 1 83  ? 4.152   -0.906  -7.112  1.00 18.62  ? 100  TRP A O   1 
ATOM   687  C CB  . TRP A 1 83  ? 1.415   0.543   -8.017  1.00 19.72  ? 100  TRP A CB  1 
ATOM   688  C CG  . TRP A 1 83  ? 1.193   -0.838  -8.558  1.00 18.18  ? 100  TRP A CG  1 
ATOM   689  C CD1 . TRP A 1 83  ? 0.952   -1.187  -9.872  1.00 26.11  ? 100  TRP A CD1 1 
ATOM   690  C CD2 . TRP A 1 83  ? 1.160   -2.050  -7.809  1.00 19.41  ? 100  TRP A CD2 1 
ATOM   691  N NE1 . TRP A 1 83  ? 0.756   -2.544  -9.966  1.00 23.27  ? 100  TRP A NE1 1 
ATOM   692  C CE2 . TRP A 1 83  ? 0.908   -3.102  -8.722  1.00 22.19  ? 100  TRP A CE2 1 
ATOM   693  C CE3 . TRP A 1 83  ? 1.333   -2.359  -6.449  1.00 18.74  ? 100  TRP A CE3 1 
ATOM   694  C CZ2 . TRP A 1 83  ? 0.862   -4.441  -8.325  1.00 26.76  ? 100  TRP A CZ2 1 
ATOM   695  C CZ3 . TRP A 1 83  ? 1.238   -3.687  -6.045  1.00 27.58  ? 100  TRP A CZ3 1 
ATOM   696  C CH2 . TRP A 1 83  ? 0.976   -4.713  -6.991  1.00 28.56  ? 100  TRP A CH2 1 
ATOM   697  N N   . HIS A 1 84  ? 3.572   0.767   -5.644  1.00 20.36  ? 101  HIS A N   1 
ATOM   698  C CA  . HIS A 1 84  ? 3.866   0.045   -4.416  1.00 25.85  ? 101  HIS A CA  1 
ATOM   699  C C   . HIS A 1 84  ? 2.838   0.335   -3.321  1.00 28.26  ? 101  HIS A C   1 
ATOM   700  O O   . HIS A 1 84  ? 2.332   1.453   -3.193  1.00 23.62  ? 101  HIS A O   1 
ATOM   701  C CB  . HIS A 1 84  ? 5.296   0.303   -3.926  1.00 21.99  ? 101  HIS A CB  1 
ATOM   702  C CG  . HIS A 1 84  ? 6.321   -0.135  -4.906  1.00 26.71  ? 101  HIS A CG  1 
ATOM   703  N ND1 . HIS A 1 84  ? 6.644   0.607   -6.025  1.00 29.10  ? 101  HIS A ND1 1 
ATOM   704  C CD2 . HIS A 1 84  ? 7.073   -1.256  -4.963  1.00 28.31  ? 101  HIS A CD2 1 
ATOM   705  C CE1 . HIS A 1 84  ? 7.545   -0.053  -6.734  1.00 28.01  ? 101  HIS A CE1 1 
ATOM   706  N NE2 . HIS A 1 84  ? 7.801   -1.189  -6.123  1.00 34.70  ? 101  HIS A NE2 1 
ATOM   707  N N   . ILE A 1 85  ? 2.507   -0.724  -2.570  1.00 21.27  ? 102  ILE A N   1 
ATOM   708  C CA  . ILE A 1 85  ? 1.497   -0.687  -1.521  1.00 23.20  ? 102  ILE A CA  1 
ATOM   709  C C   . ILE A 1 85  ? 1.952   -1.576  -0.327  1.00 22.34  ? 102  ILE A C   1 
ATOM   710  O O   . ILE A 1 85  ? 2.835   -2.438  -0.478  1.00 21.34  ? 102  ILE A O   1 
ATOM   711  C CB  . ILE A 1 85  ? 0.064   -1.112  -2.019  1.00 21.46  ? 102  ILE A CB  1 
ATOM   712  C CG1 . ILE A 1 85  ? 0.044   -2.585  -2.461  1.00 19.20  ? 102  ILE A CG1 1 
ATOM   713  C CG2 . ILE A 1 85  ? -0.460  -0.178  -3.089  1.00 20.15  ? 102  ILE A CG2 1 
ATOM   714  C CD1 . ILE A 1 85  ? -1.282  -3.102  -2.910  1.00 19.69  ? 102  ILE A CD1 1 
ATOM   715  N N   . GLY A 1 86  ? 1.444   -1.237  0.861   1.00 25.49  ? 103  GLY A N   1 
ATOM   716  C CA  . GLY A 1 86  ? 1.572   -2.080  2.010   1.00 17.77  ? 103  GLY A CA  1 
ATOM   717  C C   . GLY A 1 86  ? 1.221   -1.307  3.242   1.00 24.76  ? 103  GLY A C   1 
ATOM   718  O O   . GLY A 1 86  ? 0.202   -0.598  3.263   1.00 21.54  ? 103  GLY A O   1 
ATOM   719  N N   . VAL A 1 87  ? 2.078   -1.434  4.276   1.00 19.43  ? 104  VAL A N   1 
ATOM   720  C CA  . VAL A 1 87  ? 1.907   -0.659  5.516   1.00 17.54  ? 104  VAL A CA  1 
ATOM   721  C C   . VAL A 1 87  ? 3.193   0.042   5.871   1.00 20.78  ? 104  VAL A C   1 
ATOM   722  O O   . VAL A 1 87  ? 4.241   -0.355  5.424   1.00 22.75  ? 104  VAL A O   1 
ATOM   723  C CB  . VAL A 1 87  ? 1.358   -1.496  6.719   1.00 23.98  ? 104  VAL A CB  1 
ATOM   724  C CG1 . VAL A 1 87  ? -0.062  -2.063  6.421   1.00 21.56  ? 104  VAL A CG1 1 
ATOM   725  C CG2 . VAL A 1 87  ? 2.350   -2.608  7.173   1.00 25.37  ? 104  VAL A CG2 1 
ATOM   726  N N   . CYS A 1 88  ? 3.096   1.112   6.674   1.00 22.75  ? 105  CYS A N   1 
ATOM   727  C CA  . CYS A 1 88  ? 4.260   1.727   7.264   1.00 23.56  ? 105  CYS A CA  1 
ATOM   728  C C   . CYS A 1 88  ? 3.951   2.182   8.711   1.00 23.93  ? 105  CYS A C   1 
ATOM   729  O O   . CYS A 1 88  ? 2.775   2.345   9.112   1.00 22.35  ? 105  CYS A O   1 
ATOM   730  C CB  . CYS A 1 88  ? 4.756   2.885   6.368   1.00 23.51  ? 105  CYS A CB  1 
ATOM   731  S SG  . CYS A 1 88  ? 3.740   4.367   6.435   1.00 24.55  ? 105  CYS A SG  1 
ATOM   732  N N   . SER A 1 89  ? 5.006   2.336   9.504   1.00 22.16  ? 106  SER A N   1 
ATOM   733  C CA  . SER A 1 89  ? 4.856   2.780   10.903  1.00 20.70  ? 106  SER A CA  1 
ATOM   734  C C   . SER A 1 89  ? 4.475   4.224   10.886  1.00 22.56  ? 106  SER A C   1 
ATOM   735  O O   . SER A 1 89  ? 4.934   4.971   10.012  1.00 22.55  ? 106  SER A O   1 
ATOM   736  C CB  . SER A 1 89  ? 6.164   2.635   11.710  1.00 20.39  ? 106  SER A CB  1 
ATOM   737  O OG  . SER A 1 89  ? 6.439   1.254   11.793  1.00 27.37  ? 106  SER A OG  1 
ATOM   738  N N   . LYS A 1 90  ? 3.709   4.622   11.892  1.00 23.68  ? 107  LYS A N   1 
ATOM   739  C CA  . LYS A 1 90  ? 3.329   6.007   12.096  1.00 26.42  ? 107  LYS A CA  1 
ATOM   740  C C   . LYS A 1 90  ? 4.542   6.970   12.100  1.00 29.41  ? 107  LYS A C   1 
ATOM   741  O O   . LYS A 1 90  ? 4.412   8.085   11.641  1.00 27.07  ? 107  LYS A O   1 
ATOM   742  C CB  . LYS A 1 90  ? 2.588   6.135   13.427  1.00 33.62  ? 107  LYS A CB  1 
ATOM   743  C CG  . LYS A 1 90  ? 2.210   7.580   13.776  1.00 40.61  ? 107  LYS A CG  1 
ATOM   744  C CD  . LYS A 1 90  ? 1.452   7.639   15.095  1.00 55.48  ? 107  LYS A CD  1 
ATOM   745  C CE  . LYS A 1 90  ? 2.399   7.752   16.289  1.00 70.76  ? 107  LYS A CE  1 
ATOM   746  N NZ  . LYS A 1 90  ? 1.714   8.572   17.333  1.00 90.14  ? 107  LYS A NZ  1 
ATOM   747  N N   . ASN A 1 91  ? 5.692   6.521   12.619  1.00 25.77  ? 108  ASN A N   1 
ATOM   748  C CA  . ASN A 1 91  ? 6.827   7.385   12.846  1.00 25.67  ? 108  ASN A CA  1 
ATOM   749  C C   . ASN A 1 91  ? 7.862   7.292   11.743  1.00 24.82  ? 108  ASN A C   1 
ATOM   750  O O   . ASN A 1 91  ? 8.977   7.753   11.899  1.00 27.95  ? 108  ASN A O   1 
ATOM   751  C CB  . ASN A 1 91  ? 7.433   7.070   14.181  1.00 25.55  ? 108  ASN A CB  1 
ATOM   752  C CG  . ASN A 1 91  ? 8.038   5.691   14.206  1.00 44.48  ? 108  ASN A CG  1 
ATOM   753  O OD1 . ASN A 1 91  ? 7.727   4.842   13.349  1.00 39.88  ? 108  ASN A OD1 1 
ATOM   754  N ND2 . ASN A 1 91  ? 8.914   5.447   15.188  1.00 44.57  ? 108  ASN A ND2 1 
ATOM   755  N N   . VAL A 1 92  ? 7.485   6.795   10.571  1.00 29.37  ? 109  VAL A N   1 
ATOM   756  C CA  . VAL A 1 92  ? 8.442   6.847   9.463   1.00 22.99  ? 109  VAL A CA  1 
ATOM   757  C C   . VAL A 1 92  ? 8.923   8.304   9.201   1.00 23.52  ? 109  VAL A C   1 
ATOM   758  O O   . VAL A 1 92  ? 8.231   9.316   9.535   1.00 23.95  ? 109  VAL A O   1 
ATOM   759  C CB  . VAL A 1 92  ? 7.914   6.187   8.179   1.00 23.80  ? 109  VAL A CB  1 
ATOM   760  C CG1 . VAL A 1 92  ? 7.772   4.704   8.374   1.00 26.66  ? 109  VAL A CG1 1 
ATOM   761  C CG2 . VAL A 1 92  ? 6.638   6.819   7.717   1.00 24.57  ? 109  VAL A CG2 1 
ATOM   762  N N   . GLN A 1 93  ? 10.107  8.425   8.621   1.00 28.31  ? 110  GLN A N   1 
ATOM   763  C CA  . GLN A 1 93  ? 10.578  9.754   8.182   1.00 30.59  ? 110  GLN A CA  1 
ATOM   764  C C   . GLN A 1 93  ? 9.773   10.250  6.981   1.00 24.19  ? 110  GLN A C   1 
ATOM   765  O O   . GLN A 1 93  ? 9.819   9.664   5.918   1.00 21.13  ? 110  GLN A O   1 
ATOM   766  C CB  . GLN A 1 93  ? 12.060  9.702   7.864   1.00 32.72  ? 110  GLN A CB  1 
ATOM   767  C CG  . GLN A 1 93  ? 12.591  10.907  7.096   1.00 33.13  ? 110  GLN A CG  1 
ATOM   768  C CD  . GLN A 1 93  ? 14.108  10.933  6.982   1.00 39.25  ? 110  GLN A CD  1 
ATOM   769  O OE1 . GLN A 1 93  ? 14.832  10.192  7.639   1.00 47.12  ? 110  GLN A OE1 1 
ATOM   770  N NE2 . GLN A 1 93  ? 14.583  11.806  6.155   1.00 39.47  ? 110  GLN A NE2 1 
ATOM   771  N N   . ARG A 1 94  ? 8.989   11.310  7.155   1.00 24.55  ? 111  ARG A N   1 
ATOM   772  C CA  . ARG A 1 94  ? 8.200   11.854  6.028   1.00 25.87  ? 111  ARG A CA  1 
ATOM   773  C C   . ARG A 1 94  ? 8.833   13.052  5.336   1.00 23.92  ? 111  ARG A C   1 
ATOM   774  O O   . ARG A 1 94  ? 8.405   13.427  4.240   1.00 24.66  ? 111  ARG A O   1 
ATOM   775  C CB  . ARG A 1 94  ? 6.803   12.261  6.467   1.00 27.83  ? 111  ARG A CB  1 
ATOM   776  C CG  . ARG A 1 94  ? 6.092   11.213  7.271   1.00 27.19  ? 111  ARG A CG  1 
ATOM   777  C CD  . ARG A 1 94  ? 4.709   11.644  7.663   1.00 29.89  ? 111  ARG A CD  1 
ATOM   778  N NE  . ARG A 1 94  ? 4.185   10.716  8.679   1.00 29.53  ? 111  ARG A NE  1 
ATOM   779  C CZ  . ARG A 1 94  ? 2.910   10.592  8.990   1.00 21.70  ? 111  ARG A CZ  1 
ATOM   780  N NH1 . ARG A 1 94  ? 1.991   11.261  8.315   1.00 26.87  ? 111  ARG A NH1 1 
ATOM   781  N NH2 . ARG A 1 94  ? 2.529   9.734   9.932   1.00 31.31  ? 111  ARG A NH2 1 
ATOM   782  N N   . LYS A 1 95  ? 9.828   13.655  5.973   1.00 26.66  ? 112  LYS A N   1 
ATOM   783  C CA  . LYS A 1 95  ? 10.561  14.833  5.376   1.00 28.77  ? 112  LYS A CA  1 
ATOM   784  C C   . LYS A 1 95  ? 11.946  14.387  4.869   1.00 29.87  ? 112  LYS A C   1 
ATOM   785  O O   . LYS A 1 95  ? 12.734  13.778  5.624   1.00 30.36  ? 112  LYS A O   1 
ATOM   786  C CB  . LYS A 1 95  ? 10.692  15.967  6.402   1.00 27.82  ? 112  LYS A CB  1 
ATOM   787  C CG  . LYS A 1 95  ? 9.378   16.419  7.024   1.00 26.74  ? 112  LYS A CG  1 
ATOM   788  C CD  . LYS A 1 95  ? 8.296   16.740  6.008   1.00 24.47  ? 112  LYS A CD  1 
ATOM   789  C CE  . LYS A 1 95  ? 7.075   17.306  6.675   1.00 28.44  ? 112  LYS A CE  1 
ATOM   790  N NZ  . LYS A 1 95  ? 5.956   17.587  5.722   1.00 26.84  ? 112  LYS A NZ  1 
ATOM   791  N N   . GLY A 1 96  ? 12.227  14.637  3.577   1.00 27.20  ? 113  GLY A N   1 
ATOM   792  C CA  . GLY A 1 96  ? 13.404  14.063  2.909   1.00 26.79  ? 113  GLY A CA  1 
ATOM   793  C C   . GLY A 1 96  ? 13.268  12.574  2.568   1.00 28.07  ? 113  GLY A C   1 
ATOM   794  O O   . GLY A 1 96  ? 12.226  11.946  2.816   1.00 26.11  ? 113  GLY A O   1 
ATOM   795  N N   . TRP A 1 97  ? 14.343  12.024  2.020   1.00 28.50  ? 114  TRP A N   1 
ATOM   796  C CA  . TRP A 1 97  ? 14.453  10.622  1.701   1.00 32.79  ? 114  TRP A CA  1 
ATOM   797  C C   . TRP A 1 97  ? 15.013  9.701   2.790   1.00 31.10  ? 114  TRP A C   1 
ATOM   798  O O   . TRP A 1 97  ? 15.974  9.960   3.423   1.00 35.01  ? 114  TRP A O   1 
ATOM   799  C CB  . TRP A 1 97  ? 15.318  10.481  0.461   1.00 33.79  ? 114  TRP A CB  1 
ATOM   800  C CG  . TRP A 1 97  ? 15.359  9.122   -0.106  1.00 27.28  ? 114  TRP A CG  1 
ATOM   801  C CD1 . TRP A 1 97  ? 14.416  8.513   -0.953  1.00 28.98  ? 114  TRP A CD1 1 
ATOM   802  C CD2 . TRP A 1 97  ? 16.394  8.168   0.091   1.00 27.16  ? 114  TRP A CD2 1 
ATOM   803  N NE1 . TRP A 1 97  ? 14.851  7.237   -1.297  1.00 33.94  ? 114  TRP A NE1 1 
ATOM   804  C CE2 . TRP A 1 97  ? 16.041  6.988   -0.660  1.00 31.24  ? 114  TRP A CE2 1 
ATOM   805  C CE3 . TRP A 1 97  ? 17.566  8.168   0.828   1.00 30.99  ? 114  TRP A CE3 1 
ATOM   806  C CZ2 . TRP A 1 97  ? 16.851  5.878   -0.709  1.00 31.36  ? 114  TRP A CZ2 1 
ATOM   807  C CZ3 . TRP A 1 97  ? 18.365  7.037   0.802   1.00 33.05  ? 114  TRP A CZ3 1 
ATOM   808  C CH2 . TRP A 1 97  ? 18.006  5.905   0.051   1.00 30.90  ? 114  TRP A CH2 1 
ATOM   809  N N   . VAL A 1 98  ? 14.403  8.548   2.890   1.00 27.17  ? 115  VAL A N   1 
ATOM   810  C CA  . VAL A 1 98  ? 14.962  7.395   3.577   1.00 31.32  ? 115  VAL A CA  1 
ATOM   811  C C   . VAL A 1 98  ? 14.612  6.245   2.616   1.00 25.78  ? 115  VAL A C   1 
ATOM   812  O O   . VAL A 1 98  ? 13.670  6.351   1.822   1.00 29.60  ? 115  VAL A O   1 
ATOM   813  C CB  . VAL A 1 98  ? 14.336  7.224   4.983   1.00 31.79  ? 115  VAL A CB  1 
ATOM   814  C CG1 . VAL A 1 98  ? 12.831  7.116   4.922   1.00 39.19  ? 115  VAL A CG1 1 
ATOM   815  C CG2 . VAL A 1 98  ? 14.867  6.005   5.636   1.00 38.66  ? 115  VAL A CG2 1 
ATOM   816  N N   . LYS A 1 99  ? 15.410  5.194   2.574   1.00 25.27  ? 116  LYS A N   1 
ATOM   817  C CA  . LYS A 1 99  ? 15.070  4.062   1.734   1.00 25.95  ? 116  LYS A CA  1 
ATOM   818  C C   . LYS A 1 99  ? 13.798  3.415   2.295   1.00 30.08  ? 116  LYS A C   1 
ATOM   819  O O   . LYS A 1 99  ? 13.666  3.162   3.499   1.00 27.07  ? 116  LYS A O   1 
ATOM   820  C CB  . LYS A 1 99  ? 16.221  3.088   1.702   1.00 33.58  ? 116  LYS A CB  1 
ATOM   821  C CG  . LYS A 1 99  ? 16.044  1.998   0.656   1.00 49.95  ? 116  LYS A CG  1 
ATOM   822  C CD  . LYS A 1 99  ? 16.913  2.196   -0.577  1.00 72.51  ? 116  LYS A CD  1 
ATOM   823  C CE  . LYS A 1 99  ? 17.253  0.861   -1.231  1.00 48.39  ? 116  LYS A CE  1 
ATOM   824  N NZ  . LYS A 1 99  ? 18.422  0.252   -0.568  1.00 65.41  ? 116  LYS A NZ  1 
ATOM   825  N N   . MET A 1 100 ? 12.839  3.175   1.428   1.00 25.00  ? 117  MET A N   1 
ATOM   826  C CA  . MET A 1 100 ? 11.626  2.480   1.868   1.00 32.54  ? 117  MET A CA  1 
ATOM   827  C C   . MET A 1 100 ? 11.910  0.978   2.069   1.00 30.15  ? 117  MET A C   1 
ATOM   828  O O   . MET A 1 100 ? 11.950  0.222   1.112   1.00 29.77  ? 117  MET A O   1 
ATOM   829  C CB  . MET A 1 100 ? 10.530  2.705   0.862   1.00 30.71  ? 117  MET A CB  1 
ATOM   830  C CG  . MET A 1 100 ? 9.699   3.943   1.100   1.00 43.86  ? 117  MET A CG  1 
ATOM   831  S SD  . MET A 1 100 ? 8.274   4.123   -0.038  1.00 38.42  ? 117  MET A SD  1 
ATOM   832  C CE  . MET A 1 100 ? 7.334   2.665   0.267   1.00 50.72  ? 117  MET A CE  1 
ATOM   833  N N   . THR A 1 101 ? 12.205  0.584   3.314   1.00 26.63  ? 118  THR A N   1 
ATOM   834  C CA  . THR A 1 101 ? 12.642  -0.773  3.660   1.00 26.34  ? 118  THR A CA  1 
ATOM   835  C C   . THR A 1 101 ? 12.043  -1.062  5.042   1.00 23.93  ? 118  THR A C   1 
ATOM   836  O O   . THR A 1 101 ? 11.594  -0.122  5.711   1.00 24.08  ? 118  THR A O   1 
ATOM   837  C CB  . THR A 1 101 ? 14.183  -0.930  3.801   1.00 24.78  ? 118  THR A CB  1 
ATOM   838  O OG1 . THR A 1 101 ? 14.636  -0.062  4.831   1.00 27.23  ? 118  THR A OG1 1 
ATOM   839  C CG2 . THR A 1 101 ? 14.945  -0.620  2.522   1.00 31.85  ? 118  THR A CG2 1 
ATOM   840  N N   . PRO A 1 102 ? 11.943  -2.345  5.437   1.00 23.81  ? 119  PRO A N   1 
ATOM   841  C CA  . PRO A 1 102 ? 11.350  -2.689  6.761   1.00 26.57  ? 119  PRO A CA  1 
ATOM   842  C C   . PRO A 1 102 ? 12.122  -2.058  7.907   1.00 27.82  ? 119  PRO A C   1 
ATOM   843  O O   . PRO A 1 102 ? 11.505  -1.591  8.862   1.00 24.10  ? 119  PRO A O   1 
ATOM   844  C CB  . PRO A 1 102 ? 11.382  -4.228  6.798   1.00 26.65  ? 119  PRO A CB  1 
ATOM   845  C CG  . PRO A 1 102 ? 11.307  -4.605  5.339   1.00 29.91  ? 119  PRO A CG  1 
ATOM   846  C CD  . PRO A 1 102 ? 12.032  -3.539  4.564   1.00 26.16  ? 119  PRO A CD  1 
ATOM   847  N N   . GLU A 1 103 ? 13.436  -1.939  7.755   1.00 29.92  ? 120  GLU A N   1 
ATOM   848  C CA  . GLU A 1 103 ? 14.301  -1.288  8.754   1.00 31.91  ? 120  GLU A CA  1 
ATOM   849  C C   . GLU A 1 103 ? 13.957  0.190   8.973   1.00 42.49  ? 120  GLU A C   1 
ATOM   850  O O   . GLU A 1 103 ? 14.249  0.746   10.025  1.00 26.20  ? 120  GLU A O   1 
ATOM   851  C CB  . GLU A 1 103 ? 15.797  -1.444  8.362   1.00 53.73  ? 120  GLU A CB  1 
ATOM   852  C CG  . GLU A 1 103 ? 16.324  -2.902  8.224   1.00 58.36  ? 120  GLU A CG  1 
ATOM   853  C CD  . GLU A 1 103 ? 15.703  -3.781  7.095   1.00 52.36  ? 120  GLU A CD  1 
ATOM   854  O OE1 . GLU A 1 103 ? 15.417  -3.336  5.936   1.00 32.98  ? 120  GLU A OE1 1 
ATOM   855  O OE2 . GLU A 1 103 ? 15.488  -4.980  7.378   1.00 84.13  ? 120  GLU A OE2 1 
ATOM   856  N N   . ASN A 1 104 ? 13.348  0.840   7.982   1.00 25.48  ? 121  ASN A N   1 
ATOM   857  C CA  . ASN A 1 104 ? 12.937  2.231   8.140   1.00 27.64  ? 121  ASN A CA  1 
ATOM   858  C C   . ASN A 1 104 ? 11.443  2.277   8.309   1.00 38.88  ? 121  ASN A C   1 
ATOM   859  O O   . ASN A 1 104 ? 10.898  3.328   8.169   1.00 27.47  ? 121  ASN A O   1 
ATOM   860  C CB  . ASN A 1 104 ? 13.347  3.060   6.905   1.00 28.63  ? 121  ASN A CB  1 
ATOM   861  C CG  . ASN A 1 104 ? 14.884  3.181   6.769   1.00 26.57  ? 121  ASN A CG  1 
ATOM   862  O OD1 . ASN A 1 104 ? 15.494  2.907   5.721   1.00 32.14  ? 121  ASN A OD1 1 
ATOM   863  N ND2 . ASN A 1 104 ? 15.491  3.542   7.834   1.00 29.82  ? 121  ASN A ND2 1 
ATOM   864  N N   . GLY A 1 105 ? 10.795  1.134   8.606   1.00 28.29  ? 122  GLY A N   1 
ATOM   865  C CA  . GLY A 1 105 ? 9.397   1.113   8.948   1.00 27.29  ? 122  GLY A CA  1 
ATOM   866  C C   . GLY A 1 105 ? 8.406   1.069   7.767   1.00 24.85  ? 122  GLY A C   1 
ATOM   867  O O   . GLY A 1 105 ? 7.239   1.433   7.928   1.00 23.12  ? 122  GLY A O   1 
ATOM   868  N N   . PHE A 1 106 ? 8.876   0.628   6.597   1.00 26.46  ? 123  PHE A N   1 
ATOM   869  C CA  . PHE A 1 106 ? 8.021   0.324   5.469   1.00 22.58  ? 123  PHE A CA  1 
ATOM   870  C C   . PHE A 1 106 ? 8.003   -1.166  5.140   1.00 22.94  ? 123  PHE A C   1 
ATOM   871  O O   . PHE A 1 106 ? 9.025   -1.759  4.828   1.00 23.60  ? 123  PHE A O   1 
ATOM   872  C CB  . PHE A 1 106 ? 8.476   1.090   4.239   1.00 22.80  ? 123  PHE A CB  1 
ATOM   873  C CG  . PHE A 1 106 ? 8.516   2.622   4.433   1.00 23.76  ? 123  PHE A CG  1 
ATOM   874  C CD1 . PHE A 1 106 ? 9.666   3.244   4.922   1.00 25.96  ? 123  PHE A CD1 1 
ATOM   875  C CD2 . PHE A 1 106 ? 7.431   3.421   4.055   1.00 24.57  ? 123  PHE A CD2 1 
ATOM   876  C CE1 . PHE A 1 106 ? 9.707   4.615   5.087   1.00 24.59  ? 123  PHE A CE1 1 
ATOM   877  C CE2 . PHE A 1 106 ? 7.460   4.794   4.230   1.00 23.47  ? 123  PHE A CE2 1 
ATOM   878  C CZ  . PHE A 1 106 ? 8.610   5.384   4.722   1.00 21.76  ? 123  PHE A CZ  1 
ATOM   879  N N   . TRP A 1 107 ? 6.802   -1.727  5.038   1.00 24.04  ? 124  TRP A N   1 
ATOM   880  C CA  . TRP A 1 107 ? 6.620   -3.094  4.562   1.00 20.47  ? 124  TRP A CA  1 
ATOM   881  C C   . TRP A 1 107 ? 5.721   -3.104  3.326   1.00 25.84  ? 124  TRP A C   1 
ATOM   882  O O   . TRP A 1 107 ? 4.488   -3.093  3.443   1.00 20.02  ? 124  TRP A O   1 
ATOM   883  C CB  . TRP A 1 107 ? 6.008   -3.970  5.665   1.00 24.94  ? 124  TRP A CB  1 
ATOM   884  C CG  . TRP A 1 107 ? 6.896   -4.168  6.829   1.00 21.07  ? 124  TRP A CG  1 
ATOM   885  C CD1 . TRP A 1 107 ? 7.770   -5.210  7.043   1.00 22.51  ? 124  TRP A CD1 1 
ATOM   886  C CD2 . TRP A 1 107 ? 7.022   -3.294  7.960   1.00 21.72  ? 124  TRP A CD2 1 
ATOM   887  N NE1 . TRP A 1 107 ? 8.405   -5.018  8.227   1.00 23.60  ? 124  TRP A NE1 1 
ATOM   888  C CE2 . TRP A 1 107 ? 7.983   -3.849  8.806   1.00 23.81  ? 124  TRP A CE2 1 
ATOM   889  C CE3 . TRP A 1 107 ? 6.390   -2.098  8.345   1.00 28.41  ? 124  TRP A CE3 1 
ATOM   890  C CZ2 . TRP A 1 107 ? 8.348   -3.251  10.032  1.00 29.22  ? 124  TRP A CZ2 1 
ATOM   891  C CZ3 . TRP A 1 107 ? 6.741   -1.511  9.539   1.00 27.01  ? 124  TRP A CZ3 1 
ATOM   892  C CH2 . TRP A 1 107 ? 7.740   -2.077  10.371  1.00 24.61  ? 124  TRP A CH2 1 
ATOM   893  N N   . THR A 1 108 ? 6.325   -3.153  2.141   1.00 21.04  ? 125  THR A N   1 
ATOM   894  C CA  . THR A 1 108 ? 5.590   -2.902  0.906   1.00 21.79  ? 125  THR A CA  1 
ATOM   895  C C   . THR A 1 108 ? 6.106   -3.806  -0.186  1.00 22.00  ? 125  THR A C   1 
ATOM   896  O O   . THR A 1 108 ? 7.244   -4.229  -0.151  1.00 25.02  ? 125  THR A O   1 
ATOM   897  C CB  . THR A 1 108 ? 5.714   -1.401  0.434   1.00 25.06  ? 125  THR A CB  1 
ATOM   898  O OG1 . THR A 1 108 ? 7.063   -1.060  0.105   1.00 24.66  ? 125  THR A OG1 1 
ATOM   899  C CG2 . THR A 1 108 ? 5.176   -0.406  1.507   1.00 24.16  ? 125  THR A CG2 1 
ATOM   900  N N   . MET A 1 109 ? 5.256   -4.059  -1.176  1.00 22.26  ? 126  MET A N   1 
ATOM   901  C CA  . MET A 1 109 ? 5.682   -4.670  -2.418  1.00 21.34  ? 126  MET A CA  1 
ATOM   902  C C   . MET A 1 109 ? 5.028   -3.936  -3.547  1.00 22.43  ? 126  MET A C   1 
ATOM   903  O O   . MET A 1 109 ? 4.165   -3.064  -3.330  1.00 21.93  ? 126  MET A O   1 
ATOM   904  C CB  . MET A 1 109 ? 5.389   -6.196  -2.463  1.00 23.64  ? 126  MET A CB  1 
ATOM   905  C CG  . MET A 1 109 ? 3.930   -6.573  -2.335  1.00 23.01  ? 126  MET A CG  1 
ATOM   906  S SD  . MET A 1 109 ? 2.925   -6.330  -3.805  1.00 27.57  ? 126  MET A SD  1 
ATOM   907  C CE  . MET A 1 109 ? 3.721   -7.298  -5.063  1.00 26.58  ? 126  MET A CE  1 
ATOM   908  N N   . GLY A 1 110 ? 5.425   -4.282  -4.759  1.00 19.81  ? 127  GLY A N   1 
ATOM   909  C CA  . GLY A 1 110 ? 4.791   -3.662  -5.933  1.00 24.97  ? 127  GLY A CA  1 
ATOM   910  C C   . GLY A 1 110 ? 5.488   -4.015  -7.223  1.00 22.12  ? 127  GLY A C   1 
ATOM   911  O O   . GLY A 1 110 ? 6.194   -5.001  -7.322  1.00 17.21  ? 127  GLY A O   1 
ATOM   912  N N   . LEU A 1 111 ? 5.264   -3.161  -8.204  1.00 24.33  ? 128  LEU A N   1 
ATOM   913  C CA  . LEU A 1 111 ? 5.574   -3.391  -9.569  1.00 20.89  ? 128  LEU A CA  1 
ATOM   914  C C   . LEU A 1 111 ? 6.344   -2.174  -10.040 1.00 26.92  ? 128  LEU A C   1 
ATOM   915  O O   . LEU A 1 111 ? 5.988   -0.995  -9.743  1.00 23.03  ? 128  LEU A O   1 
ATOM   916  C CB  . LEU A 1 111 ? 4.283   -3.420  -10.364 1.00 27.14  ? 128  LEU A CB  1 
ATOM   917  C CG  . LEU A 1 111 ? 4.408   -3.659  -11.868 1.00 28.57  ? 128  LEU A CG  1 
ATOM   918  C CD1 . LEU A 1 111 ? 5.134   -4.967  -12.219 1.00 23.54  ? 128  LEU A CD1 1 
ATOM   919  C CD2 . LEU A 1 111 ? 3.056   -3.616  -12.529 1.00 22.64  ? 128  LEU A CD2 1 
ATOM   920  N N   . THR A 1 112 ? 7.389   -2.446  -10.794 1.00 22.42  ? 129  THR A N   1 
ATOM   921  C CA  . THR A 1 112 ? 8.050   -1.423  -11.556 1.00 26.56  ? 129  THR A CA  1 
ATOM   922  C C   . THR A 1 112 ? 8.255   -1.875  -12.992 1.00 29.72  ? 129  THR A C   1 
ATOM   923  O O   . THR A 1 112 ? 8.290   -3.087  -13.290 1.00 24.90  ? 129  THR A O   1 
ATOM   924  C CB  . THR A 1 112 ? 9.365   -1.016  -10.854 1.00 37.08  ? 129  THR A CB  1 
ATOM   925  O OG1 . THR A 1 112 ? 9.717   0.317   -11.246 1.00 38.65  ? 129  THR A OG1 1 
ATOM   926  C CG2 . THR A 1 112 ? 10.455  -1.912  -11.251 1.00 33.07  ? 129  THR A CG2 1 
ATOM   927  N N   . ASP A 1 113 ? 8.334   -0.892  -13.897 1.00 32.22  ? 130  ASP A N   1 
ATOM   928  C CA  . ASP A 1 113 ? 8.588   -1.150  -15.344 1.00 37.89  ? 130  ASP A CA  1 
ATOM   929  C C   . ASP A 1 113 ? 7.620   -2.097  -15.984 1.00 30.79  ? 130  ASP A C   1 
ATOM   930  O O   . ASP A 1 113 ? 7.954   -2.835  -16.880 1.00 33.67  ? 130  ASP A O   1 
ATOM   931  C CB  . ASP A 1 113 ? 10.031  -1.656  -15.582 1.00 43.12  ? 130  ASP A CB  1 
ATOM   932  C CG  . ASP A 1 113 ? 11.051  -0.570  -15.367 1.00 30.63  ? 130  ASP A CG  1 
ATOM   933  O OD1 . ASP A 1 113 ? 10.647  0.617   -15.360 1.00 49.71  ? 130  ASP A OD1 1 
ATOM   934  O OD2 . ASP A 1 113 ? 12.229  -0.909  -15.188 1.00 52.74  ? 130  ASP A OD2 1 
ATOM   935  N N   . GLY A 1 114 ? 6.397   -2.102  -15.501 1.00 23.46  ? 131  GLY A N   1 
ATOM   936  C CA  . GLY A 1 114 ? 5.393   -2.888  -16.106 1.00 20.60  ? 131  GLY A CA  1 
ATOM   937  C C   . GLY A 1 114 ? 5.352   -4.339  -15.755 1.00 26.94  ? 131  GLY A C   1 
ATOM   938  O O   . GLY A 1 114 ? 4.244   -4.954  -15.780 1.00 29.64  ? 131  GLY A O   1 
ATOM   939  N N   . ASN A 1 115 ? 6.519   -4.923  -15.476 1.00 25.69  ? 132  ASN A N   1 
ATOM   940  C CA  . ASN A 1 115 ? 6.568   -6.367  -15.190 1.00 31.99  ? 132  ASN A CA  1 
ATOM   941  C C   . ASN A 1 115 ? 7.626   -6.856  -14.207 1.00 24.95  ? 132  ASN A C   1 
ATOM   942  O O   . ASN A 1 115 ? 7.885   -8.087  -14.155 1.00 25.78  ? 132  ASN A O   1 
ATOM   943  C CB  . ASN A 1 115 ? 6.720   -7.129  -16.517 1.00 33.57  ? 132  ASN A CB  1 
ATOM   944  C CG  . ASN A 1 115 ? 7.951   -6.675  -17.281 1.00 34.41  ? 132  ASN A CG  1 
ATOM   945  O OD1 . ASN A 1 115 ? 8.947   -6.212  -16.690 1.00 31.58  ? 132  ASN A OD1 1 
ATOM   946  N ND2 . ASN A 1 115 ? 7.873   -6.733  -18.571 1.00 33.64  ? 132  ASN A ND2 1 
ATOM   947  N N   . LYS A 1 116 ? 8.227   -5.970  -13.405 1.00 22.56  ? 133  LYS A N   1 
ATOM   948  C CA  . LYS A 1 116 ? 9.148   -6.427  -12.321 1.00 28.32  ? 133  LYS A CA  1 
ATOM   949  C C   . LYS A 1 116 ? 8.420   -6.310  -10.973 1.00 33.27  ? 133  LYS A C   1 
ATOM   950  O O   . LYS A 1 116 ? 8.216   -5.223  -10.467 1.00 24.16  ? 133  LYS A O   1 
ATOM   951  C CB  . LYS A 1 116 ? 10.477  -5.643  -12.361 1.00 28.88  ? 133  LYS A CB  1 
ATOM   952  C CG  . LYS A 1 116 ? 11.248  -5.896  -13.672 1.00 36.70  ? 133  LYS A CG  1 
ATOM   953  C CD  . LYS A 1 116 ? 12.106  -4.707  -14.104 1.00 58.54  ? 133  LYS A CD  1 
ATOM   954  C CE  . LYS A 1 116 ? 12.726  -4.933  -15.480 1.00 62.72  ? 133  LYS A CE  1 
ATOM   955  N NZ  . LYS A 1 116 ? 11.707  -4.964  -16.578 1.00 51.27  ? 133  LYS A NZ  1 
ATOM   956  N N   . TYR A 1 117 ? 7.929   -7.433  -10.464 1.00 24.13  ? 134  TYR A N   1 
ATOM   957  C CA  . TYR A 1 117 ? 7.277   -7.467  -9.168  1.00 26.71  ? 134  TYR A CA  1 
ATOM   958  C C   . TYR A 1 117 ? 8.362   -7.679  -8.195  1.00 32.44  ? 134  TYR A C   1 
ATOM   959  O O   . TYR A 1 117 ? 9.261   -8.491  -8.427  1.00 24.62  ? 134  TYR A O   1 
ATOM   960  C CB  . TYR A 1 117 ? 6.186   -8.564  -9.066  1.00 26.51  ? 134  TYR A CB  1 
ATOM   961  C CG  . TYR A 1 117 ? 5.051   -8.303  -9.985  1.00 23.59  ? 134  TYR A CG  1 
ATOM   962  C CD1 . TYR A 1 117 ? 4.007   -7.471  -9.599  1.00 26.76  ? 134  TYR A CD1 1 
ATOM   963  C CD2 . TYR A 1 117 ? 5.034   -8.843  -11.299 1.00 27.96  ? 134  TYR A CD2 1 
ATOM   964  C CE1 . TYR A 1 117 ? 2.963   -7.184  -10.470 1.00 29.46  ? 134  TYR A CE1 1 
ATOM   965  C CE2 . TYR A 1 117 ? 4.000   -8.543  -12.194 1.00 23.51  ? 134  TYR A CE2 1 
ATOM   966  C CZ  . TYR A 1 117 ? 2.957   -7.726  -11.773 1.00 22.52  ? 134  TYR A CZ  1 
ATOM   967  O OH  . TYR A 1 117 ? 1.880   -7.461  -12.610 1.00 24.81  ? 134  TYR A OH  1 
ATOM   968  N N   . ARG A 1 118 ? 8.313   -6.920  -7.108  1.00 23.54  ? 135  ARG A N   1 
ATOM   969  C CA  . ARG A 1 118 ? 9.369   -6.977  -6.126  1.00 28.08  ? 135  ARG A CA  1 
ATOM   970  C C   . ARG A 1 118 ? 8.849   -6.566  -4.718  1.00 29.73  ? 135  ARG A C   1 
ATOM   971  O O   . ARG A 1 118 ? 7.870   -5.835  -4.605  1.00 25.43  ? 135  ARG A O   1 
ATOM   972  C CB  . ARG A 1 118 ? 10.536  -6.083  -6.586  1.00 27.99  ? 135  ARG A CB  1 
ATOM   973  C CG  . ARG A 1 118 ? 10.260  -4.603  -6.461  1.00 62.41  ? 135  ARG A CG  1 
ATOM   974  C CD  . ARG A 1 118 ? 9.693   -3.856  -7.698  1.00 41.45  ? 135  ARG A CD  1 
ATOM   975  N NE  . ARG A 1 118 ? 9.970   -2.436  -7.478  1.00 73.42  ? 135  ARG A NE  1 
ATOM   976  C CZ  . ARG A 1 118 ? 11.197  -1.882  -7.334  1.00 45.66  ? 135  ARG A CZ  1 
ATOM   977  N NH1 . ARG A 1 118 ? 12.328  -2.568  -7.511  1.00 65.32  ? 135  ARG A NH1 1 
ATOM   978  N NH2 . ARG A 1 118 ? 11.283  -0.589  -7.070  1.00 45.85  ? 135  ARG A NH2 1 
ATOM   979  N N   . THR A 1 119 ? 9.534   -7.052  -3.686  1.00 26.41  ? 136  THR A N   1 
ATOM   980  C CA  . THR A 1 119 ? 9.420   -6.594  -2.306  1.00 30.36  ? 136  THR A CA  1 
ATOM   981  C C   . THR A 1 119 ? 10.405  -5.427  -2.127  1.00 31.55  ? 136  THR A C   1 
ATOM   982  O O   . THR A 1 119 ? 11.508  -5.437  -2.718  1.00 30.75  ? 136  THR A O   1 
ATOM   983  C CB  . THR A 1 119 ? 9.775   -7.733  -1.297  1.00 33.19  ? 136  THR A CB  1 
ATOM   984  O OG1 . THR A 1 119 ? 11.163  -8.129  -1.451  1.00 30.24  ? 136  THR A OG1 1 
ATOM   985  C CG2 . THR A 1 119 ? 8.888   -8.906  -1.527  1.00 32.71  ? 136  THR A CG2 1 
ATOM   986  N N   . LEU A 1 120 ? 9.981   -4.382  -1.392  1.00 27.11  ? 137  LEU A N   1 
ATOM   987  C CA  . LEU A 1 120 ? 10.849  -3.250  -1.094  1.00 24.61  ? 137  LEU A CA  1 
ATOM   988  C C   . LEU A 1 120 ? 11.646  -3.570  0.163   1.00 27.14  ? 137  LEU A C   1 
ATOM   989  O O   . LEU A 1 120 ? 11.354  -3.076  1.258   1.00 26.02  ? 137  LEU A O   1 
ATOM   990  C CB  . LEU A 1 120 ? 10.120  -1.871  -1.024  1.00 21.80  ? 137  LEU A CB  1 
ATOM   991  C CG  . LEU A 1 120 ? 9.502   -1.385  -2.349  1.00 32.51  ? 137  LEU A CG  1 
ATOM   992  C CD1 . LEU A 1 120 ? 9.063   0.056   -2.269  1.00 30.81  ? 137  LEU A CD1 1 
ATOM   993  C CD2 . LEU A 1 120 ? 10.435  -1.557  -3.510  1.00 36.07  ? 137  LEU A CD2 1 
ATOM   994  N N   . THR A 1 121 ? 12.643  -4.437  -0.042  1.00 36.07  ? 138  THR A N   1 
ATOM   995  C CA  . THR A 1 121 ? 13.462  -5.033  1.023   1.00 33.63  ? 138  THR A CA  1 
ATOM   996  C C   . THR A 1 121 ? 14.914  -4.629  0.768   1.00 39.84  ? 138  THR A C   1 
ATOM   997  O O   . THR A 1 121 ? 15.224  -4.062  -0.285  1.00 37.28  ? 138  THR A O   1 
ATOM   998  C CB  . THR A 1 121 ? 13.248  -6.578  1.119   1.00 31.53  ? 138  THR A CB  1 
ATOM   999  O OG1 . THR A 1 121 ? 13.306  -7.215  -0.190  1.00 31.81  ? 138  THR A OG1 1 
ATOM   1000 C CG2 . THR A 1 121 ? 11.899  -6.845  1.697   1.00 39.97  ? 138  THR A CG2 1 
ATOM   1001 N N   . GLU A 1 122 ? 15.800  -4.884  1.745   1.00 28.51  ? 139  GLU A N   1 
ATOM   1002 C CA  . GLU A 1 122 ? 17.220  -4.615  1.596   1.00 32.55  ? 139  GLU A CA  1 
ATOM   1003 C C   . GLU A 1 122 ? 17.957  -5.989  1.663   1.00 36.00  ? 139  GLU A C   1 
ATOM   1004 O O   . GLU A 1 122 ? 18.042  -6.567  2.754   1.00 31.18  ? 139  GLU A O   1 
ATOM   1005 C CB  . GLU A 1 122 ? 17.623  -3.714  2.794   1.00 45.33  ? 139  GLU A CB  1 
ATOM   1006 C CG  . GLU A 1 122 ? 19.020  -3.136  2.754   1.00 40.19  ? 139  GLU A CG  1 
ATOM   1007 C CD  . GLU A 1 122 ? 19.233  -2.345  1.488   1.00 56.20  ? 139  GLU A CD  1 
ATOM   1008 O OE1 . GLU A 1 122 ? 18.792  -1.179  1.423   1.00 46.96  ? 139  GLU A OE1 1 
ATOM   1009 O OE2 . GLU A 1 122 ? 19.806  -2.909  0.540   1.00 58.93  ? 139  GLU A OE2 1 
ATOM   1010 N N   . PRO A 1 123 ? 18.340  -6.577  0.509   1.00 41.83  ? 140  PRO A N   1 
ATOM   1011 C CA  . PRO A 1 123 ? 18.107  -6.114  -0.847  1.00 47.37  ? 140  PRO A CA  1 
ATOM   1012 C C   . PRO A 1 123 ? 16.669  -6.455  -1.321  1.00 40.91  ? 140  PRO A C   1 
ATOM   1013 O O   . PRO A 1 123 ? 15.987  -7.303  -0.727  1.00 37.72  ? 140  PRO A O   1 
ATOM   1014 C CB  . PRO A 1 123 ? 19.127  -6.941  -1.640  1.00 47.88  ? 140  PRO A CB  1 
ATOM   1015 C CG  . PRO A 1 123 ? 19.051  -8.305  -0.964  1.00 40.47  ? 140  PRO A CG  1 
ATOM   1016 C CD  . PRO A 1 123 ? 18.773  -7.999  0.500   1.00 57.77  ? 140  PRO A CD  1 
ATOM   1017 N N   . ARG A 1 124 ? 16.233  -5.749  -2.347  1.00 40.11  ? 141  ARG A N   1 
ATOM   1018 C CA  . ARG A 1 124 ? 15.019  -6.026  -3.104  1.00 33.81  ? 141  ARG A CA  1 
ATOM   1019 C C   . ARG A 1 124 ? 14.922  -7.507  -3.550  1.00 38.80  ? 141  ARG A C   1 
ATOM   1020 O O   . ARG A 1 124 ? 15.878  -8.058  -4.059  1.00 55.99  ? 141  ARG A O   1 
ATOM   1021 C CB  . ARG A 1 124 ? 14.939  -5.059  -4.332  1.00 32.47  ? 141  ARG A CB  1 
ATOM   1022 C CG  . ARG A 1 124 ? 14.266  -3.674  -4.086  1.00 41.06  ? 141  ARG A CG  1 
ATOM   1023 C CD  . ARG A 1 124 ? 15.082  -2.676  -3.249  1.00 48.84  ? 141  ARG A CD  1 
ATOM   1024 N NE  . ARG A 1 124 ? 14.411  -1.377  -2.965  1.00 45.63  ? 141  ARG A NE  1 
ATOM   1025 C CZ  . ARG A 1 124 ? 13.913  -0.976  -1.788  1.00 46.97  ? 141  ARG A CZ  1 
ATOM   1026 N NH1 . ARG A 1 124 ? 13.983  -1.752  -0.720  1.00 55.70  ? 141  ARG A NH1 1 
ATOM   1027 N NH2 . ARG A 1 124 ? 13.317  0.222   -1.655  1.00 37.13  ? 141  ARG A NH2 1 
ATOM   1028 N N   . THR A 1 125 ? 13.779  -8.156  -3.324  1.00 41.78  ? 142  THR A N   1 
ATOM   1029 C CA  . THR A 1 125 ? 13.536  -9.567  -3.742  1.00 38.90  ? 142  THR A CA  1 
ATOM   1030 C C   . THR A 1 125 ? 12.596  -9.550  -4.959  1.00 42.24  ? 142  THR A C   1 
ATOM   1031 O O   . THR A 1 125 ? 11.607  -8.839  -4.940  1.00 43.53  ? 142  THR A O   1 
ATOM   1032 C CB  . THR A 1 125 ? 12.792  -10.355 -2.628  1.00 31.01  ? 142  THR A CB  1 
ATOM   1033 O OG1 . THR A 1 125 ? 13.573  -10.318 -1.438  1.00 48.12  ? 142  THR A OG1 1 
ATOM   1034 C CG2 . THR A 1 125 ? 12.521  -11.812 -3.012  1.00 56.68  ? 142  THR A CG2 1 
ATOM   1035 N N   . ASN A 1 126 ? 12.869  -10.329 -5.998  1.00 36.26  ? 143  ASN A N   1 
ATOM   1036 C CA  . ASN A 1 126 ? 11.969  -10.366 -7.154  1.00 37.76  ? 143  ASN A CA  1 
ATOM   1037 C C   . ASN A 1 126 ? 10.919  -11.424 -6.926  1.00 36.19  ? 143  ASN A C   1 
ATOM   1038 O O   . ASN A 1 126 ? 11.236  -12.502 -6.472  1.00 46.91  ? 143  ASN A O   1 
ATOM   1039 C CB  . ASN A 1 126 ? 12.739  -10.644 -8.453  1.00 34.73  ? 143  ASN A CB  1 
ATOM   1040 C CG  . ASN A 1 126 ? 13.804  -9.613  -8.720  1.00 35.24  ? 143  ASN A CG  1 
ATOM   1041 O OD1 . ASN A 1 126 ? 13.565  -8.408  -8.678  1.00 42.44  ? 143  ASN A OD1 1 
ATOM   1042 N ND2 . ASN A 1 126 ? 15.008  -10.082 -8.992  1.00 66.13  ? 143  ASN A ND2 1 
ATOM   1043 N N   . LEU A 1 127 ? 9.673   -11.120 -7.265  1.00 32.19  ? 144  LEU A N   1 
ATOM   1044 C CA  . LEU A 1 127 ? 8.576   -12.057 -7.123  1.00 31.83  ? 144  LEU A CA  1 
ATOM   1045 C C   . LEU A 1 127 ? 8.281   -12.657 -8.490  1.00 34.32  ? 144  LEU A C   1 
ATOM   1046 O O   . LEU A 1 127 ? 8.335   -11.958 -9.508  1.00 36.78  ? 144  LEU A O   1 
ATOM   1047 C CB  . LEU A 1 127 ? 7.354   -11.348 -6.533  1.00 35.43  ? 144  LEU A CB  1 
ATOM   1048 C CG  . LEU A 1 127 ? 7.647   -10.607 -5.203  1.00 25.74  ? 144  LEU A CG  1 
ATOM   1049 C CD1 . LEU A 1 127 ? 6.451   -9.787  -4.776  1.00 23.82  ? 144  LEU A CD1 1 
ATOM   1050 C CD2 . LEU A 1 127 ? 7.999   -11.599 -4.115  1.00 30.73  ? 144  LEU A CD2 1 
ATOM   1051 N N   . LYS A 1 128 ? 8.031   -13.956 -8.536  1.00 32.22  ? 145  LYS A N   1 
ATOM   1052 C CA  . LYS A 1 128 ? 7.628   -14.600 -9.791  1.00 33.70  ? 145  LYS A CA  1 
ATOM   1053 C C   . LYS A 1 128 ? 6.170   -14.947 -9.616  1.00 33.68  ? 145  LYS A C   1 
ATOM   1054 O O   . LYS A 1 128 ? 5.795   -15.762 -8.772  1.00 42.16  ? 145  LYS A O   1 
ATOM   1055 C CB  . LYS A 1 128 ? 8.494   -15.846 -10.076 1.00 44.46  ? 145  LYS A CB  1 
ATOM   1056 C CG  . LYS A 1 128 ? 8.045   -16.649 -11.307 1.00 67.27  ? 145  LYS A CG  1 
ATOM   1057 C CD  . LYS A 1 128 ? 6.910   -17.631 -10.962 1.00 78.60  ? 145  LYS A CD  1 
ATOM   1058 C CE  . LYS A 1 128 ? 6.264   -18.335 -12.150 1.00 61.01  ? 145  LYS A CE  1 
ATOM   1059 N NZ  . LYS A 1 128 ? 6.989   -19.592 -12.464 1.00 87.99  ? 145  LYS A NZ  1 
ATOM   1060 N N   . LEU A 1 129 ? 5.302   -14.305 -10.369 1.00 36.12  ? 146  LEU A N   1 
ATOM   1061 C CA  . LEU A 1 129 ? 3.868   -14.465 -10.101 1.00 37.56  ? 146  LEU A CA  1 
ATOM   1062 C C   . LEU A 1 129 ? 3.211   -15.307 -11.214 1.00 46.21  ? 146  LEU A C   1 
ATOM   1063 O O   . LEU A 1 129 ? 3.550   -15.113 -12.375 1.00 45.90  ? 146  LEU A O   1 
ATOM   1064 C CB  . LEU A 1 129 ? 3.221   -13.094 -9.963  1.00 34.43  ? 146  LEU A CB  1 
ATOM   1065 C CG  . LEU A 1 129 ? 3.667   -12.156 -8.799  1.00 30.65  ? 146  LEU A CG  1 
ATOM   1066 C CD1 . LEU A 1 129 ? 2.772   -10.933 -8.771  1.00 32.39  ? 146  LEU A CD1 1 
ATOM   1067 C CD2 . LEU A 1 129 ? 3.644   -12.810 -7.444  1.00 32.02  ? 146  LEU A CD2 1 
ATOM   1068 N N   . PRO A 1 130 ? 2.265   -16.226 -10.874 1.00 50.06  ? 147  PRO A N   1 
ATOM   1069 C CA  . PRO A 1 130 ? 1.650   -16.942 -12.022 1.00 66.30  ? 147  PRO A CA  1 
ATOM   1070 C C   . PRO A 1 130 ? 1.063   -15.946 -13.055 1.00 63.89  ? 147  PRO A C   1 
ATOM   1071 O O   . PRO A 1 130 ? 1.374   -16.029 -14.232 1.00 51.88  ? 147  PRO A O   1 
ATOM   1072 C CB  . PRO A 1 130 ? 0.572   -17.824 -11.370 1.00 43.16  ? 147  PRO A CB  1 
ATOM   1073 C CG  . PRO A 1 130 ? 0.296   -17.204 -10.030 1.00 59.88  ? 147  PRO A CG  1 
ATOM   1074 C CD  . PRO A 1 130 ? 1.584   -16.536 -9.600  1.00 53.82  ? 147  PRO A CD  1 
ATOM   1075 N N   . LYS A 1 131 ? 0.272   -14.970 -12.613 1.00 41.37  ? 148  LYS A N   1 
ATOM   1076 C CA  . LYS A 1 131 ? -0.202  -13.952 -13.538 1.00 39.41  ? 148  LYS A CA  1 
ATOM   1077 C C   . LYS A 1 131 ? -0.160  -12.530 -12.938 1.00 30.38  ? 148  LYS A C   1 
ATOM   1078 O O   . LYS A 1 131 ? -0.043  -12.379 -11.698 1.00 36.99  ? 148  LYS A O   1 
ATOM   1079 C CB  . LYS A 1 131 ? -1.584  -14.302 -14.027 1.00 46.29  ? 148  LYS A CB  1 
ATOM   1080 C CG  . LYS A 1 131 ? -2.391  -15.137 -13.079 1.00 53.52  ? 148  LYS A CG  1 
ATOM   1081 C CD  . LYS A 1 131 ? -3.790  -15.260 -13.657 1.00 79.30  ? 148  LYS A CD  1 
ATOM   1082 C CE  . LYS A 1 131 ? -4.833  -15.561 -12.600 1.00 81.55  ? 148  LYS A CE  1 
ATOM   1083 N NZ  . LYS A 1 131 ? -6.189  -15.258 -13.133 1.00 67.66  ? 148  LYS A NZ  1 
ATOM   1084 N N   . PRO A 1 132 ? -0.206  -11.507 -13.813 1.00 38.86  ? 149  PRO A N   1 
ATOM   1085 C CA  . PRO A 1 132 ? -0.193  -10.131 -13.310 1.00 31.99  ? 149  PRO A CA  1 
ATOM   1086 C C   . PRO A 1 132 ? -1.491  -9.833  -12.585 1.00 29.83  ? 149  PRO A C   1 
ATOM   1087 O O   . PRO A 1 132 ? -2.570  -9.929  -13.162 1.00 27.80  ? 149  PRO A O   1 
ATOM   1088 C CB  . PRO A 1 132 ? -0.024  -9.249  -14.568 1.00 31.19  ? 149  PRO A CB  1 
ATOM   1089 C CG  . PRO A 1 132 ? -0.226  -10.153 -15.733 1.00 43.31  ? 149  PRO A CG  1 
ATOM   1090 C CD  . PRO A 1 132 ? -0.458  -11.573 -15.270 1.00 37.42  ? 149  PRO A CD  1 
ATOM   1091 N N   . PRO A 1 133 ? -1.406  -9.491  -11.283 1.00 27.67  ? 150  PRO A N   1 
ATOM   1092 C CA  . PRO A 1 133 ? -2.665  -9.120  -10.637 1.00 27.26  ? 150  PRO A CA  1 
ATOM   1093 C C   . PRO A 1 133 ? -3.294  -7.784  -11.082 1.00 22.01  ? 150  PRO A C   1 
ATOM   1094 O O   . PRO A 1 133 ? -2.617  -6.830  -11.472 1.00 28.96  ? 150  PRO A O   1 
ATOM   1095 C CB  . PRO A 1 133 ? -2.310  -9.105  -9.168  1.00 23.83  ? 150  PRO A CB  1 
ATOM   1096 C CG  . PRO A 1 133 ? -0.863  -8.727  -9.157  1.00 23.95  ? 150  PRO A CG  1 
ATOM   1097 C CD  . PRO A 1 133 ? -0.252  -9.332  -10.394 1.00 29.14  ? 150  PRO A CD  1 
ATOM   1098 N N   . LYS A 1 134 ? -4.633  -7.751  -11.042 1.00 27.39  ? 151  LYS A N   1 
ATOM   1099 C CA  . LYS A 1 134 ? -5.397  -6.547  -11.273 1.00 20.43  ? 151  LYS A CA  1 
ATOM   1100 C C   . LYS A 1 134 ? -5.877  -5.928  -9.967  1.00 26.93  ? 151  LYS A C   1 
ATOM   1101 O O   . LYS A 1 134 ? -6.194  -4.726  -9.895  1.00 22.24  ? 151  LYS A O   1 
ATOM   1102 C CB  . LYS A 1 134 ? -6.587  -6.818  -12.187 1.00 26.53  ? 151  LYS A CB  1 
ATOM   1103 C CG  . LYS A 1 134 ? -6.241  -7.320  -13.610 1.00 36.32  ? 151  LYS A CG  1 
ATOM   1104 C CD  . LYS A 1 134 ? -4.978  -6.745  -14.217 1.00 44.34  ? 151  LYS A CD  1 
ATOM   1105 C CE  . LYS A 1 134 ? -4.557  -7.523  -15.466 1.00 45.38  ? 151  LYS A CE  1 
ATOM   1106 N NZ  . LYS A 1 134 ? -3.600  -6.686  -16.236 1.00 52.60  ? 151  LYS A NZ  1 
ATOM   1107 N N   . LYS A 1 135 ? -5.982  -6.771  -8.948  1.00 24.93  ? 152  LYS A N   1 
ATOM   1108 C CA  . LYS A 1 135 ? -6.515  -6.342  -7.637  1.00 24.32  ? 152  LYS A CA  1 
ATOM   1109 C C   . LYS A 1 135 ? -5.720  -7.136  -6.631  1.00 27.40  ? 152  LYS A C   1 
ATOM   1110 O O   . LYS A 1 135 ? -5.476  -8.357  -6.841  1.00 22.87  ? 152  LYS A O   1 
ATOM   1111 C CB  . LYS A 1 135 ? -8.000  -6.637  -7.505  1.00 25.82  ? 152  LYS A CB  1 
ATOM   1112 C CG  . LYS A 1 135 ? -8.628  -6.100  -6.226  1.00 44.23  ? 152  LYS A CG  1 
ATOM   1113 C CD  . LYS A 1 135 ? -10.049 -6.617  -6.014  1.00 49.19  ? 152  LYS A CD  1 
ATOM   1114 C CE  . LYS A 1 135 ? -10.987 -6.116  -7.109  1.00 64.65  ? 152  LYS A CE  1 
ATOM   1115 N NZ  . LYS A 1 135 ? -12.404 -6.217  -6.661  1.00 62.14  ? 152  LYS A NZ  1 
ATOM   1116 N N   . VAL A 1 136 ? -5.265  -6.409  -5.603  1.00 21.19  ? 153  VAL A N   1 
ATOM   1117 C CA  . VAL A 1 136 ? -4.365  -6.918  -4.574  1.00 21.20  ? 153  VAL A CA  1 
ATOM   1118 C C   . VAL A 1 136 ? -5.032  -6.743  -3.204  1.00 18.66  ? 153  VAL A C   1 
ATOM   1119 O O   . VAL A 1 136 ? -5.465  -5.634  -2.835  1.00 23.16  ? 153  VAL A O   1 
ATOM   1120 C CB  . VAL A 1 136 ? -2.955  -6.293  -4.653  1.00 23.50  ? 153  VAL A CB  1 
ATOM   1121 C CG1 . VAL A 1 136 ? -2.038  -6.803  -3.529  1.00 24.42  ? 153  VAL A CG1 1 
ATOM   1122 C CG2 . VAL A 1 136 ? -2.318  -6.618  -6.025  1.00 27.77  ? 153  VAL A CG2 1 
ATOM   1123 N N   . GLY A 1 137 ? -5.145  -7.870  -2.499  1.00 26.68  ? 154  GLY A N   1 
ATOM   1124 C CA  . GLY A 1 137 ? -5.529  -7.905  -1.111  1.00 22.06  ? 154  GLY A CA  1 
ATOM   1125 C C   . GLY A 1 137 ? -4.345  -7.758  -0.209  1.00 23.39  ? 154  GLY A C   1 
ATOM   1126 O O   . GLY A 1 137 ? -3.342  -8.520  -0.332  1.00 19.34  ? 154  GLY A O   1 
ATOM   1127 N N   . VAL A 1 138 ? -4.480  -6.800  0.735   1.00 25.56  ? 155  VAL A N   1 
ATOM   1128 C CA  . VAL A 1 138 ? -3.441  -6.510  1.723   1.00 18.82  ? 155  VAL A CA  1 
ATOM   1129 C C   . VAL A 1 138 ? -3.976  -6.900  3.078   1.00 20.21  ? 155  VAL A C   1 
ATOM   1130 O O   . VAL A 1 138 ? -5.000  -6.401  3.473   1.00 22.01  ? 155  VAL A O   1 
ATOM   1131 C CB  . VAL A 1 138 ? -2.984  -5.015  1.789   1.00 22.60  ? 155  VAL A CB  1 
ATOM   1132 C CG1 . VAL A 1 138 ? -1.810  -4.856  2.780   1.00 25.23  ? 155  VAL A CG1 1 
ATOM   1133 C CG2 . VAL A 1 138 ? -2.613  -4.486  0.403   1.00 23.64  ? 155  VAL A CG2 1 
ATOM   1134 N N   . PHE A 1 139 ? -3.262  -7.796  3.765   1.00 20.46  ? 156  PHE A N   1 
ATOM   1135 C CA  . PHE A 1 139 ? -3.765  -8.497  4.989   1.00 21.01  ? 156  PHE A CA  1 
ATOM   1136 C C   . PHE A 1 139 ? -2.774  -8.316  6.113   1.00 26.82  ? 156  PHE A C   1 
ATOM   1137 O O   . PHE A 1 139 ? -1.626  -8.699  5.986   1.00 30.56  ? 156  PHE A O   1 
ATOM   1138 C CB  . PHE A 1 139 ? -4.043  -10.007 4.723   1.00 19.43  ? 156  PHE A CB  1 
ATOM   1139 C CG  . PHE A 1 139 ? -5.299  -10.256 3.897   1.00 21.11  ? 156  PHE A CG  1 
ATOM   1140 C CD1 . PHE A 1 139 ? -5.314  -10.041 2.521   1.00 27.53  ? 156  PHE A CD1 1 
ATOM   1141 C CD2 . PHE A 1 139 ? -6.498  -10.605 4.501   1.00 24.14  ? 156  PHE A CD2 1 
ATOM   1142 C CE1 . PHE A 1 139 ? -6.478  -10.218 1.773   1.00 24.76  ? 156  PHE A CE1 1 
ATOM   1143 C CE2 . PHE A 1 139 ? -7.662  -10.811 3.749   1.00 23.09  ? 156  PHE A CE2 1 
ATOM   1144 C CZ  . PHE A 1 139 ? -7.667  -10.538 2.388   1.00 26.21  ? 156  PHE A CZ  1 
ATOM   1145 N N   . LEU A 1 140 ? -3.227  -7.686  7.197   1.00 22.42  ? 157  LEU A N   1 
ATOM   1146 C CA  . LEU A 1 140 ? -2.434  -7.460  8.383   1.00 25.27  ? 157  LEU A CA  1 
ATOM   1147 C C   . LEU A 1 140 ? -2.932  -8.316  9.555   1.00 29.64  ? 157  LEU A C   1 
ATOM   1148 O O   . LEU A 1 140 ? -4.111  -8.280  9.890   1.00 28.28  ? 157  LEU A O   1 
ATOM   1149 C CB  . LEU A 1 140 ? -2.510  -5.988  8.771   1.00 19.22  ? 157  LEU A CB  1 
ATOM   1150 C CG  . LEU A 1 140 ? -1.873  -5.595  10.119  1.00 27.95  ? 157  LEU A CG  1 
ATOM   1151 C CD1 . LEU A 1 140 ? -0.355  -5.876  10.198  1.00 35.89  ? 157  LEU A CD1 1 
ATOM   1152 C CD2 . LEU A 1 140 ? -2.135  -4.126  10.417  1.00 25.87  ? 157  LEU A CD2 1 
ATOM   1153 N N   . ASP A 1 141 ? -2.008  -9.082  10.138  1.00 24.50  ? 158  ASP A N   1 
ATOM   1154 C CA  . ASP A 1 141 ? -2.170  -9.672  11.482  1.00 26.53  ? 158  ASP A CA  1 
ATOM   1155 C C   . ASP A 1 141 ? -1.114  -9.078  12.433  1.00 26.48  ? 158  ASP A C   1 
ATOM   1156 O O   . ASP A 1 141 ? 0.045   -9.536  12.510  1.00 26.15  ? 158  ASP A O   1 
ATOM   1157 C CB  . ASP A 1 141 ? -2.068  -11.187 11.394  1.00 35.35  ? 158  ASP A CB  1 
ATOM   1158 C CG  . ASP A 1 141 ? -2.465  -11.900 12.689  1.00 29.55  ? 158  ASP A CG  1 
ATOM   1159 O OD1 . ASP A 1 141 ? -2.211  -11.407 13.801  1.00 30.83  ? 158  ASP A OD1 1 
ATOM   1160 O OD2 . ASP A 1 141 ? -2.985  -13.000 12.556  1.00 35.42  ? 158  ASP A OD2 1 
ATOM   1161 N N   . TYR A 1 142 ? -1.526  -8.056  13.189  1.00 27.00  ? 159  TYR A N   1 
ATOM   1162 C CA  . TYR A 1 142 ? -0.600  -7.321  14.078  1.00 22.44  ? 159  TYR A CA  1 
ATOM   1163 C C   . TYR A 1 142 ? 0.118   -8.254  15.061  1.00 28.02  ? 159  TYR A C   1 
ATOM   1164 O O   . TYR A 1 142 ? 1.312   -8.195  15.170  1.00 23.80  ? 159  TYR A O   1 
ATOM   1165 C CB  . TYR A 1 142 ? -1.328  -6.188  14.844  1.00 26.79  ? 159  TYR A CB  1 
ATOM   1166 C CG  . TYR A 1 142 ? -0.376  -5.116  15.342  1.00 26.23  ? 159  TYR A CG  1 
ATOM   1167 C CD1 . TYR A 1 142 ? 0.397   -5.310  16.463  1.00 33.38  ? 159  TYR A CD1 1 
ATOM   1168 C CD2 . TYR A 1 142 ? -0.194  -3.916  14.634  1.00 29.01  ? 159  TYR A CD2 1 
ATOM   1169 C CE1 . TYR A 1 142 ? 1.328   -4.363  16.890  1.00 23.33  ? 159  TYR A CE1 1 
ATOM   1170 C CE2 . TYR A 1 142 ? 0.707   -2.942  15.074  1.00 31.43  ? 159  TYR A CE2 1 
ATOM   1171 C CZ  . TYR A 1 142 ? 1.464   -3.175  16.217  1.00 24.64  ? 159  TYR A CZ  1 
ATOM   1172 O OH  . TYR A 1 142 ? 2.366   -2.212  16.648  1.00 25.37  ? 159  TYR A OH  1 
ATOM   1173 N N   . GLU A 1 143 ? -0.600  -9.141  15.747  1.00 32.07  ? 160  GLU A N   1 
ATOM   1174 C CA  . GLU A 1 143 ? 0.016   -9.976  16.809  1.00 33.64  ? 160  GLU A CA  1 
ATOM   1175 C C   . GLU A 1 143 ? 0.986   -11.072 16.308  1.00 30.58  ? 160  GLU A C   1 
ATOM   1176 O O   . GLU A 1 143 ? 2.063   -11.308 16.882  1.00 32.92  ? 160  GLU A O   1 
ATOM   1177 C CB  . GLU A 1 143 ? -1.081  -10.561 17.728  1.00 44.22  ? 160  GLU A CB  1 
ATOM   1178 C CG  . GLU A 1 143 ? -1.655  -9.540  18.749  1.00 45.18  ? 160  GLU A CG  1 
ATOM   1179 C CD  . GLU A 1 143 ? -2.695  -8.562  18.151  1.00 38.56  ? 160  GLU A CD  1 
ATOM   1180 O OE1 . GLU A 1 143 ? -3.385  -8.899  17.192  1.00 37.20  ? 160  GLU A OE1 1 
ATOM   1181 O OE2 . GLU A 1 143 ? -2.815  -7.439  18.628  1.00 51.90  ? 160  GLU A OE2 1 
ATOM   1182 N N   . THR A 1 144 ? 0.652   -11.737 15.215  1.00 35.91  ? 161  THR A N   1 
ATOM   1183 C CA  . THR A 1 144 ? 1.606   -12.709 14.660  1.00 33.35  ? 161  THR A CA  1 
ATOM   1184 C C   . THR A 1 144 ? 2.689   -12.009 13.855  1.00 33.54  ? 161  THR A C   1 
ATOM   1185 O O   . THR A 1 144 ? 3.650   -12.656 13.463  1.00 38.64  ? 161  THR A O   1 
ATOM   1186 C CB  . THR A 1 144 ? 0.922   -13.739 13.740  1.00 37.17  ? 161  THR A CB  1 
ATOM   1187 O OG1 . THR A 1 144 ? 0.465   -13.075 12.557  1.00 34.03  ? 161  THR A OG1 1 
ATOM   1188 C CG2 . THR A 1 144 ? -0.277  -14.448 14.464  1.00 34.12  ? 161  THR A CG2 1 
ATOM   1189 N N   . GLY A 1 145 ? 2.496   -10.712 13.552  1.00 28.23  ? 162  GLY A N   1 
ATOM   1190 C CA  . GLY A 1 145 ? 3.435   -9.932  12.738  1.00 22.72  ? 162  GLY A CA  1 
ATOM   1191 C C   . GLY A 1 145 ? 3.482   -10.289 11.235  1.00 23.09  ? 162  GLY A C   1 
ATOM   1192 O O   . GLY A 1 145 ? 4.515   -10.158 10.607  1.00 30.40  ? 162  GLY A O   1 
ATOM   1193 N N   . ASP A 1 146 ? 2.354   -10.700 10.652  1.00 26.53  ? 163  ASP A N   1 
ATOM   1194 C CA  . ASP A 1 146 ? 2.306   -11.129 9.260   1.00 28.11  ? 163  ASP A CA  1 
ATOM   1195 C C   . ASP A 1 146 ? 1.573   -10.087 8.422   1.00 28.96  ? 163  ASP A C   1 
ATOM   1196 O O   . ASP A 1 146 ? 0.491   -9.635  8.795   1.00 26.04  ? 163  ASP A O   1 
ATOM   1197 C CB  . ASP A 1 146 ? 1.654   -12.520 9.055   1.00 35.14  ? 163  ASP A CB  1 
ATOM   1198 C CG  . ASP A 1 146 ? 2.462   -13.686 9.702   1.00 42.66  ? 163  ASP A CG  1 
ATOM   1199 O OD1 . ASP A 1 146 ? 3.611   -13.522 10.183  1.00 44.63  ? 163  ASP A OD1 1 
ATOM   1200 O OD2 . ASP A 1 146 ? 1.924   -14.806 9.719   1.00 51.19  ? 163  ASP A OD2 1 
ATOM   1201 N N   . ILE A 1 147 ? 2.213   -9.682  7.329   1.00 22.43  ? 164  ILE A N   1 
ATOM   1202 C CA  . ILE A 1 147 ? 1.585   -8.873  6.279   1.00 25.74  ? 164  ILE A CA  1 
ATOM   1203 C C   . ILE A 1 147 ? 1.637   -9.689  4.981   1.00 21.42  ? 164  ILE A C   1 
ATOM   1204 O O   . ILE A 1 147 ? 2.729   -10.022 4.431   1.00 27.21  ? 164  ILE A O   1 
ATOM   1205 C CB  . ILE A 1 147 ? 2.270   -7.500  6.052   1.00 24.52  ? 164  ILE A CB  1 
ATOM   1206 C CG1 . ILE A 1 147 ? 2.511   -6.778  7.371   1.00 34.02  ? 164  ILE A CG1 1 
ATOM   1207 C CG2 . ILE A 1 147 ? 1.485   -6.655  5.046   1.00 26.60  ? 164  ILE A CG2 1 
ATOM   1208 C CD1 . ILE A 1 147 ? 3.699   -5.837  7.296   1.00 33.38  ? 164  ILE A CD1 1 
ATOM   1209 N N   . SER A 1 148 ? 0.458   -10.065 4.534   1.00 21.84  ? 165  SER A N   1 
ATOM   1210 C CA  . SER A 1 148 ? 0.299   -10.892 3.363   1.00 23.47  ? 165  SER A CA  1 
ATOM   1211 C C   . SER A 1 148 ? -0.430  -10.141 2.222   1.00 21.00  ? 165  SER A C   1 
ATOM   1212 O O   . SER A 1 148 ? -1.290  -9.271  2.449   1.00 22.57  ? 165  SER A O   1 
ATOM   1213 C CB  . SER A 1 148 ? -0.490  -12.136 3.794   1.00 25.29  ? 165  SER A CB  1 
ATOM   1214 O OG  . SER A 1 148 ? 0.427   -12.957 4.477   1.00 37.20  ? 165  SER A OG  1 
ATOM   1215 N N   . PHE A 1 149 ? 0.021   -10.428 1.018   1.00 23.22  ? 166  PHE A N   1 
ATOM   1216 C CA  . PHE A 1 149 ? -0.536  -9.851  -0.199  1.00 19.85  ? 166  PHE A CA  1 
ATOM   1217 C C   . PHE A 1 149 ? -1.033  -11.044 -1.017  1.00 24.35  ? 166  PHE A C   1 
ATOM   1218 O O   . PHE A 1 149 ? -0.277  -12.015 -1.203  1.00 23.27  ? 166  PHE A O   1 
ATOM   1219 C CB  . PHE A 1 149 ? 0.530   -9.024  -0.977  1.00 16.22  ? 166  PHE A CB  1 
ATOM   1220 C CG  . PHE A 1 149 ? 1.156   -7.879  -0.180  1.00 25.34  ? 166  PHE A CG  1 
ATOM   1221 C CD1 . PHE A 1 149 ? 2.141   -8.114  0.773   1.00 23.23  ? 166  PHE A CD1 1 
ATOM   1222 C CD2 . PHE A 1 149 ? 0.797   -6.553  -0.432  1.00 20.83  ? 166  PHE A CD2 1 
ATOM   1223 C CE1 . PHE A 1 149 ? 2.719   -7.066  1.489   1.00 23.18  ? 166  PHE A CE1 1 
ATOM   1224 C CE2 . PHE A 1 149 ? 1.345   -5.507  0.286   1.00 21.25  ? 166  PHE A CE2 1 
ATOM   1225 C CZ  . PHE A 1 149 ? 2.304   -5.755  1.257   1.00 24.21  ? 166  PHE A CZ  1 
ATOM   1226 N N   . TYR A 1 150 ? -2.278  -10.937 -1.482  1.00 19.25  ? 167  TYR A N   1 
ATOM   1227 C CA  . TYR A 1 150 ? -2.886  -11.896 -2.408  1.00 24.40  ? 167  TYR A CA  1 
ATOM   1228 C C   . TYR A 1 150 ? -3.433  -11.221 -3.649  1.00 24.99  ? 167  TYR A C   1 
ATOM   1229 O O   . TYR A 1 150 ? -3.845  -10.060 -3.596  1.00 27.02  ? 167  TYR A O   1 
ATOM   1230 C CB  . TYR A 1 150 ? -4.044  -12.668 -1.721  1.00 22.24  ? 167  TYR A CB  1 
ATOM   1231 C CG  . TYR A 1 150 ? -3.605  -13.457 -0.481  1.00 27.39  ? 167  TYR A CG  1 
ATOM   1232 C CD1 . TYR A 1 150 ? -3.167  -14.775 -0.591  1.00 30.90  ? 167  TYR A CD1 1 
ATOM   1233 C CD2 . TYR A 1 150 ? -3.669  -12.884 0.808   1.00 28.26  ? 167  TYR A CD2 1 
ATOM   1234 C CE1 . TYR A 1 150 ? -2.775  -15.508 0.543   1.00 33.64  ? 167  TYR A CE1 1 
ATOM   1235 C CE2 . TYR A 1 150 ? -3.290  -13.595 1.915   1.00 28.08  ? 167  TYR A CE2 1 
ATOM   1236 C CZ  . TYR A 1 150 ? -2.834  -14.910 1.783   1.00 32.59  ? 167  TYR A CZ  1 
ATOM   1237 O OH  . TYR A 1 150 ? -2.444  -15.630 2.891   1.00 31.20  ? 167  TYR A OH  1 
ATOM   1238 N N   . ASN A 1 151 ? -3.459  -11.977 -4.747  1.00 21.42  ? 168  ASN A N   1 
ATOM   1239 C CA  . ASN A 1 151 ? -4.304  -11.650 -5.883  1.00 23.90  ? 168  ASN A CA  1 
ATOM   1240 C C   . ASN A 1 151 ? -5.751  -11.815 -5.446  1.00 29.79  ? 168  ASN A C   1 
ATOM   1241 O O   . ASN A 1 151 ? -6.202  -12.923 -5.111  1.00 29.70  ? 168  ASN A O   1 
ATOM   1242 C CB  . ASN A 1 151 ? -3.990  -12.588 -7.039  1.00 27.11  ? 168  ASN A CB  1 
ATOM   1243 C CG  . ASN A 1 151 ? -4.706  -12.216 -8.330  1.00 25.84  ? 168  ASN A CG  1 
ATOM   1244 O OD1 . ASN A 1 151 ? -5.879  -11.902 -8.345  1.00 23.31  ? 168  ASN A OD1 1 
ATOM   1245 N ND2 . ASN A 1 151 ? -3.983  -12.268 -9.420  1.00 26.87  ? 168  ASN A ND2 1 
ATOM   1246 N N   . ALA A 1 152 ? -6.483  -10.703 -5.465  1.00 28.05  ? 169  ALA A N   1 
ATOM   1247 C CA  . ALA A 1 152 ? -7.820  -10.650 -4.896  1.00 37.20  ? 169  ALA A CA  1 
ATOM   1248 C C   . ALA A 1 152 ? -8.897  -11.142 -5.855  1.00 37.48  ? 169  ALA A C   1 
ATOM   1249 O O   . ALA A 1 152 ? -10.064 -11.021 -5.537  1.00 46.46  ? 169  ALA A O   1 
ATOM   1250 C CB  . ALA A 1 152 ? -8.149  -9.244  -4.465  1.00 35.93  ? 169  ALA A CB  1 
ATOM   1251 N N   . VAL A 1 153 ? -8.511  -11.627 -7.031  1.00 31.01  ? 170  VAL A N   1 
ATOM   1252 C CA  . VAL A 1 153 ? -9.471  -12.167 -7.985  1.00 34.21  ? 170  VAL A CA  1 
ATOM   1253 C C   . VAL A 1 153 ? -9.427  -13.704 -7.898  1.00 34.06  ? 170  VAL A C   1 
ATOM   1254 O O   . VAL A 1 153 ? -10.456 -14.331 -7.941  1.00 42.45  ? 170  VAL A O   1 
ATOM   1255 C CB  . VAL A 1 153 ? -9.192  -11.714 -9.450  1.00 41.71  ? 170  VAL A CB  1 
ATOM   1256 C CG1 . VAL A 1 153 ? -10.163 -12.409 -10.416 1.00 31.58  ? 170  VAL A CG1 1 
ATOM   1257 C CG2 . VAL A 1 153 ? -9.243  -10.169 -9.587  1.00 38.90  ? 170  VAL A CG2 1 
ATOM   1258 N N   . ASP A 1 154 ? -8.246  -14.310 -7.800  1.00 38.26  ? 171  ASP A N   1 
ATOM   1259 C CA  . ASP A 1 154 ? -8.186  -15.776 -7.655  1.00 39.98  ? 171  ASP A CA  1 
ATOM   1260 C C   . ASP A 1 154 ? -7.676  -16.289 -6.321  1.00 41.89  ? 171  ASP A C   1 
ATOM   1261 O O   . ASP A 1 154 ? -7.474  -17.476 -6.172  1.00 40.90  ? 171  ASP A O   1 
ATOM   1262 C CB  . ASP A 1 154 ? -7.353  -16.374 -8.789  1.00 37.64  ? 171  ASP A CB  1 
ATOM   1263 C CG  . ASP A 1 154 ? -5.879  -16.066 -8.674  1.00 36.65  ? 171  ASP A CG  1 
ATOM   1264 O OD1 . ASP A 1 154 ? -5.440  -15.348 -7.752  1.00 29.61  ? 171  ASP A OD1 1 
ATOM   1265 O OD2 . ASP A 1 154 ? -5.133  -16.519 -9.532  1.00 42.25  ? 171  ASP A OD2 1 
ATOM   1266 N N   . GLY A 1 155 ? -7.434  -15.398 -5.354  1.00 42.28  ? 172  GLY A N   1 
ATOM   1267 C CA  . GLY A 1 155 ? -6.817  -15.796 -4.084  1.00 27.61  ? 172  GLY A CA  1 
ATOM   1268 C C   . GLY A 1 155 ? -5.407  -16.382 -4.046  1.00 26.11  ? 172  GLY A C   1 
ATOM   1269 O O   . GLY A 1 155 ? -5.002  -16.926 -3.011  1.00 22.84  ? 172  GLY A O   1 
ATOM   1270 N N   . SER A 1 156 ? -4.628  -16.243 -5.124  1.00 27.96  ? 173  SER A N   1 
ATOM   1271 C CA  . SER A 1 156 ? -3.280  -16.762 -5.173  1.00 24.77  ? 173  SER A CA  1 
ATOM   1272 C C   . SER A 1 156 ? -2.350  -15.861 -4.342  1.00 31.45  ? 173  SER A C   1 
ATOM   1273 O O   . SER A 1 156 ? -2.583  -14.687 -4.215  1.00 24.68  ? 173  SER A O   1 
ATOM   1274 C CB  . SER A 1 156 ? -2.729  -16.947 -6.613  1.00 29.04  ? 173  SER A CB  1 
ATOM   1275 O OG  . SER A 1 156 ? -2.912  -15.800 -7.432  1.00 28.07  ? 173  SER A OG  1 
ATOM   1276 N N   . HIS A 1 157 ? -1.282  -16.450 -3.803  1.00 25.54  ? 174  HIS A N   1 
ATOM   1277 C CA  . HIS A 1 157 ? -0.298  -15.761 -2.986  1.00 25.09  ? 174  HIS A CA  1 
ATOM   1278 C C   . HIS A 1 157 ? 0.591   -14.809 -3.817  1.00 29.73  ? 174  HIS A C   1 
ATOM   1279 O O   . HIS A 1 157 ? 0.954   -15.074 -4.977  1.00 27.91  ? 174  HIS A O   1 
ATOM   1280 C CB  . HIS A 1 157 ? 0.547   -16.779 -2.252  1.00 29.65  ? 174  HIS A CB  1 
ATOM   1281 C CG  . HIS A 1 157 ? 1.499   -16.201 -1.255  1.00 23.29  ? 174  HIS A CG  1 
ATOM   1282 N ND1 . HIS A 1 157 ? 1.083   -15.553 -0.109  1.00 38.51  ? 174  HIS A ND1 1 
ATOM   1283 C CD2 . HIS A 1 157 ? 2.842   -16.164 -1.242  1.00 20.55  ? 174  HIS A CD2 1 
ATOM   1284 C CE1 . HIS A 1 157 ? 2.144   -15.158 0.569   1.00 22.91  ? 174  HIS A CE1 1 
ATOM   1285 N NE2 . HIS A 1 157 ? 3.220   -15.554 -0.081  1.00 33.35  ? 174  HIS A NE2 1 
ATOM   1286 N N   . ILE A 1 158 ? 0.935   -13.679 -3.234  1.00 25.69  ? 175  ILE A N   1 
ATOM   1287 C CA  . ILE A 1 158 ? 1.900   -12.779 -3.898  1.00 24.37  ? 175  ILE A CA  1 
ATOM   1288 C C   . ILE A 1 158 ? 3.132   -12.685 -3.030  1.00 21.89  ? 175  ILE A C   1 
ATOM   1289 O O   . ILE A 1 158 ? 4.248   -12.851 -3.490  1.00 28.52  ? 175  ILE A O   1 
ATOM   1290 C CB  . ILE A 1 158 ? 1.280   -11.396 -4.223  1.00 23.46  ? 175  ILE A CB  1 
ATOM   1291 C CG1 . ILE A 1 158 ? 0.245   -11.542 -5.332  1.00 25.36  ? 175  ILE A CG1 1 
ATOM   1292 C CG2 . ILE A 1 158 ? 2.363   -10.404 -4.618  1.00 26.87  ? 175  ILE A CG2 1 
ATOM   1293 C CD1 . ILE A 1 158 ? -0.672  -10.326 -5.466  1.00 28.24  ? 175  ILE A CD1 1 
ATOM   1294 N N   . HIS A 1 159 ? 2.929   -12.409 -1.747  1.00 25.30  ? 176  HIS A N   1 
ATOM   1295 C CA  . HIS A 1 159 ? 4.007   -12.274 -0.862  1.00 26.03  ? 176  HIS A CA  1 
ATOM   1296 C C   . HIS A 1 159 ? 3.558   -12.169 0.561   1.00 22.00  ? 176  HIS A C   1 
ATOM   1297 O O   . HIS A 1 159 ? 2.512   -11.588 0.817   1.00 27.06  ? 176  HIS A O   1 
ATOM   1298 C CB  . HIS A 1 159 ? 4.801   -10.985 -1.196  1.00 29.44  ? 176  HIS A CB  1 
ATOM   1299 C CG  . HIS A 1 159 ? 5.940   -10.740 -0.250  1.00 27.52  ? 176  HIS A CG  1 
ATOM   1300 N ND1 . HIS A 1 159 ? 7.066   -11.535 -0.219  1.00 24.16  ? 176  HIS A ND1 1 
ATOM   1301 C CD2 . HIS A 1 159 ? 6.102   -9.826  0.738   1.00 31.07  ? 176  HIS A CD2 1 
ATOM   1302 C CE1 . HIS A 1 159 ? 7.879   -11.106 0.730   1.00 28.95  ? 176  HIS A CE1 1 
ATOM   1303 N NE2 . HIS A 1 159 ? 7.317   -10.070 1.320   1.00 30.32  ? 176  HIS A NE2 1 
ATOM   1304 N N   . THR A 1 160 ? 4.410   -12.641 1.496   1.00 24.30  ? 177  THR A N   1 
ATOM   1305 C CA  . THR A 1 160 ? 4.218   -12.426 2.938   1.00 25.08  ? 177  THR A CA  1 
ATOM   1306 C C   . THR A 1 160 ? 5.499   -11.933 3.658   1.00 24.01  ? 177  THR A C   1 
ATOM   1307 O O   . THR A 1 160 ? 6.585   -12.527 3.531   1.00 27.59  ? 177  THR A O   1 
ATOM   1308 C CB  . THR A 1 160 ? 3.628   -13.718 3.655   1.00 27.59  ? 177  THR A CB  1 
ATOM   1309 O OG1 . THR A 1 160 ? 2.390   -14.086 3.046   1.00 25.84  ? 177  THR A OG1 1 
ATOM   1310 C CG2 . THR A 1 160 ? 3.379   -13.496 5.142   1.00 32.60  ? 177  THR A CG2 1 
ATOM   1311 N N   . PHE A 1 161 ? 5.367   -10.840 4.389   1.00 25.47  ? 178  PHE A N   1 
ATOM   1312 C CA  . PHE A 1 161 ? 6.317   -10.484 5.471   1.00 32.07  ? 178  PHE A CA  1 
ATOM   1313 C C   . PHE A 1 161 ? 5.899   -11.251 6.723   1.00 26.19  ? 178  PHE A C   1 
ATOM   1314 O O   . PHE A 1 161 ? 4.819   -11.033 7.244   1.00 28.62  ? 178  PHE A O   1 
ATOM   1315 C CB  . PHE A 1 161 ? 6.335   -8.946  5.762   1.00 29.95  ? 178  PHE A CB  1 
ATOM   1316 C CG  . PHE A 1 161 ? 6.790   -8.097  4.585   1.00 29.17  ? 178  PHE A CG  1 
ATOM   1317 C CD1 . PHE A 1 161 ? 8.149   -7.889  4.338   1.00 31.83  ? 178  PHE A CD1 1 
ATOM   1318 C CD2 . PHE A 1 161 ? 5.870   -7.499  3.748   1.00 25.79  ? 178  PHE A CD2 1 
ATOM   1319 C CE1 . PHE A 1 161 ? 8.573   -7.116  3.263   1.00 37.15  ? 178  PHE A CE1 1 
ATOM   1320 C CE2 . PHE A 1 161 ? 6.282   -6.690  2.666   1.00 25.94  ? 178  PHE A CE2 1 
ATOM   1321 C CZ  . PHE A 1 161 ? 7.631   -6.513  2.425   1.00 30.99  ? 178  PHE A CZ  1 
ATOM   1322 N N   . LEU A 1 162 ? 6.758   -12.150 7.183   1.00 30.93  ? 179  LEU A N   1 
ATOM   1323 C CA  . LEU A 1 162 ? 6.503   -13.068 8.320   1.00 29.42  ? 179  LEU A CA  1 
ATOM   1324 C C   . LEU A 1 162 ? 7.118   -12.609 9.649   1.00 40.13  ? 179  LEU A C   1 
ATOM   1325 O O   . LEU A 1 162 ? 8.277   -12.193 9.697   1.00 31.65  ? 179  LEU A O   1 
ATOM   1326 C CB  . LEU A 1 162 ? 7.082   -14.482 8.023   1.00 31.92  ? 179  LEU A CB  1 
ATOM   1327 C CG  . LEU A 1 162 ? 6.385   -15.304 6.952   1.00 36.61  ? 179  LEU A CG  1 
ATOM   1328 C CD1 . LEU A 1 162 ? 7.273   -16.394 6.334   1.00 44.96  ? 179  LEU A CD1 1 
ATOM   1329 C CD2 . LEU A 1 162 ? 5.108   -15.869 7.537   1.00 40.25  ? 179  LEU A CD2 1 
ATOM   1330 N N   . ASP A 1 163 ? 6.340   -12.738 10.728  1.00 35.09  ? 180  ASP A N   1 
ATOM   1331 C CA  . ASP A 1 163 ? 6.852   -12.671 12.070  1.00 30.70  ? 180  ASP A CA  1 
ATOM   1332 C C   . ASP A 1 163 ? 7.623   -11.381 12.351  1.00 38.30  ? 180  ASP A C   1 
ATOM   1333 O O   . ASP A 1 163 ? 8.724   -11.375 12.898  1.00 34.77  ? 180  ASP A O   1 
ATOM   1334 C CB  . ASP A 1 163 ? 7.736   -13.902 12.352  1.00 43.32  ? 180  ASP A CB  1 
ATOM   1335 C CG  . ASP A 1 163 ? 7.967   -14.104 13.855  1.00 45.41  ? 180  ASP A CG  1 
ATOM   1336 O OD1 . ASP A 1 163 ? 6.997   -14.006 14.617  1.00 47.70  ? 180  ASP A OD1 1 
ATOM   1337 O OD2 . ASP A 1 163 ? 9.116   -14.320 14.280  1.00 52.85  ? 180  ASP A OD2 1 
ATOM   1338 N N   . VAL A 1 164 ? 7.041   -10.275 11.946  1.00 33.01  ? 181  VAL A N   1 
ATOM   1339 C CA  . VAL A 1 164 ? 7.595   -8.963  12.263  1.00 35.39  ? 181  VAL A CA  1 
ATOM   1340 C C   . VAL A 1 164 ? 7.158   -8.571  13.684  1.00 40.79  ? 181  VAL A C   1 
ATOM   1341 O O   . VAL A 1 164 ? 5.989   -8.731  14.035  1.00 40.13  ? 181  VAL A O   1 
ATOM   1342 C CB  . VAL A 1 164 ? 7.085   -7.911  11.229  1.00 33.35  ? 181  VAL A CB  1 
ATOM   1343 C CG1 . VAL A 1 164 ? 7.646   -6.508  11.545  1.00 35.48  ? 181  VAL A CG1 1 
ATOM   1344 C CG2 . VAL A 1 164 ? 7.399   -8.371  9.794   1.00 35.84  ? 181  VAL A CG2 1 
ATOM   1345 N N   . SER A 1 165 ? 8.080   -8.068  14.508  1.00 37.28  ? 182  SER A N   1 
ATOM   1346 C CA  . SER A 1 165 ? 7.746   -7.503  15.817  1.00 41.87  ? 182  SER A CA  1 
ATOM   1347 C C   . SER A 1 165 ? 7.456   -6.005  15.690  1.00 42.06  ? 182  SER A C   1 
ATOM   1348 O O   . SER A 1 165 ? 8.340   -5.162  15.895  1.00 43.57  ? 182  SER A O   1 
ATOM   1349 C CB  . SER A 1 165 ? 8.904   -7.681  16.816  1.00 44.27  ? 182  SER A CB  1 
ATOM   1350 O OG  . SER A 1 165 ? 9.192   -9.043  16.978  1.00 48.96  ? 182  SER A OG  1 
ATOM   1351 N N   . PHE A 1 166 ? 6.219   -5.694  15.323  1.00 36.13  ? 183  PHE A N   1 
ATOM   1352 C CA  . PHE A 1 166 ? 5.716   -4.329  15.219  1.00 31.53  ? 183  PHE A CA  1 
ATOM   1353 C C   . PHE A 1 166 ? 5.739   -3.729  16.602  1.00 37.44  ? 183  PHE A C   1 
ATOM   1354 O O   . PHE A 1 166 ? 5.389   -4.417  17.529  1.00 35.72  ? 183  PHE A O   1 
ATOM   1355 C CB  . PHE A 1 166 ? 4.240   -4.329  14.727  1.00 26.69  ? 183  PHE A CB  1 
ATOM   1356 C CG  . PHE A 1 166 ? 4.044   -4.941  13.362  1.00 26.09  ? 183  PHE A CG  1 
ATOM   1357 C CD1 . PHE A 1 166 ? 4.815   -4.495  12.276  1.00 40.70  ? 183  PHE A CD1 1 
ATOM   1358 C CD2 . PHE A 1 166 ? 3.113   -5.942  13.147  1.00 34.91  ? 183  PHE A CD2 1 
ATOM   1359 C CE1 . PHE A 1 166 ? 4.645   -5.049  11.032  1.00 28.35  ? 183  PHE A CE1 1 
ATOM   1360 C CE2 . PHE A 1 166 ? 2.965   -6.512  11.897  1.00 35.30  ? 183  PHE A CE2 1 
ATOM   1361 C CZ  . PHE A 1 166 ? 3.727   -6.059  10.844  1.00 31.63  ? 183  PHE A CZ  1 
ATOM   1362 N N   . SER A 1 167 ? 6.132   -2.468  16.748  1.00 34.94  ? 184  SER A N   1 
ATOM   1363 C CA  . SER A 1 167 ? 5.922   -1.745  18.005  1.00 40.49  ? 184  SER A CA  1 
ATOM   1364 C C   . SER A 1 167 ? 5.377   -0.344  17.778  1.00 38.57  ? 184  SER A C   1 
ATOM   1365 O O   . SER A 1 167 ? 5.324   0.440   18.713  1.00 50.14  ? 184  SER A O   1 
ATOM   1366 C CB  . SER A 1 167 ? 7.222   -1.631  18.811  1.00 43.71  ? 184  SER A CB  1 
ATOM   1367 O OG  . SER A 1 167 ? 8.229   -1.001  18.037  1.00 40.64  ? 184  SER A OG  1 
ATOM   1368 N N   . GLU A 1 168 ? 5.001   -0.026  16.550  1.00 28.15  ? 185  GLU A N   1 
ATOM   1369 C CA  . GLU A 1 168 ? 4.385   1.238   16.222  1.00 25.75  ? 185  GLU A CA  1 
ATOM   1370 C C   . GLU A 1 168 ? 3.035   0.897   15.626  1.00 29.08  ? 185  GLU A C   1 
ATOM   1371 O O   . GLU A 1 168 ? 2.833   -0.226  15.095  1.00 29.72  ? 185  GLU A O   1 
ATOM   1372 C CB  . GLU A 1 168 ? 5.190   2.030   15.164  1.00 32.75  ? 185  GLU A CB  1 
ATOM   1373 C CG  . GLU A 1 168 ? 6.654   2.313   15.464  1.00 36.76  ? 185  GLU A CG  1 
ATOM   1374 C CD  . GLU A 1 168 ? 6.816   3.081   16.764  1.00 52.29  ? 185  GLU A CD  1 
ATOM   1375 O OE1 . GLU A 1 168 ? 6.192   4.166   16.907  1.00 51.02  ? 185  GLU A OE1 1 
ATOM   1376 O OE2 . GLU A 1 168 ? 7.556   2.588   17.642  1.00 53.85  ? 185  GLU A OE2 1 
ATOM   1377 N N   . ALA A 1 169 ? 2.160   1.915   15.637  1.00 24.76  ? 186  ALA A N   1 
ATOM   1378 C CA  . ALA A 1 169 ? 0.913   1.908   14.855  1.00 28.72  ? 186  ALA A CA  1 
ATOM   1379 C C   . ALA A 1 169 ? 1.272   1.838   13.371  1.00 29.76  ? 186  ALA A C   1 
ATOM   1380 O O   . ALA A 1 169 ? 2.290   2.381   12.932  1.00 26.16  ? 186  ALA A O   1 
ATOM   1381 C CB  . ALA A 1 169 ? 0.083   3.145   15.171  1.00 30.16  ? 186  ALA A CB  1 
ATOM   1382 N N   . LEU A 1 170 ? 0.444   1.150   12.606  1.00 22.95  ? 187  LEU A N   1 
ATOM   1383 C CA  . LEU A 1 170 ? 0.701   0.904   11.175  1.00 27.59  ? 187  LEU A CA  1 
ATOM   1384 C C   . LEU A 1 170 ? -0.410  1.516   10.326  1.00 19.00  ? 187  LEU A C   1 
ATOM   1385 O O   . LEU A 1 170 ? -1.606  1.276   10.583  1.00 23.91  ? 187  LEU A O   1 
ATOM   1386 C CB  . LEU A 1 170 ? 0.809   -0.615  10.892  1.00 25.29  ? 187  LEU A CB  1 
ATOM   1387 C CG  . LEU A 1 170 ? 1.947   -1.394  11.537  1.00 26.43  ? 187  LEU A CG  1 
ATOM   1388 C CD1 . LEU A 1 170 ? 1.749   -2.897  11.377  1.00 26.53  ? 187  LEU A CD1 1 
ATOM   1389 C CD2 . LEU A 1 170 ? 3.302   -1.016  10.916  1.00 27.05  ? 187  LEU A CD2 1 
ATOM   1390 N N   . TYR A 1 171 ? -0.003  2.238   9.288   1.00 23.80  ? 188  TYR A N   1 
ATOM   1391 C CA  . TYR A 1 171 ? -0.905  2.874   8.332   1.00 20.40  ? 188  TYR A CA  1 
ATOM   1392 C C   . TYR A 1 171 ? -0.816  2.091   7.004   1.00 20.58  ? 188  TYR A C   1 
ATOM   1393 O O   . TYR A 1 171 ? 0.296   1.660   6.569   1.00 20.74  ? 188  TYR A O   1 
ATOM   1394 C CB  . TYR A 1 171 ? -0.517  4.330   8.012   1.00 21.61  ? 188  TYR A CB  1 
ATOM   1395 C CG  . TYR A 1 171 ? -0.875  5.371   9.073   1.00 20.79  ? 188  TYR A CG  1 
ATOM   1396 C CD1 . TYR A 1 171 ? -2.114  5.954   9.098   1.00 23.05  ? 188  TYR A CD1 1 
ATOM   1397 C CD2 . TYR A 1 171 ? 0.068   5.776   10.052  1.00 29.33  ? 188  TYR A CD2 1 
ATOM   1398 C CE1 . TYR A 1 171 ? -2.449  6.926   10.062  1.00 19.99  ? 188  TYR A CE1 1 
ATOM   1399 C CE2 . TYR A 1 171 ? -0.277  6.732   11.041  1.00 29.29  ? 188  TYR A CE2 1 
ATOM   1400 C CZ  . TYR A 1 171 ? -1.536  7.309   10.992  1.00 25.53  ? 188  TYR A CZ  1 
ATOM   1401 O OH  . TYR A 1 171 ? -1.931  8.209   11.927  1.00 24.95  ? 188  TYR A OH  1 
ATOM   1402 N N   . PRO A 1 172 ? -1.955  1.946   6.341   1.00 21.92  ? 189  PRO A N   1 
ATOM   1403 C CA  . PRO A 1 172 ? -1.907  1.653   4.924   1.00 22.66  ? 189  PRO A CA  1 
ATOM   1404 C C   . PRO A 1 172 ? -1.150  2.777   4.198   1.00 21.51  ? 189  PRO A C   1 
ATOM   1405 O O   . PRO A 1 172 ? -1.403  3.999   4.443   1.00 22.48  ? 189  PRO A O   1 
ATOM   1406 C CB  . PRO A 1 172 ? -3.378  1.639   4.508   1.00 24.98  ? 189  PRO A CB  1 
ATOM   1407 C CG  . PRO A 1 172 ? -4.142  1.462   5.755   1.00 22.52  ? 189  PRO A CG  1 
ATOM   1408 C CD  . PRO A 1 172 ? -3.329  2.282   6.748   1.00 21.64  ? 189  PRO A CD  1 
ATOM   1409 N N   . VAL A 1 173 ? -0.204  2.344   3.382   1.00 24.05  ? 190  VAL A N   1 
ATOM   1410 C CA  . VAL A 1 173 ? 0.608   3.215   2.565   1.00 22.73  ? 190  VAL A CA  1 
ATOM   1411 C C   . VAL A 1 173 ? 0.529   2.873   1.090   1.00 25.59  ? 190  VAL A C   1 
ATOM   1412 O O   . VAL A 1 173 ? 0.433   1.706   0.699   1.00 23.63  ? 190  VAL A O   1 
ATOM   1413 C CB  . VAL A 1 173 ? 2.063   3.261   3.038   1.00 20.71  ? 190  VAL A CB  1 
ATOM   1414 C CG1 . VAL A 1 173 ? 2.847   1.984   2.744   1.00 25.85  ? 190  VAL A CG1 1 
ATOM   1415 C CG2 . VAL A 1 173 ? 2.784   4.434   2.398   1.00 24.53  ? 190  VAL A CG2 1 
ATOM   1416 N N   . PHE A 1 174 ? 0.591   3.930   0.264   1.00 23.49  ? 191  PHE A N   1 
ATOM   1417 C CA  . PHE A 1 174 ? 0.558   3.805   -1.174  1.00 21.62  ? 191  PHE A CA  1 
ATOM   1418 C C   . PHE A 1 174 ? 1.529   4.760   -1.837  1.00 24.57  ? 191  PHE A C   1 
ATOM   1419 O O   . PHE A 1 174 ? 1.637   5.950   -1.448  1.00 22.39  ? 191  PHE A O   1 
ATOM   1420 C CB  . PHE A 1 174 ? -0.887  4.075   -1.714  1.00 28.85  ? 191  PHE A CB  1 
ATOM   1421 C CG  . PHE A 1 174 ? -1.976  3.447   -0.882  1.00 28.96  ? 191  PHE A CG  1 
ATOM   1422 C CD1 . PHE A 1 174 ? -2.306  3.978   0.372   1.00 22.83  ? 191  PHE A CD1 1 
ATOM   1423 C CD2 . PHE A 1 174 ? -2.622  2.315   -1.319  1.00 29.00  ? 191  PHE A CD2 1 
ATOM   1424 C CE1 . PHE A 1 174 ? -3.317  3.417   1.146   1.00 27.33  ? 191  PHE A CE1 1 
ATOM   1425 C CE2 . PHE A 1 174 ? -3.598  1.726   -0.542  1.00 26.88  ? 191  PHE A CE2 1 
ATOM   1426 C CZ  . PHE A 1 174 ? -3.958  2.282   0.674   1.00 31.91  ? 191  PHE A CZ  1 
ATOM   1427 N N   . ARG A 1 175 ? 2.164   4.239   -2.878  1.00 24.32  ? 192  ARG A N   1 
ATOM   1428 C CA  . ARG A 1 175 ? 3.112   4.997   -3.666  1.00 24.57  ? 192  ARG A CA  1 
ATOM   1429 C C   . ARG A 1 175 ? 2.957   4.816   -5.164  1.00 19.09  ? 192  ARG A C   1 
ATOM   1430 O O   . ARG A 1 175 ? 2.889   3.715   -5.664  1.00 21.52  ? 192  ARG A O   1 
ATOM   1431 C CB  . ARG A 1 175 ? 4.493   4.636   -3.267  1.00 19.49  ? 192  ARG A CB  1 
ATOM   1432 C CG  . ARG A 1 175 ? 5.615   5.578   -3.777  1.00 23.87  ? 192  ARG A CG  1 
ATOM   1433 C CD  . ARG A 1 175 ? 6.992   5.032   -3.438  1.00 29.28  ? 192  ARG A CD  1 
ATOM   1434 N NE  . ARG A 1 175 ? 7.486   4.113   -4.464  1.00 32.58  ? 192  ARG A NE  1 
ATOM   1435 C CZ  . ARG A 1 175 ? 8.712   3.550   -4.471  1.00 39.56  ? 192  ARG A CZ  1 
ATOM   1436 N NH1 . ARG A 1 175 ? 9.576   3.771   -3.499  1.00 33.44  ? 192  ARG A NH1 1 
ATOM   1437 N NH2 . ARG A 1 175 ? 9.081   2.748   -5.462  1.00 34.70  ? 192  ARG A NH2 1 
ATOM   1438 N N   . ILE A 1 176 ? 2.940   5.947   -5.876  1.00 19.52  ? 193  ILE A N   1 
ATOM   1439 C CA  . ILE A 1 176 ? 2.969   5.965   -7.355  1.00 23.41  ? 193  ILE A CA  1 
ATOM   1440 C C   . ILE A 1 176 ? 3.974   6.979   -7.854  1.00 23.36  ? 193  ILE A C   1 
ATOM   1441 O O   . ILE A 1 176 ? 4.058   8.091   -7.393  1.00 19.82  ? 193  ILE A O   1 
ATOM   1442 C CB  . ILE A 1 176 ? 1.592   6.093   -8.071  1.00 20.92  ? 193  ILE A CB  1 
ATOM   1443 C CG1 . ILE A 1 176 ? 0.858   7.358   -7.686  1.00 24.31  ? 193  ILE A CG1 1 
ATOM   1444 C CG2 . ILE A 1 176 ? 0.724   4.851   -7.766  1.00 22.40  ? 193  ILE A CG2 1 
ATOM   1445 C CD1 . ILE A 1 176 ? -0.438  7.529   -8.453  1.00 24.16  ? 193  ILE A CD1 1 
ATOM   1446 N N   . LEU A 1 177 ? 4.793   6.520   -8.772  1.00 23.62  ? 194  LEU A N   1 
ATOM   1447 C CA  . LEU A 1 177 ? 5.870   7.315   -9.295  1.00 23.93  ? 194  LEU A CA  1 
ATOM   1448 C C   . LEU A 1 177 ? 5.544   7.867   -10.689 1.00 26.50  ? 194  LEU A C   1 
ATOM   1449 O O   . LEU A 1 177 ? 5.966   8.987   -11.058 1.00 24.66  ? 194  LEU A O   1 
ATOM   1450 C CB  . LEU A 1 177 ? 7.107   6.455   -9.397  1.00 22.31  ? 194  LEU A CB  1 
ATOM   1451 C CG  . LEU A 1 177 ? 7.804   5.964   -8.111  1.00 32.08  ? 194  LEU A CG  1 
ATOM   1452 C CD1 . LEU A 1 177 ? 9.296   5.696   -8.392  1.00 45.87  ? 194  LEU A CD1 1 
ATOM   1453 C CD2 . LEU A 1 177 ? 7.688   6.878   -6.936  1.00 25.38  ? 194  LEU A CD2 1 
ATOM   1454 N N   . THR A 1 178 ? 4.890   7.034   -11.484 1.00 25.34  ? 195  THR A N   1 
ATOM   1455 C CA  . THR A 1 178 ? 4.713   7.285   -12.894 1.00 29.35  ? 195  THR A CA  1 
ATOM   1456 C C   . THR A 1 178 ? 3.446   8.107   -13.174 1.00 25.42  ? 195  THR A C   1 
ATOM   1457 O O   . THR A 1 178 ? 2.514   8.208   -12.347 1.00 25.15  ? 195  THR A O   1 
ATOM   1458 C CB  . THR A 1 178 ? 4.693   5.958   -13.715 1.00 26.51  ? 195  THR A CB  1 
ATOM   1459 O OG1 . THR A 1 178 ? 3.634   5.118   -13.253 1.00 26.25  ? 195  THR A OG1 1 
ATOM   1460 C CG2 . THR A 1 178 ? 6.029   5.212   -13.614 1.00 30.94  ? 195  THR A CG2 1 
ATOM   1461 N N   . LEU A 1 179 ? 3.463   8.756   -14.330 1.00 25.84  ? 196  LEU A N   1 
ATOM   1462 C CA  . LEU A 1 179 ? 2.316   9.491   -14.856 1.00 29.79  ? 196  LEU A CA  1 
ATOM   1463 C C   . LEU A 1 179 ? 1.674   8.605   -15.917 1.00 31.22  ? 196  LEU A C   1 
ATOM   1464 O O   . LEU A 1 179 ? 2.226   8.467   -17.002 1.00 31.90  ? 196  LEU A O   1 
ATOM   1465 C CB  . LEU A 1 179 ? 2.859   10.822  -15.472 1.00 30.02  ? 196  LEU A CB  1 
ATOM   1466 C CG  . LEU A 1 179 ? 1.901   11.927  -15.875 1.00 46.57  ? 196  LEU A CG  1 
ATOM   1467 C CD1 . LEU A 1 179 ? 1.307   12.519  -14.615 1.00 31.01  ? 196  LEU A CD1 1 
ATOM   1468 C CD2 . LEU A 1 179 ? 2.667   12.986  -16.682 1.00 53.38  ? 196  LEU A CD2 1 
ATOM   1469 N N   . GLU A 1 180 ? 0.540   7.975   -15.602 1.00 30.46  ? 197  GLU A N   1 
ATOM   1470 C CA  . GLU A 1 180 ? -0.113  7.022   -16.494 1.00 21.46  ? 197  GLU A CA  1 
ATOM   1471 C C   . GLU A 1 180 ? -1.617  7.263   -16.488 1.00 23.09  ? 197  GLU A C   1 
ATOM   1472 O O   . GLU A 1 180 ? -2.140  7.832   -15.550 1.00 30.34  ? 197  GLU A O   1 
ATOM   1473 C CB  . GLU A 1 180 ? 0.073   5.567   -15.961 1.00 34.18  ? 197  GLU A CB  1 
ATOM   1474 C CG  . GLU A 1 180 ? 1.450   5.173   -15.685 1.00 26.58  ? 197  GLU A CG  1 
ATOM   1475 C CD  . GLU A 1 180 ? 1.613   3.747   -15.250 1.00 24.17  ? 197  GLU A CD  1 
ATOM   1476 O OE1 . GLU A 1 180 ? 0.719   2.892   -15.433 1.00 27.07  ? 197  GLU A OE1 1 
ATOM   1477 O OE2 . GLU A 1 180 ? 2.707   3.483   -14.768 1.00 24.76  ? 197  GLU A OE2 1 
ATOM   1478 N N   . PRO A 1 181 ? -2.335  6.680   -17.435 1.00 26.20  ? 198  PRO A N   1 
ATOM   1479 C CA  . PRO A 1 181 ? -3.785  6.905   -17.492 1.00 30.19  ? 198  PRO A CA  1 
ATOM   1480 C C   . PRO A 1 181 ? -4.573  6.217   -16.393 1.00 30.56  ? 198  PRO A C   1 
ATOM   1481 O O   . PRO A 1 181 ? -5.660  6.667   -16.060 1.00 28.06  ? 198  PRO A O   1 
ATOM   1482 C CB  . PRO A 1 181 ? -4.225  6.311   -18.882 1.00 29.68  ? 198  PRO A CB  1 
ATOM   1483 C CG  . PRO A 1 181 ? -2.978  5.878   -19.566 1.00 34.80  ? 198  PRO A CG  1 
ATOM   1484 C CD  . PRO A 1 181 ? -1.810  5.956   -18.629 1.00 32.91  ? 198  PRO A CD  1 
ATOM   1485 N N   . THR A 1 182 ? -4.060  5.120   -15.854 1.00 25.57  ? 199  THR A N   1 
ATOM   1486 C CA  . THR A 1 182 ? -4.807  4.389   -14.825 1.00 25.62  ? 199  THR A CA  1 
ATOM   1487 C C   . THR A 1 182 ? -4.375  4.808   -13.437 1.00 20.66  ? 199  THR A C   1 
ATOM   1488 O O   . THR A 1 182 ? -3.176  4.839   -13.141 1.00 23.11  ? 199  THR A O   1 
ATOM   1489 C CB  . THR A 1 182 ? -4.629  2.866   -14.998 1.00 31.50  ? 199  THR A CB  1 
ATOM   1490 O OG1 . THR A 1 182 ? -5.009  2.530   -16.331 1.00 27.88  ? 199  THR A OG1 1 
ATOM   1491 C CG2 . THR A 1 182 ? -5.567  2.030   -14.049 1.00 26.15  ? 199  THR A CG2 1 
ATOM   1492 N N   . ALA A 1 183 ? -5.363  5.125   -12.595 1.00 20.97  ? 200  ALA A N   1 
ATOM   1493 C CA  . ALA A 1 183 ? -5.175  5.465   -11.165 1.00 27.83  ? 200  ALA A CA  1 
ATOM   1494 C C   . ALA A 1 183 ? -4.901  4.211   -10.329 1.00 26.22  ? 200  ALA A C   1 
ATOM   1495 O O   . ALA A 1 183 ? -5.016  3.078   -10.809 1.00 27.77  ? 200  ALA A O   1 
ATOM   1496 C CB  . ALA A 1 183 ? -6.394  6.187   -10.616 1.00 21.23  ? 200  ALA A CB  1 
ATOM   1497 N N   . LEU A 1 184 ? -4.526  4.437   -9.081  1.00 27.59  ? 201  LEU A N   1 
ATOM   1498 C CA  . LEU A 1 184 ? -4.505  3.375   -8.053  1.00 23.65  ? 201  LEU A CA  1 
ATOM   1499 C C   . LEU A 1 184 ? -5.671  3.618   -7.122  1.00 25.49  ? 201  LEU A C   1 
ATOM   1500 O O   . LEU A 1 184 ? -5.831  4.723   -6.615  1.00 26.50  ? 201  LEU A O   1 
ATOM   1501 C CB  . LEU A 1 184 ? -3.175  3.422   -7.303  1.00 27.04  ? 201  LEU A CB  1 
ATOM   1502 C CG  . LEU A 1 184 ? -2.789  2.281   -6.381  1.00 33.35  ? 201  LEU A CG  1 
ATOM   1503 C CD1 . LEU A 1 184 ? -2.529  0.983   -7.167  1.00 39.45  ? 201  LEU A CD1 1 
ATOM   1504 C CD2 . LEU A 1 184 ? -1.546  2.706   -5.598  1.00 32.22  ? 201  LEU A CD2 1 
ATOM   1505 N N   . SER A 1 185 ? -6.490  2.587   -6.883  1.00 19.32  ? 202  SER A N   1 
ATOM   1506 C CA  . SER A 1 185 ? -7.784  2.749   -6.215  1.00 23.62  ? 202  SER A CA  1 
ATOM   1507 C C   . SER A 1 185 ? -8.047  1.720   -5.137  1.00 27.43  ? 202  SER A C   1 
ATOM   1508 O O   . SER A 1 185 ? -7.785  0.547   -5.324  1.00 27.74  ? 202  SER A O   1 
ATOM   1509 C CB  . SER A 1 185 ? -8.913  2.636   -7.239  1.00 27.71  ? 202  SER A CB  1 
ATOM   1510 O OG  . SER A 1 185 ? -8.853  3.696   -8.210  1.00 25.02  ? 202  SER A OG  1 
ATOM   1511 N N   . ILE A 1 186 ? -8.591  2.182   -4.022  1.00 23.11  ? 203  ILE A N   1 
ATOM   1512 C CA  . ILE A 1 186 ? -9.082  1.325   -2.948  1.00 30.07  ? 203  ILE A CA  1 
ATOM   1513 C C   . ILE A 1 186 ? -10.501 0.830   -3.217  1.00 30.59  ? 203  ILE A C   1 
ATOM   1514 O O   . ILE A 1 186 ? -11.375 1.599   -3.559  1.00 26.60  ? 203  ILE A O   1 
ATOM   1515 C CB  . ILE A 1 186 ? -9.042  2.074   -1.580  1.00 25.44  ? 203  ILE A CB  1 
ATOM   1516 C CG1 . ILE A 1 186 ? -7.584  2.496   -1.319  1.00 21.09  ? 203  ILE A CG1 1 
ATOM   1517 C CG2 . ILE A 1 186 ? -9.546  1.170   -0.459  1.00 25.14  ? 203  ILE A CG2 1 
ATOM   1518 C CD1 . ILE A 1 186 ? -7.482  3.721   -0.436  1.00 29.01  ? 203  ILE A CD1 1 
ATOM   1519 N N   . CYS A 1 187 ? -10.705 -0.472  -3.076  1.00 27.68  ? 204  CYS A N   1 
ATOM   1520 C CA  . CYS A 1 187 ? -12.058 -1.090  -3.147  1.00 39.91  ? 204  CYS A CA  1 
ATOM   1521 C C   . CYS A 1 187 ? -12.694 -0.908  -1.759  1.00 31.06  ? 204  CYS A C   1 
ATOM   1522 O O   . CYS A 1 187 ? -12.025 -1.098  -0.742  1.00 44.50  ? 204  CYS A O   1 
ATOM   1523 C CB  . CYS A 1 187 ? -11.955 -2.586  -3.514  1.00 33.53  ? 204  CYS A CB  1 
ATOM   1524 S SG  . CYS A 1 187 ? -10.782 -2.986  -4.819  1.00 38.68  ? 204  CYS A SG  1 
ATOM   1525 N N   . PRO A 1 188 ? -13.963 -0.483  -1.692  1.00 59.99  ? 205  PRO A N   1 
ATOM   1526 C CA  . PRO A 1 188 ? -14.467 -0.219  -0.312  1.00 46.38  ? 205  PRO A CA  1 
ATOM   1527 C C   . PRO A 1 188 ? -14.972 -1.490  0.470   1.00 40.10  ? 205  PRO A C   1 
ATOM   1528 O O   . PRO A 1 188 ? -15.214 -2.522  -0.162  1.00 42.43  ? 205  PRO A O   1 
ATOM   1529 C CB  . PRO A 1 188 ? -15.596 0.799   -0.550  1.00 68.40  ? 205  PRO A CB  1 
ATOM   1530 C CG  . PRO A 1 188 ? -15.358 1.364   -1.936  1.00 64.85  ? 205  PRO A CG  1 
ATOM   1531 C CD  . PRO A 1 188 ? -14.775 0.196   -2.722  1.00 63.48  ? 205  PRO A CD  1 
HETATM 1532 O O   . HOH B 2 .   ? -18.181 -19.870 -0.459  1.00 38.23  ? 2001 HOH A O   1 
HETATM 1533 O O   . HOH B 2 .   ? -10.858 -15.756 -5.434  1.00 46.54  ? 2002 HOH A O   1 
HETATM 1534 O O   . HOH B 2 .   ? -10.062 -18.874 -3.020  1.00 28.27  ? 2003 HOH A O   1 
HETATM 1535 O O   . HOH B 2 .   ? -15.593 -12.446 3.351   1.00 35.92  ? 2004 HOH A O   1 
HETATM 1536 O O   . HOH B 2 .   ? -20.865 -17.211 4.158   1.00 58.29  ? 2005 HOH A O   1 
HETATM 1537 O O   . HOH B 2 .   ? -16.871 -21.905 3.602   1.00 32.61  ? 2006 HOH A O   1 
HETATM 1538 O O   . HOH B 2 .   ? -17.849 -5.798  4.949   1.00 51.98  ? 2007 HOH A O   1 
HETATM 1539 O O   . HOH B 2 .   ? -12.952 -10.277 11.978  1.00 51.36  ? 2008 HOH A O   1 
HETATM 1540 O O   . HOH B 2 .   ? -10.029 -3.260  9.700   1.00 23.93  ? 2009 HOH A O   1 
HETATM 1541 O O   . HOH B 2 .   ? -15.120 -3.446  9.250   1.00 49.66  ? 2010 HOH A O   1 
HETATM 1542 O O   . HOH B 2 .   ? -11.511 -3.816  3.361   1.00 35.09  ? 2011 HOH A O   1 
HETATM 1543 O O   . HOH B 2 .   ? -11.200 -0.089  2.306   1.00 27.67  ? 2012 HOH A O   1 
HETATM 1544 O O   . HOH B 2 .   ? -12.263 0.567   8.943   1.00 34.54  ? 2013 HOH A O   1 
HETATM 1545 O O   . HOH B 2 .   ? -8.829  2.030   7.800   1.00 31.50  ? 2014 HOH A O   1 
HETATM 1546 O O   . HOH B 2 .   ? -15.746 8.127   2.888   1.00 41.40  ? 2015 HOH A O   1 
HETATM 1547 O O   . HOH B 2 .   ? -8.623  5.206   6.447   1.00 22.20  ? 2016 HOH A O   1 
HETATM 1548 O O   . HOH B 2 .   ? -2.937  13.560  8.675   1.00 35.95  ? 2017 HOH A O   1 
HETATM 1549 O O   . HOH B 2 .   ? -2.946  9.664   8.152   1.00 21.53  ? 2018 HOH A O   1 
HETATM 1550 O O   . HOH B 2 .   ? -6.431  11.385  9.336   1.00 38.60  ? 2019 HOH A O   1 
HETATM 1551 O O   . HOH B 2 .   ? -4.049  18.686  2.470   1.00 31.27  ? 2020 HOH A O   1 
HETATM 1552 O O   . HOH B 2 .   ? -3.390  16.036  -1.038  1.00 27.30  ? 2021 HOH A O   1 
HETATM 1553 O O   . HOH B 2 .   ? -1.078  16.037  -2.562  1.00 22.64  ? 2022 HOH A O   1 
HETATM 1554 O O   . HOH B 2 .   ? 6.453   16.578  -5.356  1.00 26.85  ? 2023 HOH A O   1 
HETATM 1555 O O   . HOH B 2 .   ? 10.352  15.880  -5.654  1.00 31.87  ? 2024 HOH A O   1 
HETATM 1556 O O   . HOH B 2 .   ? -2.097  4.890   17.496  1.00 42.08  ? 2025 HOH A O   1 
HETATM 1557 O O   . HOH B 2 .   ? -5.142  15.747  -3.205  1.00 29.95  ? 2026 HOH A O   1 
HETATM 1558 O O   . HOH B 2 .   ? -9.671  14.535  -1.470  1.00 36.83  ? 2027 HOH A O   1 
HETATM 1559 O O   . HOH B 2 .   ? -9.516  15.420  -6.243  1.00 41.94  ? 2028 HOH A O   1 
HETATM 1560 O O   . HOH B 2 .   ? -2.854  -5.071  22.017  1.00 29.10  ? 2029 HOH A O   1 
HETATM 1561 O O   . HOH B 2 .   ? -11.793 13.526  -7.705  1.00 26.94  ? 2030 HOH A O   1 
HETATM 1562 O O   . HOH B 2 .   ? -12.159 14.743  -0.357  1.00 51.00  ? 2031 HOH A O   1 
HETATM 1563 O O   . HOH B 2 .   ? -14.754 12.066  0.776   1.00 36.40  ? 2032 HOH A O   1 
HETATM 1564 O O   . HOH B 2 .   ? -11.481 16.810  -4.898  1.00 36.06  ? 2033 HOH A O   1 
HETATM 1565 O O   . HOH B 2 .   ? -17.386 14.502  -1.374  1.00 37.48  ? 2034 HOH A O   1 
HETATM 1566 O O   . HOH B 2 .   ? -16.015 18.139  -0.919  1.00 44.95  ? 2035 HOH A O   1 
HETATM 1567 O O   . HOH B 2 .   ? -15.539 8.020   0.217   1.00 27.38  ? 2036 HOH A O   1 
HETATM 1568 O O   . HOH B 2 .   ? -0.092  7.753   -12.784 1.00 25.89  ? 2037 HOH A O   1 
HETATM 1569 O O   . HOH B 2 .   ? -6.749  8.291   -13.846 1.00 24.46  ? 2038 HOH A O   1 
HETATM 1570 O O   . HOH B 2 .   ? 7.928   11.960  -14.076 1.00 33.12  ? 2039 HOH A O   1 
HETATM 1571 O O   . HOH B 2 .   ? 7.332   18.055  -12.353 1.00 31.87  ? 2040 HOH A O   1 
HETATM 1572 O O   . HOH B 2 .   ? 0.438   19.654  -13.553 1.00 35.41  ? 2041 HOH A O   1 
HETATM 1573 O O   . HOH B 2 .   ? -0.211  20.646  -10.034 1.00 36.98  ? 2042 HOH A O   1 
HETATM 1574 O O   . HOH B 2 .   ? 5.719   22.937  -9.361  1.00 46.45  ? 2043 HOH A O   1 
HETATM 1575 O O   . HOH B 2 .   ? 6.841   2.083   -16.518 1.00 38.33  ? 2044 HOH A O   1 
HETATM 1576 O O   . HOH B 2 .   ? 5.159   21.670  -4.145  1.00 45.88  ? 2045 HOH A O   1 
HETATM 1577 O O   . HOH B 2 .   ? 3.571   22.158  -2.358  1.00 37.76  ? 2046 HOH A O   1 
HETATM 1578 O O   . HOH B 2 .   ? -1.482  23.954  -6.909  1.00 43.77  ? 2047 HOH A O   1 
HETATM 1579 O O   . HOH B 2 .   ? 6.221   20.387  8.519   1.00 45.72  ? 2048 HOH A O   1 
HETATM 1580 O O   . HOH B 2 .   ? 5.471   19.024  1.047   1.00 31.73  ? 2049 HOH A O   1 
HETATM 1581 O O   . HOH B 2 .   ? -7.464  -10.663 -12.670 1.00 33.35  ? 2050 HOH A O   1 
HETATM 1582 O O   . HOH B 2 .   ? 6.974   14.834  9.808   1.00 36.03  ? 2051 HOH A O   1 
HETATM 1583 O O   . HOH B 2 .   ? 9.003   11.900  2.218   1.00 28.62  ? 2052 HOH A O   1 
HETATM 1584 O O   . HOH B 2 .   ? 11.247  17.501  -1.002  1.00 26.20  ? 2053 HOH A O   1 
HETATM 1585 O O   . HOH B 2 .   ? 7.314   18.339  -1.430  1.00 32.00  ? 2054 HOH A O   1 
HETATM 1586 O O   . HOH B 2 .   ? 10.842  13.404  -4.780  1.00 35.40  ? 2055 HOH A O   1 
HETATM 1587 O O   . HOH B 2 .   ? 13.547  9.077   -4.457  1.00 33.05  ? 2056 HOH A O   1 
HETATM 1588 O O   . HOH B 2 .   ? 9.049   8.716   -4.243  1.00 33.26  ? 2057 HOH A O   1 
HETATM 1589 O O   . HOH B 2 .   ? 8.649   15.642  -7.201  1.00 26.22  ? 2058 HOH A O   1 
HETATM 1590 O O   . HOH B 2 .   ? -6.576  3.286   7.196   1.00 29.45  ? 2059 HOH A O   1 
HETATM 1591 O O   . HOH B 2 .   ? -6.157  5.803   13.237  1.00 35.42  ? 2060 HOH A O   1 
HETATM 1592 O O   . HOH B 2 .   ? -3.447  3.126   16.077  1.00 44.14  ? 2061 HOH A O   1 
HETATM 1593 O O   . HOH B 2 .   ? -8.083  1.854   12.628  1.00 37.85  ? 2062 HOH A O   1 
HETATM 1594 O O   . HOH B 2 .   ? -1.590  6.499   14.216  1.00 42.74  ? 2063 HOH A O   1 
HETATM 1595 O O   . HOH B 2 .   ? 5.731   6.415   -17.104 1.00 40.68  ? 2064 HOH A O   1 
HETATM 1596 O O   . HOH B 2 .   ? -6.179  -1.025  15.911  1.00 28.26  ? 2065 HOH A O   1 
HETATM 1597 O O   . HOH B 2 .   ? -1.287  -5.333  19.560  1.00 27.23  ? 2066 HOH A O   1 
HETATM 1598 O O   . HOH B 2 .   ? -6.220  -8.183  18.772  1.00 48.98  ? 2067 HOH A O   1 
HETATM 1599 O O   . HOH B 2 .   ? -9.638  -7.056  13.869  1.00 33.40  ? 2068 HOH A O   1 
HETATM 1600 O O   . HOH B 2 .   ? -1.725  -0.337  1.285   1.00 22.54  ? 2069 HOH A O   1 
HETATM 1601 O O   . HOH B 2 .   ? -11.072 -3.135  0.536   1.00 33.41  ? 2070 HOH A O   1 
HETATM 1602 O O   . HOH B 2 .   ? -6.735  1.021   -10.795 1.00 27.05  ? 2071 HOH A O   1 
HETATM 1603 O O   . HOH B 2 .   ? -8.031  -0.355  -12.793 1.00 35.71  ? 2072 HOH A O   1 
HETATM 1604 O O   . HOH B 2 .   ? -0.660  -3.395  -12.508 1.00 22.42  ? 2073 HOH A O   1 
HETATM 1605 O O   . HOH B 2 .   ? -6.790  -0.872  -15.555 1.00 31.56  ? 2074 HOH A O   1 
HETATM 1606 O O   . HOH B 2 .   ? 1.516   -3.710  -15.938 1.00 31.30  ? 2075 HOH A O   1 
HETATM 1607 O O   . HOH B 2 .   ? 5.483   3.260   -6.500  1.00 23.03  ? 2076 HOH A O   1 
HETATM 1608 O O   . HOH B 2 .   ? 8.794   1.803   -9.309  1.00 43.79  ? 2077 HOH A O   1 
HETATM 1609 O O   . HOH B 2 .   ? 5.625   -1.214  13.369  1.00 33.14  ? 2078 HOH A O   1 
HETATM 1610 O O   . HOH B 2 .   ? 6.075   9.970   10.636  1.00 28.08  ? 2079 HOH A O   1 
HETATM 1611 O O   . HOH B 2 .   ? 9.886   3.780   11.740  1.00 34.81  ? 2080 HOH A O   1 
HETATM 1612 O O   . HOH B 2 .   ? 8.722   12.783  9.480   1.00 32.84  ? 2081 HOH A O   1 
HETATM 1613 O O   . HOH B 2 .   ? 11.687  6.114   8.139   1.00 26.87  ? 2082 HOH A O   1 
HETATM 1614 O O   . HOH B 2 .   ? 11.051  9.950   3.390   1.00 39.64  ? 2083 HOH A O   1 
HETATM 1615 O O   . HOH B 2 .   ? 10.679  13.582  8.860   1.00 30.38  ? 2084 HOH A O   1 
HETATM 1616 O O   . HOH B 2 .   ? -0.788  10.560  9.213   1.00 22.14  ? 2085 HOH A O   1 
HETATM 1617 O O   . HOH B 2 .   ? 16.980  12.993  2.402   1.00 30.63  ? 2086 HOH A O   1 
HETATM 1618 O O   . HOH B 2 .   ? 18.021  5.664   4.183   1.00 36.11  ? 2087 HOH A O   1 
HETATM 1619 O O   . HOH B 2 .   ? 12.888  3.815   -1.656  1.00 28.21  ? 2088 HOH A O   1 
HETATM 1620 O O   . HOH B 2 .   ? 17.216  -0.422  5.495   1.00 40.89  ? 2089 HOH A O   1 
HETATM 1621 O O   . HOH B 2 .   ? 9.154   -2.136  2.164   1.00 29.80  ? 2090 HOH A O   1 
HETATM 1622 O O   . HOH B 2 .   ? 7.986   1.906   -13.955 1.00 37.27  ? 2091 HOH A O   1 
HETATM 1623 O O   . HOH B 2 .   ? 6.988   -0.532  -18.708 1.00 50.59  ? 2092 HOH A O   1 
HETATM 1624 O O   . HOH B 2 .   ? 2.992   -7.376  -15.289 1.00 29.32  ? 2093 HOH A O   1 
HETATM 1625 O O   . HOH B 2 .   ? 8.509   -9.912  -11.348 1.00 31.07  ? 2094 HOH A O   1 
HETATM 1626 O O   . HOH B 2 .   ? 0.034   -5.951  -11.601 1.00 22.62  ? 2095 HOH A O   1 
HETATM 1627 O O   . HOH B 2 .   ? 14.992  -12.368 -5.695  1.00 46.30  ? 2096 HOH A O   1 
HETATM 1628 O O   . HOH B 2 .   ? 8.045   -15.114 -6.062  1.00 41.39  ? 2097 HOH A O   1 
HETATM 1629 O O   . HOH B 2 .   ? -0.990  -12.679 -9.161  1.00 37.08  ? 2098 HOH A O   1 
HETATM 1630 O O   . HOH B 2 .   ? -5.032  -12.399 -11.856 1.00 45.14  ? 2099 HOH A O   1 
HETATM 1631 O O   . HOH B 2 .   ? -6.224  -9.806  -10.004 1.00 32.06  ? 2100 HOH A O   1 
HETATM 1632 O O   . HOH B 2 .   ? -2.861  -9.159  -17.757 1.00 46.40  ? 2101 HOH A O   1 
HETATM 1633 O O   . HOH B 2 .   ? -1.634  -11.510 7.206   1.00 34.22  ? 2102 HOH A O   1 
HETATM 1634 O O   . HOH B 2 .   ? -0.279  -14.641 10.908  1.00 49.73  ? 2103 HOH A O   1 
HETATM 1635 O O   . HOH B 2 .   ? -10.058 -18.962 -5.902  1.00 53.57  ? 2104 HOH A O   1 
HETATM 1636 O O   . HOH B 2 .   ? -0.423  -14.423 -7.413  1.00 34.19  ? 2105 HOH A O   1 
HETATM 1637 O O   . HOH B 2 .   ? -1.069  -19.245 -4.391  1.00 27.21  ? 2106 HOH A O   1 
HETATM 1638 O O   . HOH B 2 .   ? 6.426   -14.807 0.918   1.00 29.74  ? 2107 HOH A O   1 
HETATM 1639 O O   . HOH B 2 .   ? 7.765   -13.739 -1.228  1.00 37.01  ? 2108 HOH A O   1 
HETATM 1640 O O   . HOH B 2 .   ? 9.234   -12.292 5.500   1.00 41.73  ? 2109 HOH A O   1 
HETATM 1641 O O   . HOH B 2 .   ? 6.266   -11.382 15.799  1.00 54.46  ? 2110 HOH A O   1 
HETATM 1642 O O   . HOH B 2 .   ? 10.873  -8.066  13.205  1.00 45.56  ? 2111 HOH A O   1 
HETATM 1643 O O   . HOH B 2 .   ? 7.331   -1.483  14.290  1.00 39.35  ? 2112 HOH A O   1 
HETATM 1644 O O   . HOH B 2 .   ? 4.537   4.038   -16.483 1.00 31.85  ? 2113 HOH A O   1 
HETATM 1645 O O   . HOH B 2 .   ? 5.908   8.666   -15.839 1.00 24.82  ? 2114 HOH A O   1 
HETATM 1646 O O   . HOH B 2 .   ? -2.035  10.444  -15.701 1.00 34.32  ? 2115 HOH A O   1 
HETATM 1647 O O   . HOH B 2 .   ? -1.824  3.120   -16.741 1.00 30.87  ? 2116 HOH A O   1 
HETATM 1648 O O   . HOH B 2 .   ? -8.125  4.515   -13.046 1.00 23.46  ? 2117 HOH A O   1 
HETATM 1649 O O   . HOH B 2 .   ? -8.596  2.871   -10.645 1.00 32.84  ? 2118 HOH A O   1 
HETATM 1650 O O   . HOH B 2 .   ? -12.745 2.947   -5.561  1.00 31.27  ? 2119 HOH A O   1 
# 
